data_9F2A
#
_entry.id   9F2A
#
_cell.length_a   1.00
_cell.length_b   1.00
_cell.length_c   1.00
_cell.angle_alpha   90.00
_cell.angle_beta   90.00
_cell.angle_gamma   90.00
#
_symmetry.space_group_name_H-M   'P 1'
#
loop_
_entity.id
_entity.type
_entity.pdbx_description
1 polymer 'DNA polymerase II small subunit'
2 polymer 'DNA polymerase II large subunit'
3 polymer 'RPA32 subunit of the hetero-oligomeric complex involved in homologous recombination'
4 non-polymer 'FE (III) ION'
5 non-polymer 'ZINC ION'
#
loop_
_entity_poly.entity_id
_entity_poly.type
_entity_poly.pdbx_seq_one_letter_code
_entity_poly.pdbx_strand_id
1 'polypeptide(L)'
;MGKHHHHSGHHHTGHHHHSGSHHHTSSSASTGENLYFQGTGDGSDELVKALERAGYLLTPSAYYLLVDHFKEGKFSLVEL
VKFAKSKGVFIIDGDLAYEFLQFLGLGVPQEIKESYISTGEEAEKTVESQETRASELEEGGVSQVSSGELQELKEESPEI
STTEEEIGGLELVQSSISTGSEVEYNNGENGESVVVLDKYGYPILYAPEEIGEEKEYSKYEDVVIEWNPSVTPVQIEKNY
EVKFDVRQVKLRPPKVKNGSGKEGEIIVEAYASLFKSRLSKLKRILRENPEISNVVDIGKLNYVSGDEEVTIIGLVNSKR
ETNRGLIFEVEDKTGIVKVFLPKDSEDYREAFKVLPDAVVAFKGFYSKKGIFFANKFYLPDVPLYRKQKPPLEEKVYAIL
ISDIHVGSREFCEKAFLKFLEWLNGHVESKEEEEIVSRVKYLIIAGDVVDGIGIYPGQYSDLVIPDIFDQYEALANLLAN
VPEHITMFIGPGNADAARPAIPQPEFYKEYAKPIYKLKNAIIISNPAVIRLHGRDFLIAHGRGIEDVVSFVPGLTHHKPG
LPMVELLKMRHLAPTFGGKVPIAPDPEDLLVIEEVPDLVQMGHVHVYDAVVYRGVQLVNSATWQAQTEFQKMVNIVPTPA
KVPVVDVESARVVKVLDFSGWC
;
A
2 'polypeptide(L)'
;MELPKEMEEYFEMLQREIDKAYEIAKKARAQGKDPSLDVEIPQATDMAGRVESLVGPPGVAKRIRELVKEYGKEIAALKI
VDEIIEGKFGDLGSREKYAEQAVRTALAILTEGIVSAPIEGIANVKIKRNTWADNSEYLALYYAGPIRSSGGTAQALSVL
VGDYVRRKLGLDRFKPSEKHIERMVEEVDLYHRAVTRLQYHPSPEEVRLAMRNIPIEITGEATDDVEVSHRDVPGVETNQ
LRGGAILVLAEGVLQKAKKLVKYIDKMGIEGWEWLKEFVEAKEKGEPKEEGKEESLAESTLEETKVEVDMGFYYSLYQKF
KEEIAPSDKYAKEVIGGRPLFSDPSKPGGFRLRYGRSRASGFATWGINPATMILVDEFLAIGTQLKTERPGKGAVVTPVT
TIEGPIVKLKDGSVLRVDDYNLALKVREDVEEILYLGDAVIAFGDFVENNQTLLPANYCEEWWILEFVKALKEIYEVHLE
PFTENEEESIEEASDYLEIDPEFLKEMLRDPLRVKPPVELAIHFSEVLGIPLHPYYTLYWNSVEPKDVEKLWRLLKNYAE
IEWSNFRGIKFAKKIVISQEKLGDSKRTLELLGLPHTVRDGNVIVDYPWAAALLTPLGNLNWEFMAKPLYATIDIINENN
EIKLRDRGISWIGARMGRPEKAKERKMKPPVQVLFPIGLAGGSSRDIKKAAEEGKVAEVEIAFFKCPKCGHVGPEHLCPN
CGTRKELLWVCPRCNAEYPESQAEGYNYTCPKCNVKLRPYAKRKIRPSELLNRAMENVKVYGVDKLKGVMGMTSGWKMPE
PLEKGLLRAKNDVYVFKDGTIRFDATDAPITHFRPREIGVSVEKLRELGYTHDFEGKPLVSEDQIVELKPQDIILSKEAG
RYLLKVAKFVDDLLEKFYGLPRFYNAEKMEDLIGHLVIGLAPHTSAGIVGRIIGFVDALVGYAHPYFHAAKRRNCDGDED
AVMLLLDALLNFSRYYLPEKRGGKMDAPLVITTRLDPREVDSEVHNMDIVRYYPLEFYEATYELKSPKELVGVIERVEDR
LGKPEMYYGLKFTHDTDDIALGPKMSLYKQLGDMEEKVRRQLEVAKRIRAVDEHGVAEKILNSHLIPDLRGNLRSFTRQE
FRCVKCNTKFRRPPLNGKCPVCGGKIVLTVSKGAIEKYLGTAKMLVTEYNVKNYTRQRICLTERDIDSLFENVFPETQLT
LIVNPNDICQRLVMARTGEVNKSGLLENLSNGSKKTEKAEKAEKPRKKSDEKPKKKRVISLEEFFSRKSK
;
B
3 'polypeptide(L)'
;MGKHHHHSGHHHTGHHHHSGSHHHTSSSASTGENLYFQGTGGIMMEERSIEEPMEELLEEEIPEEKEENELLEKAKEDIL
NILRQKRTAISRKYILKKLGDKYDEETIDDAITELLAQGEIYEPETGYYKLL
;
C
#
loop_
_chem_comp.id
_chem_comp.type
_chem_comp.name
_chem_comp.formula
FE non-polymer 'FE (III) ION' 'Fe 3'
ZN non-polymer 'ZINC ION' 'Zn 2'
#
# COMPACT_ATOMS: atom_id res chain seq x y z
N GLU A 209 5.61 7.00 -12.20
CA GLU A 209 6.22 7.97 -13.10
C GLU A 209 7.73 7.78 -13.14
N GLU A 210 8.23 7.24 -14.25
CA GLU A 210 9.66 7.01 -14.43
C GLU A 210 10.15 7.81 -15.64
N ILE A 211 11.29 8.46 -15.49
CA ILE A 211 11.91 9.23 -16.56
C ILE A 211 13.13 8.47 -17.05
N GLY A 212 13.16 8.21 -18.35
CA GLY A 212 14.24 7.45 -18.96
C GLY A 212 15.44 8.33 -19.28
N GLU A 213 16.33 7.77 -20.10
CA GLU A 213 17.55 8.45 -20.49
C GLU A 213 17.23 9.58 -21.48
N GLU A 214 18.17 10.51 -21.60
CA GLU A 214 17.99 11.68 -22.45
C GLU A 214 17.88 11.28 -23.92
N LYS A 215 17.52 12.25 -24.74
CA LYS A 215 17.32 12.05 -26.17
C LYS A 215 17.78 13.29 -26.93
N GLU A 216 18.01 13.12 -28.22
CA GLU A 216 18.42 14.20 -29.10
C GLU A 216 17.25 14.59 -29.98
N TYR A 217 16.94 15.89 -30.02
CA TYR A 217 15.81 16.40 -30.77
C TYR A 217 16.26 17.58 -31.62
N SER A 218 15.30 18.15 -32.36
CA SER A 218 15.52 19.30 -33.21
C SER A 218 14.65 20.45 -32.77
N LYS A 219 15.10 21.67 -33.06
CA LYS A 219 14.39 22.89 -32.64
C LYS A 219 13.99 23.74 -33.85
N TYR A 220 13.92 23.13 -35.03
CA TYR A 220 13.52 23.82 -36.26
C TYR A 220 14.40 25.05 -36.51
N GLU A 221 15.71 24.85 -36.41
CA GLU A 221 16.64 25.97 -36.52
C GLU A 221 17.00 26.29 -37.97
N ASP A 222 16.70 25.38 -38.90
CA ASP A 222 17.11 25.54 -40.29
C ASP A 222 15.92 25.65 -41.25
N VAL A 223 14.85 26.29 -40.82
CA VAL A 223 13.66 26.47 -41.66
C VAL A 223 13.63 27.92 -42.13
N VAL A 224 13.73 28.12 -43.45
CA VAL A 224 13.64 29.44 -44.05
C VAL A 224 12.60 29.37 -45.17
N ILE A 225 11.57 30.21 -45.07
CA ILE A 225 10.53 30.30 -46.09
C ILE A 225 10.47 31.75 -46.55
N GLU A 226 10.59 31.95 -47.86
CA GLU A 226 10.77 33.26 -48.47
C GLU A 226 9.43 33.77 -49.00
N TRP A 227 9.47 34.89 -49.73
CA TRP A 227 8.28 35.55 -50.26
C TRP A 227 8.24 35.39 -51.77
N ASN A 228 7.06 35.11 -52.31
CA ASN A 228 6.90 35.05 -53.76
C ASN A 228 6.91 36.44 -54.35
N PRO A 229 7.72 36.69 -55.38
CA PRO A 229 7.68 38.00 -56.06
C PRO A 229 6.36 38.28 -56.76
N SER A 230 5.56 37.25 -57.04
CA SER A 230 4.30 37.46 -57.74
C SER A 230 3.32 38.24 -56.88
N VAL A 231 3.26 37.95 -55.59
CA VAL A 231 2.32 38.60 -54.69
C VAL A 231 2.89 39.92 -54.19
N THR A 232 2.25 41.03 -54.57
CA THR A 232 2.64 42.35 -54.08
C THR A 232 1.65 42.81 -53.03
N PRO A 233 2.06 42.97 -51.77
CA PRO A 233 1.10 43.34 -50.72
C PRO A 233 0.49 44.71 -50.98
N VAL A 234 -0.78 44.85 -50.63
CA VAL A 234 -1.47 46.13 -50.75
C VAL A 234 -1.13 46.99 -49.54
N GLN A 235 -0.90 48.27 -49.78
CA GLN A 235 -0.47 49.20 -48.73
C GLN A 235 -1.70 49.65 -47.96
N ILE A 236 -1.86 49.15 -46.74
CA ILE A 236 -2.96 49.50 -45.86
C ILE A 236 -2.38 49.98 -44.53
N GLU A 237 -2.89 51.10 -44.03
CA GLU A 237 -2.49 51.57 -42.71
C GLU A 237 -2.98 50.60 -41.65
N LYS A 238 -2.25 50.53 -40.55
CA LYS A 238 -2.56 49.62 -39.46
C LYS A 238 -3.22 50.37 -38.31
N ASN A 239 -4.38 49.89 -37.88
CA ASN A 239 -5.13 50.45 -36.76
C ASN A 239 -5.39 49.32 -35.77
N TYR A 240 -4.47 49.11 -34.84
CA TYR A 240 -4.63 48.12 -33.80
C TYR A 240 -4.40 48.77 -32.44
N GLU A 241 -5.33 48.56 -31.52
CA GLU A 241 -5.23 49.08 -30.16
C GLU A 241 -5.76 48.04 -29.19
N VAL A 242 -5.05 47.84 -28.09
CA VAL A 242 -5.46 46.88 -27.06
C VAL A 242 -6.39 47.64 -26.11
N LYS A 243 -7.69 47.40 -26.24
CA LYS A 243 -8.66 48.12 -25.43
C LYS A 243 -8.65 47.63 -23.98
N PHE A 244 -8.49 46.33 -23.78
CA PHE A 244 -8.48 45.76 -22.43
C PHE A 244 -7.30 44.83 -22.27
N ASP A 245 -6.62 44.95 -21.13
CA ASP A 245 -5.50 44.08 -20.78
C ASP A 245 -5.48 43.95 -19.27
N VAL A 246 -5.34 42.72 -18.76
CA VAL A 246 -5.43 42.48 -17.32
C VAL A 246 -4.38 43.26 -16.55
N ARG A 247 -3.21 43.49 -17.13
CA ARG A 247 -2.15 44.22 -16.44
C ARG A 247 -2.31 45.72 -16.51
N GLN A 248 -3.44 46.21 -17.02
CA GLN A 248 -3.71 47.65 -17.00
C GLN A 248 -4.43 48.09 -15.74
N VAL A 249 -5.16 47.19 -15.09
CA VAL A 249 -5.89 47.54 -13.88
C VAL A 249 -4.93 47.51 -12.69
N LYS A 250 -5.21 48.39 -11.73
CA LYS A 250 -4.46 48.45 -10.47
C LYS A 250 -5.43 48.15 -9.35
N LEU A 251 -5.09 47.18 -8.52
CA LEU A 251 -5.97 46.70 -7.47
C LEU A 251 -5.62 47.40 -6.15
N ARG A 252 -6.65 47.90 -5.47
CA ARG A 252 -6.42 48.65 -4.23
C ARG A 252 -5.89 47.72 -3.15
N PRO A 253 -5.08 48.24 -2.21
CA PRO A 253 -4.55 47.45 -1.08
C PRO A 253 -5.64 46.83 -0.22
N GLY A 261 -2.56 39.92 11.10
CA GLY A 261 -3.43 39.58 10.00
C GLY A 261 -3.27 38.16 9.50
N LYS A 262 -4.22 37.28 9.87
CA LYS A 262 -4.16 35.90 9.45
C LYS A 262 -4.40 35.79 7.95
N GLU A 263 -3.71 34.84 7.32
CA GLU A 263 -3.84 34.66 5.88
C GLU A 263 -5.25 34.23 5.48
N GLY A 264 -5.84 33.32 6.27
CA GLY A 264 -7.15 32.81 5.91
C GLY A 264 -8.22 33.88 5.86
N GLU A 265 -8.18 34.82 6.82
CA GLU A 265 -9.15 35.91 6.83
C GLU A 265 -9.03 36.75 5.57
N ILE A 266 -7.80 37.06 5.15
CA ILE A 266 -7.61 37.89 3.96
C ILE A 266 -8.07 37.15 2.71
N ILE A 267 -7.82 35.83 2.65
CA ILE A 267 -8.29 35.06 1.50
C ILE A 267 -9.82 35.06 1.43
N VAL A 268 -10.47 34.86 2.58
CA VAL A 268 -11.93 34.88 2.60
C VAL A 268 -12.48 36.24 2.20
N GLU A 269 -11.87 37.32 2.68
CA GLU A 269 -12.30 38.65 2.27
C GLU A 269 -12.10 38.87 0.77
N ALA A 270 -11.00 38.35 0.22
CA ALA A 270 -10.76 38.50 -1.21
C ALA A 270 -11.83 37.80 -2.04
N TYR A 271 -12.18 36.57 -1.67
CA TYR A 271 -13.26 35.86 -2.36
C TYR A 271 -14.60 36.58 -2.24
N ALA A 272 -14.92 37.07 -1.03
CA ALA A 272 -16.17 37.79 -0.85
C ALA A 272 -16.22 39.04 -1.72
N SER A 273 -15.11 39.78 -1.78
CA SER A 273 -15.06 40.97 -2.62
C SER A 273 -15.22 40.62 -4.10
N LEU A 274 -14.60 39.51 -4.52
CA LEU A 274 -14.75 39.07 -5.90
C LEU A 274 -16.22 38.86 -6.26
N PHE A 275 -16.94 38.11 -5.42
CA PHE A 275 -18.33 37.81 -5.76
C PHE A 275 -19.22 39.04 -5.65
N LYS A 276 -18.94 39.92 -4.69
CA LYS A 276 -19.71 41.17 -4.60
C LYS A 276 -19.49 42.05 -5.83
N SER A 277 -18.25 42.12 -6.33
CA SER A 277 -17.98 42.88 -7.54
C SER A 277 -18.70 42.30 -8.75
N ARG A 278 -18.71 40.96 -8.87
CA ARG A 278 -19.47 40.34 -9.95
C ARG A 278 -20.94 40.72 -9.86
N LEU A 279 -21.51 40.65 -8.67
CA LEU A 279 -22.92 41.00 -8.49
C LEU A 279 -23.19 42.43 -8.90
N SER A 280 -22.33 43.37 -8.49
CA SER A 280 -22.55 44.77 -8.83
C SER A 280 -22.50 44.99 -10.33
N LYS A 281 -21.48 44.43 -11.01
CA LYS A 281 -21.35 44.64 -12.44
C LYS A 281 -22.52 44.06 -13.21
N LEU A 282 -22.92 42.83 -12.85
CA LEU A 282 -24.00 42.21 -13.61
C LEU A 282 -25.34 42.85 -13.29
N LYS A 283 -25.51 43.39 -12.08
CA LYS A 283 -26.71 44.18 -11.79
C LYS A 283 -26.77 45.44 -12.64
N ARG A 284 -25.64 46.13 -12.77
CA ARG A 284 -25.60 47.30 -13.64
C ARG A 284 -25.94 46.94 -15.08
N ILE A 285 -25.46 45.78 -15.55
CA ILE A 285 -25.81 45.33 -16.89
C ILE A 285 -27.30 45.04 -17.00
N LEU A 286 -27.87 44.39 -15.98
CA LEU A 286 -29.28 44.03 -16.01
C LEU A 286 -30.17 45.26 -16.05
N ARG A 287 -29.84 46.30 -15.28
CA ARG A 287 -30.70 47.46 -15.18
C ARG A 287 -30.83 48.23 -16.48
N GLU A 288 -29.96 47.97 -17.47
CA GLU A 288 -30.08 48.65 -18.76
C GLU A 288 -31.29 48.22 -19.56
N ASN A 289 -31.92 47.11 -19.20
CA ASN A 289 -33.11 46.65 -19.91
C ASN A 289 -34.30 47.52 -19.51
N PRO A 290 -34.97 48.18 -20.46
CA PRO A 290 -36.08 49.07 -20.09
C PRO A 290 -37.22 48.36 -19.39
N GLU A 291 -37.45 47.08 -19.69
CA GLU A 291 -38.57 46.35 -19.11
C GLU A 291 -38.39 46.08 -17.62
N ILE A 292 -37.22 46.32 -17.06
CA ILE A 292 -36.96 46.07 -15.65
C ILE A 292 -37.22 47.35 -14.87
N SER A 293 -38.13 47.28 -13.90
CA SER A 293 -38.47 48.43 -13.08
C SER A 293 -39.02 47.93 -11.75
N ASN A 294 -39.00 48.82 -10.75
CA ASN A 294 -39.49 48.54 -9.41
C ASN A 294 -38.76 47.34 -8.81
N VAL A 295 -37.45 47.51 -8.62
CA VAL A 295 -36.60 46.48 -8.03
C VAL A 295 -36.46 46.75 -6.54
N VAL A 296 -36.71 45.74 -5.72
CA VAL A 296 -36.65 45.86 -4.27
C VAL A 296 -35.66 44.83 -3.73
N ASP A 297 -35.00 45.20 -2.64
CA ASP A 297 -34.03 44.31 -2.00
C ASP A 297 -34.75 43.14 -1.35
N ILE A 298 -34.03 42.02 -1.24
CA ILE A 298 -34.61 40.82 -0.61
C ILE A 298 -34.89 41.03 0.87
N GLY A 299 -34.05 41.77 1.58
CA GLY A 299 -34.27 42.02 3.00
C GLY A 299 -35.41 42.99 3.24
N LYS A 300 -35.88 43.64 2.20
CA LYS A 300 -37.00 44.58 2.26
C LYS A 300 -38.28 43.98 1.69
N LEU A 301 -38.32 42.67 1.50
CA LEU A 301 -39.49 42.03 0.91
C LEU A 301 -40.70 42.09 1.83
N ASN A 302 -40.49 42.11 3.14
CA ASN A 302 -41.61 42.10 4.08
C ASN A 302 -42.31 43.44 4.17
N TYR A 303 -41.65 44.54 3.77
CA TYR A 303 -42.30 45.84 3.82
C TYR A 303 -43.48 45.93 2.87
N VAL A 304 -43.33 45.39 1.65
CA VAL A 304 -44.37 45.53 0.65
C VAL A 304 -45.49 44.52 0.92
N SER A 305 -46.63 44.77 0.28
CA SER A 305 -47.81 43.91 0.43
C SER A 305 -47.62 42.62 -0.36
N GLY A 306 -48.49 41.66 -0.09
CA GLY A 306 -48.46 40.37 -0.75
C GLY A 306 -49.09 40.30 -2.11
N ASP A 307 -49.67 41.40 -2.59
CA ASP A 307 -50.32 41.44 -3.91
C ASP A 307 -49.75 42.55 -4.78
N GLU A 308 -48.49 42.93 -4.54
CA GLU A 308 -47.82 43.96 -5.32
C GLU A 308 -46.65 43.33 -6.07
N GLU A 309 -46.54 43.63 -7.36
CA GLU A 309 -45.46 43.08 -8.17
C GLU A 309 -44.12 43.70 -7.78
N VAL A 310 -43.13 42.84 -7.59
CA VAL A 310 -41.78 43.27 -7.24
C VAL A 310 -40.79 42.46 -8.05
N THR A 311 -39.59 43.01 -8.24
CA THR A 311 -38.52 42.35 -8.97
C THR A 311 -37.30 42.20 -8.08
N ILE A 312 -36.74 40.99 -8.03
CA ILE A 312 -35.56 40.70 -7.23
C ILE A 312 -34.39 40.39 -8.15
N ILE A 313 -33.20 40.78 -7.72
CA ILE A 313 -31.95 40.53 -8.44
C ILE A 313 -30.97 39.89 -7.47
N GLY A 314 -30.35 38.79 -7.88
CA GLY A 314 -29.37 38.13 -7.04
C GLY A 314 -28.74 36.96 -7.75
N LEU A 315 -27.76 36.38 -7.07
CA LEU A 315 -27.06 35.20 -7.58
C LEU A 315 -27.93 33.96 -7.43
N VAL A 316 -27.49 32.87 -8.05
CA VAL A 316 -28.20 31.59 -8.03
C VAL A 316 -27.37 30.61 -7.21
N ASN A 317 -28.00 30.01 -6.19
CA ASN A 317 -27.34 29.08 -5.30
C ASN A 317 -27.63 27.63 -5.66
N SER A 318 -28.91 27.27 -5.78
CA SER A 318 -29.30 25.90 -6.09
C SER A 318 -30.55 25.92 -6.94
N LYS A 319 -30.60 25.04 -7.93
CA LYS A 319 -31.77 24.90 -8.80
C LYS A 319 -32.31 23.48 -8.69
N ARG A 320 -33.61 23.37 -8.44
CA ARG A 320 -34.27 22.10 -8.24
C ARG A 320 -35.50 22.03 -9.13
N GLU A 321 -35.69 20.91 -9.82
CA GLU A 321 -36.79 20.73 -10.75
C GLU A 321 -37.84 19.83 -10.11
N THR A 322 -39.05 20.35 -9.94
CA THR A 322 -40.14 19.63 -9.32
C THR A 322 -41.15 19.19 -10.38
N ASN A 323 -42.22 18.55 -9.93
CA ASN A 323 -43.25 18.04 -10.83
C ASN A 323 -44.17 19.12 -11.36
N ARG A 324 -44.15 20.32 -10.79
CA ARG A 324 -45.00 21.41 -11.24
C ARG A 324 -44.23 22.67 -11.62
N GLY A 325 -42.94 22.72 -11.37
CA GLY A 325 -42.17 23.90 -11.72
C GLY A 325 -40.75 23.80 -11.22
N LEU A 326 -40.09 24.95 -11.14
CA LEU A 326 -38.71 25.06 -10.70
C LEU A 326 -38.63 25.83 -9.39
N ILE A 327 -37.72 25.41 -8.52
CA ILE A 327 -37.49 26.05 -7.22
C ILE A 327 -36.03 26.46 -7.15
N PHE A 328 -35.79 27.72 -6.82
CA PHE A 328 -34.44 28.27 -6.74
C PHE A 328 -34.15 28.74 -5.32
N GLU A 329 -32.89 29.09 -5.10
CA GLU A 329 -32.44 29.79 -3.90
C GLU A 329 -31.61 30.99 -4.36
N VAL A 330 -32.17 32.18 -4.24
CA VAL A 330 -31.57 33.39 -4.78
C VAL A 330 -31.04 34.22 -3.61
N GLU A 331 -29.78 34.63 -3.70
CA GLU A 331 -29.10 35.34 -2.63
C GLU A 331 -28.64 36.71 -3.12
N ASP A 332 -28.92 37.72 -2.32
CA ASP A 332 -28.45 39.08 -2.55
C ASP A 332 -27.63 39.52 -1.34
N LYS A 333 -27.19 40.78 -1.36
CA LYS A 333 -26.36 41.30 -0.29
C LYS A 333 -27.14 41.50 1.01
N THR A 334 -28.47 41.38 0.99
CA THR A 334 -29.28 41.62 2.18
C THR A 334 -30.03 40.40 2.70
N GLY A 335 -30.21 39.36 1.88
CA GLY A 335 -30.95 38.21 2.36
C GLY A 335 -31.00 37.11 1.32
N ILE A 336 -31.69 36.03 1.69
CA ILE A 336 -31.85 34.85 0.84
C ILE A 336 -33.33 34.53 0.76
N VAL A 337 -33.83 34.25 -0.45
CA VAL A 337 -35.23 33.96 -0.68
C VAL A 337 -35.35 32.74 -1.58
N LYS A 338 -36.52 32.10 -1.54
CA LYS A 338 -36.82 30.91 -2.32
C LYS A 338 -37.88 31.24 -3.35
N VAL A 339 -37.62 30.89 -4.61
CA VAL A 339 -38.47 31.29 -5.73
C VAL A 339 -39.06 30.04 -6.38
N PHE A 340 -40.27 30.20 -6.94
CA PHE A 340 -40.99 29.11 -7.58
C PHE A 340 -41.49 29.58 -8.94
N LEU A 341 -40.99 28.93 -10.00
CA LEU A 341 -41.38 29.28 -11.37
C LEU A 341 -42.36 28.27 -11.93
N PRO A 342 -43.59 28.65 -12.23
CA PRO A 342 -44.56 27.69 -12.76
C PRO A 342 -44.19 27.19 -14.14
N LYS A 343 -44.60 25.95 -14.43
CA LYS A 343 -44.21 25.30 -15.68
C LYS A 343 -44.78 26.02 -16.89
N ASP A 344 -45.96 26.63 -16.77
CA ASP A 344 -46.60 27.25 -17.93
C ASP A 344 -45.92 28.54 -18.37
N SER A 345 -44.95 29.04 -17.60
CA SER A 345 -44.29 30.29 -17.95
C SER A 345 -43.57 30.17 -19.29
N GLU A 346 -43.62 31.24 -20.08
CA GLU A 346 -43.01 31.21 -21.40
C GLU A 346 -41.50 31.03 -21.31
N ASP A 347 -40.87 31.72 -20.35
CA ASP A 347 -39.42 31.65 -20.18
C ASP A 347 -39.04 30.59 -19.15
N TYR A 348 -39.47 29.36 -19.42
CA TYR A 348 -39.16 28.21 -18.58
C TYR A 348 -37.94 27.44 -19.04
N ARG A 349 -37.71 27.35 -20.37
CA ARG A 349 -36.53 26.68 -20.87
C ARG A 349 -35.26 27.48 -20.59
N GLU A 350 -35.35 28.81 -20.63
CA GLU A 350 -34.21 29.64 -20.26
C GLU A 350 -33.84 29.46 -18.80
N ALA A 351 -34.83 29.34 -17.93
CA ALA A 351 -34.55 29.02 -16.53
C ALA A 351 -34.14 27.56 -16.36
N PHE A 352 -34.44 26.72 -17.34
CA PHE A 352 -34.04 25.32 -17.26
C PHE A 352 -32.55 25.14 -17.50
N LYS A 353 -31.91 26.13 -18.13
CA LYS A 353 -30.51 26.03 -18.51
C LYS A 353 -29.60 26.96 -17.73
N VAL A 354 -30.11 27.69 -16.74
CA VAL A 354 -29.27 28.64 -16.01
C VAL A 354 -28.28 27.89 -15.15
N LEU A 355 -27.01 28.23 -15.28
CA LEU A 355 -25.95 27.66 -14.47
C LEU A 355 -25.89 28.36 -13.11
N PRO A 356 -25.39 27.67 -12.09
CA PRO A 356 -25.22 28.33 -10.79
C PRO A 356 -24.18 29.43 -10.84
N ASP A 357 -24.23 30.29 -9.82
CA ASP A 357 -23.33 31.45 -9.69
C ASP A 357 -23.48 32.40 -10.87
N ALA A 358 -24.70 32.57 -11.36
CA ALA A 358 -25.02 33.53 -12.40
C ALA A 358 -26.07 34.50 -11.89
N VAL A 359 -25.93 35.78 -12.27
CA VAL A 359 -26.84 36.81 -11.78
C VAL A 359 -28.07 36.83 -12.68
N VAL A 360 -29.24 36.62 -12.09
CA VAL A 360 -30.51 36.57 -12.81
C VAL A 360 -31.52 37.47 -12.08
N ALA A 361 -32.69 37.61 -12.69
CA ALA A 361 -33.77 38.42 -12.14
C ALA A 361 -35.09 37.67 -12.21
N PHE A 362 -35.97 37.95 -11.25
CA PHE A 362 -37.27 37.32 -11.15
C PHE A 362 -38.33 38.39 -10.92
N LYS A 363 -39.54 38.15 -11.42
CA LYS A 363 -40.62 39.12 -11.33
C LYS A 363 -41.90 38.39 -10.93
N GLY A 364 -42.43 38.72 -9.75
CA GLY A 364 -43.63 38.07 -9.27
C GLY A 364 -44.03 38.60 -7.91
N PHE A 365 -45.06 37.96 -7.36
CA PHE A 365 -45.58 38.32 -6.05
C PHE A 365 -44.93 37.47 -4.96
N TYR A 366 -45.02 37.96 -3.73
CA TYR A 366 -44.44 37.30 -2.57
C TYR A 366 -45.53 36.97 -1.58
N SER A 367 -45.49 35.75 -1.04
CA SER A 367 -46.47 35.30 -0.07
C SER A 367 -45.87 35.29 1.32
N LYS A 368 -46.69 35.65 2.32
CA LYS A 368 -46.22 35.68 3.69
C LYS A 368 -45.81 34.30 4.18
N LYS A 369 -46.22 33.23 3.49
CA LYS A 369 -45.74 31.90 3.83
C LYS A 369 -44.23 31.78 3.65
N GLY A 370 -43.66 32.58 2.77
CA GLY A 370 -42.22 32.61 2.60
C GLY A 370 -41.72 32.10 1.27
N ILE A 371 -42.53 32.25 0.22
CA ILE A 371 -42.18 31.78 -1.11
C ILE A 371 -42.49 32.90 -2.10
N PHE A 372 -41.53 33.21 -2.96
CA PHE A 372 -41.69 34.24 -3.98
C PHE A 372 -42.18 33.58 -5.26
N PHE A 373 -43.48 33.73 -5.54
CA PHE A 373 -44.09 33.16 -6.74
C PHE A 373 -43.85 34.09 -7.92
N ALA A 374 -42.94 33.70 -8.80
CA ALA A 374 -42.56 34.53 -9.93
C ALA A 374 -43.32 34.12 -11.18
N ASN A 375 -43.34 35.03 -12.16
CA ASN A 375 -43.95 34.74 -13.44
C ASN A 375 -43.04 35.06 -14.62
N LYS A 376 -41.82 35.51 -14.38
CA LYS A 376 -40.88 35.79 -15.46
C LYS A 376 -39.46 35.54 -14.99
N PHE A 377 -38.57 35.34 -15.95
CA PHE A 377 -37.16 35.08 -15.69
C PHE A 377 -36.33 35.84 -16.70
N TYR A 378 -35.37 36.63 -16.21
CA TYR A 378 -34.56 37.48 -17.06
C TYR A 378 -33.08 37.10 -16.94
N LEU A 379 -32.34 37.35 -18.00
CA LEU A 379 -30.90 37.17 -18.06
C LEU A 379 -30.26 38.41 -18.67
N PRO A 380 -29.02 38.72 -18.31
CA PRO A 380 -28.30 39.81 -18.98
C PRO A 380 -27.83 39.35 -20.36
N ASP A 381 -28.51 39.83 -21.39
CA ASP A 381 -28.33 39.37 -22.75
C ASP A 381 -27.63 40.43 -23.58
N VAL A 382 -27.52 40.17 -24.88
CA VAL A 382 -27.05 41.14 -25.85
C VAL A 382 -28.27 41.89 -26.39
N PRO A 383 -28.23 43.22 -26.47
CA PRO A 383 -29.37 43.96 -27.02
C PRO A 383 -29.68 43.54 -28.46
N LEU A 384 -30.95 43.62 -28.81
CA LEU A 384 -31.43 43.16 -30.11
C LEU A 384 -31.09 44.10 -31.26
N TYR A 385 -30.68 45.34 -30.97
CA TYR A 385 -30.34 46.30 -32.01
C TYR A 385 -29.01 46.96 -31.71
N ARG A 386 -28.15 47.04 -32.72
CA ARG A 386 -26.87 47.72 -32.61
C ARG A 386 -26.62 48.50 -33.89
N LYS A 387 -26.05 49.69 -33.75
CA LYS A 387 -25.82 50.57 -34.89
C LYS A 387 -24.76 49.99 -35.82
N GLN A 388 -24.95 50.21 -37.11
CA GLN A 388 -24.02 49.67 -38.12
C GLN A 388 -22.80 50.56 -38.22
N LYS A 389 -21.62 49.94 -38.11
CA LYS A 389 -20.37 50.69 -38.14
C LYS A 389 -20.10 51.23 -39.54
N PRO A 390 -19.33 52.32 -39.64
CA PRO A 390 -18.97 52.86 -40.96
C PRO A 390 -18.04 51.93 -41.71
N PRO A 391 -18.03 51.99 -43.04
CA PRO A 391 -17.24 51.06 -43.83
C PRO A 391 -15.74 51.38 -43.76
N LEU A 392 -14.96 50.55 -44.45
CA LEU A 392 -13.51 50.69 -44.53
C LEU A 392 -13.13 50.97 -45.98
N GLU A 393 -12.16 51.86 -46.18
CA GLU A 393 -11.73 52.19 -47.53
C GLU A 393 -11.12 50.99 -48.24
N GLU A 394 -10.29 50.22 -47.53
CA GLU A 394 -9.62 49.06 -48.09
C GLU A 394 -10.03 47.83 -47.31
N LYS A 395 -9.83 46.67 -47.93
CA LYS A 395 -10.24 45.40 -47.34
C LYS A 395 -9.08 44.75 -46.62
N VAL A 396 -9.31 44.34 -45.36
CA VAL A 396 -8.29 43.74 -44.53
C VAL A 396 -8.83 42.45 -43.94
N TYR A 397 -8.01 41.41 -43.89
CA TYR A 397 -8.37 40.12 -43.35
C TYR A 397 -7.57 39.83 -42.08
N ALA A 398 -8.04 38.82 -41.34
CA ALA A 398 -7.34 38.38 -40.14
C ALA A 398 -7.50 36.88 -40.03
N ILE A 399 -6.55 36.24 -39.34
CA ILE A 399 -6.47 34.80 -39.24
C ILE A 399 -6.43 34.41 -37.77
N LEU A 400 -7.24 33.43 -37.38
CA LEU A 400 -7.34 32.97 -36.00
C LEU A 400 -6.91 31.52 -35.92
N ILE A 401 -5.91 31.24 -35.10
CA ILE A 401 -5.44 29.88 -34.85
C ILE A 401 -5.18 29.73 -33.35
N SER A 402 -5.14 28.48 -32.90
CA SER A 402 -4.97 28.18 -31.49
C SER A 402 -4.47 26.75 -31.33
N ASP A 403 -4.13 26.44 -30.09
CA ASP A 403 -3.67 25.08 -29.71
C ASP A 403 -2.62 24.54 -30.69
N ILE A 404 -1.43 25.13 -30.70
CA ILE A 404 -0.34 24.62 -31.54
C ILE A 404 0.30 23.40 -30.90
N HIS A 405 0.57 23.46 -29.60
CA HIS A 405 1.15 22.33 -28.83
C HIS A 405 2.51 21.96 -29.41
N VAL A 406 3.44 22.90 -29.44
CA VAL A 406 4.79 22.65 -29.93
C VAL A 406 5.56 21.86 -28.87
N GLY A 407 6.13 20.74 -29.28
CA GLY A 407 6.85 19.86 -28.38
C GLY A 407 6.21 18.52 -28.14
N SER A 408 5.10 18.22 -28.81
CA SER A 408 4.37 16.98 -28.61
C SER A 408 4.68 16.00 -29.73
N ARG A 409 4.35 14.73 -29.48
CA ARG A 409 4.54 13.70 -30.49
C ARG A 409 3.47 13.75 -31.57
N GLU A 410 2.26 14.16 -31.22
CA GLU A 410 1.16 14.23 -32.16
C GLU A 410 1.08 15.58 -32.89
N PHE A 411 2.02 16.49 -32.64
CA PHE A 411 2.01 17.77 -33.31
C PHE A 411 2.24 17.61 -34.81
N CYS A 412 1.42 18.27 -35.61
CA CYS A 412 1.53 18.21 -37.07
C CYS A 412 2.60 19.20 -37.52
N GLU A 413 3.71 18.68 -38.04
CA GLU A 413 4.79 19.54 -38.51
C GLU A 413 4.62 19.92 -39.98
N LYS A 414 4.33 18.95 -40.84
CA LYS A 414 4.20 19.24 -42.26
C LYS A 414 3.03 20.16 -42.53
N ALA A 415 1.92 19.98 -41.80
CA ALA A 415 0.77 20.86 -41.96
C ALA A 415 1.12 22.29 -41.58
N PHE A 416 1.87 22.47 -40.48
CA PHE A 416 2.25 23.82 -40.06
C PHE A 416 3.21 24.45 -41.05
N LEU A 417 4.14 23.67 -41.61
CA LEU A 417 5.03 24.22 -42.63
C LEU A 417 4.27 24.63 -43.89
N LYS A 418 3.29 23.83 -44.31
CA LYS A 418 2.47 24.22 -45.45
C LYS A 418 1.66 25.47 -45.15
N PHE A 419 1.18 25.59 -43.92
CA PHE A 419 0.49 26.82 -43.51
C PHE A 419 1.41 28.02 -43.59
N LEU A 420 2.65 27.87 -43.14
CA LEU A 420 3.60 28.97 -43.21
C LEU A 420 3.93 29.33 -44.66
N GLU A 421 3.95 28.35 -45.56
CA GLU A 421 4.15 28.63 -46.96
C GLU A 421 2.92 29.24 -47.63
N TRP A 422 1.74 29.13 -47.03
CA TRP A 422 0.56 29.80 -47.57
C TRP A 422 0.56 31.29 -47.28
N LEU A 423 1.03 31.67 -46.09
CA LEU A 423 1.14 33.08 -45.73
C LEU A 423 2.18 33.83 -46.54
N ASN A 424 3.07 33.11 -47.22
CA ASN A 424 4.20 33.70 -47.92
C ASN A 424 3.97 33.79 -49.43
N GLY A 425 2.74 33.55 -49.88
CA GLY A 425 2.41 33.76 -51.27
C GLY A 425 2.46 32.53 -52.15
N HIS A 426 2.73 31.35 -51.62
CA HIS A 426 2.70 30.10 -52.39
C HIS A 426 1.27 29.57 -52.35
N VAL A 427 0.46 29.96 -53.33
CA VAL A 427 -0.93 29.57 -53.40
C VAL A 427 -1.23 29.03 -54.78
N GLU A 428 -2.30 28.23 -54.89
CA GLU A 428 -2.62 27.58 -56.15
C GLU A 428 -3.68 28.34 -56.93
N SER A 429 -4.51 29.13 -56.25
CA SER A 429 -5.63 29.81 -56.88
C SER A 429 -5.43 31.32 -56.85
N LYS A 430 -6.05 31.99 -57.82
CA LYS A 430 -5.94 33.45 -57.92
C LYS A 430 -6.68 34.14 -56.78
N GLU A 431 -7.82 33.59 -56.35
CA GLU A 431 -8.54 34.18 -55.23
C GLU A 431 -7.72 34.09 -53.94
N GLU A 432 -7.04 32.97 -53.73
CA GLU A 432 -6.15 32.86 -52.58
C GLU A 432 -4.99 33.83 -52.69
N GLU A 433 -4.54 34.10 -53.92
CA GLU A 433 -3.52 35.13 -54.11
C GLU A 433 -4.06 36.50 -53.73
N GLU A 434 -5.33 36.76 -54.02
CA GLU A 434 -5.94 38.01 -53.61
C GLU A 434 -6.02 38.12 -52.09
N ILE A 435 -6.36 37.02 -51.42
CA ILE A 435 -6.56 37.06 -49.97
C ILE A 435 -5.23 37.26 -49.24
N VAL A 436 -4.17 36.58 -49.68
CA VAL A 436 -2.92 36.62 -48.94
C VAL A 436 -2.34 38.02 -48.95
N SER A 437 -2.51 38.76 -50.04
CA SER A 437 -1.92 40.09 -50.13
C SER A 437 -2.63 41.07 -49.19
N ARG A 438 -3.79 40.69 -48.65
CA ARG A 438 -4.57 41.55 -47.78
C ARG A 438 -4.67 41.03 -46.35
N VAL A 439 -3.68 40.31 -45.86
CA VAL A 439 -3.68 39.77 -44.51
C VAL A 439 -2.70 40.61 -43.70
N LYS A 440 -3.17 41.19 -42.60
CA LYS A 440 -2.33 42.02 -41.75
C LYS A 440 -2.36 41.64 -40.28
N TYR A 441 -3.15 40.63 -39.88
CA TYR A 441 -3.27 40.30 -38.48
C TYR A 441 -3.31 38.79 -38.28
N LEU A 442 -2.66 38.33 -37.21
CA LEU A 442 -2.68 36.93 -36.82
C LEU A 442 -2.84 36.86 -35.30
N ILE A 443 -3.72 35.99 -34.83
CA ILE A 443 -4.09 35.92 -33.42
C ILE A 443 -3.96 34.48 -32.93
N ILE A 444 -3.30 34.31 -31.79
CA ILE A 444 -3.11 33.01 -31.16
C ILE A 444 -3.70 33.07 -29.76
N ALA A 445 -4.45 32.03 -29.38
CA ALA A 445 -5.16 32.00 -28.10
C ALA A 445 -4.91 30.66 -27.40
N GLY A 446 -3.83 30.60 -26.63
CA GLY A 446 -3.62 29.54 -25.67
C GLY A 446 -2.95 28.32 -26.28
N ASP A 447 -2.41 27.51 -25.38
CA ASP A 447 -1.74 26.24 -25.76
C ASP A 447 -0.75 26.43 -26.90
N VAL A 448 0.20 27.34 -26.79
CA VAL A 448 1.26 27.45 -27.77
C VAL A 448 2.30 26.36 -27.58
N VAL A 449 2.50 25.90 -26.35
CA VAL A 449 3.43 24.82 -26.05
C VAL A 449 2.69 23.76 -25.24
N ASP A 450 3.29 22.57 -25.17
CA ASP A 450 2.68 21.45 -24.49
C ASP A 450 2.89 21.49 -22.99
N GLY A 451 3.96 22.12 -22.52
CA GLY A 451 4.23 22.19 -21.09
C GLY A 451 4.87 20.92 -20.57
N ILE A 452 5.19 20.95 -19.28
CA ILE A 452 5.75 19.79 -18.59
C ILE A 452 5.03 19.63 -17.25
N GLY A 453 4.66 18.40 -16.92
CA GLY A 453 4.02 18.12 -15.66
C GLY A 453 2.52 18.30 -15.65
N ILE A 454 1.86 18.29 -16.81
CA ILE A 454 0.41 18.48 -16.84
C ILE A 454 -0.29 17.25 -16.27
N TYR A 455 0.13 16.06 -16.67
CA TYR A 455 -0.45 14.83 -16.18
C TYR A 455 0.64 13.77 -16.03
N PRO A 456 0.43 12.80 -15.15
CA PRO A 456 1.43 11.72 -14.99
C PRO A 456 1.50 10.87 -16.24
N GLY A 457 2.70 10.77 -16.81
CA GLY A 457 2.91 10.01 -18.03
C GLY A 457 3.01 10.89 -19.25
N GLN A 458 3.69 12.03 -19.11
CA GLN A 458 3.85 12.96 -20.21
C GLN A 458 5.24 12.96 -20.83
N TYR A 459 6.26 12.51 -20.10
CA TYR A 459 7.61 12.50 -20.64
C TYR A 459 7.70 11.58 -21.85
N SER A 460 7.05 10.42 -21.78
CA SER A 460 7.06 9.48 -22.89
C SER A 460 6.27 9.99 -24.10
N ASP A 461 5.49 11.05 -23.94
CA ASP A 461 4.71 11.62 -25.02
C ASP A 461 5.30 12.92 -25.56
N LEU A 462 6.53 13.25 -25.20
CA LEU A 462 7.15 14.50 -25.59
C LEU A 462 8.33 14.26 -26.52
N VAL A 463 8.49 15.15 -27.50
CA VAL A 463 9.65 15.18 -28.37
C VAL A 463 10.69 16.18 -27.88
N ILE A 464 10.24 17.31 -27.34
CA ILE A 464 11.13 18.32 -26.76
C ILE A 464 10.77 18.48 -25.30
N PRO A 465 11.34 17.68 -24.39
CA PRO A 465 10.94 17.72 -22.98
C PRO A 465 11.73 18.73 -22.15
N ASP A 466 11.63 20.00 -22.53
CA ASP A 466 12.20 21.09 -21.74
C ASP A 466 11.54 22.39 -22.17
N ILE A 467 11.18 23.22 -21.19
CA ILE A 467 10.33 24.37 -21.45
C ILE A 467 11.08 25.43 -22.26
N PHE A 468 12.36 25.65 -21.94
CA PHE A 468 13.14 26.66 -22.64
C PHE A 468 13.27 26.31 -24.12
N ASP A 469 13.60 25.06 -24.43
CA ASP A 469 13.74 24.67 -25.82
C ASP A 469 12.40 24.61 -26.53
N GLN A 470 11.32 24.36 -25.79
CA GLN A 470 9.99 24.42 -26.40
C GLN A 470 9.68 25.82 -26.89
N TYR A 471 9.89 26.83 -26.03
CA TYR A 471 9.66 28.21 -26.46
C TYR A 471 10.65 28.64 -27.54
N GLU A 472 11.88 28.16 -27.50
CA GLU A 472 12.84 28.47 -28.55
C GLU A 472 12.39 27.89 -29.90
N ALA A 473 11.87 26.66 -29.89
CA ALA A 473 11.36 26.06 -31.12
C ALA A 473 10.16 26.82 -31.66
N LEU A 474 9.24 27.21 -30.77
CA LEU A 474 8.10 28.01 -31.20
C LEU A 474 8.57 29.33 -31.81
N ALA A 475 9.59 29.94 -31.23
CA ALA A 475 10.14 31.18 -31.79
C ALA A 475 10.75 30.95 -33.16
N ASN A 476 11.48 29.84 -33.33
CA ASN A 476 12.10 29.56 -34.62
C ASN A 476 11.07 29.32 -35.71
N LEU A 477 10.00 28.60 -35.39
CA LEU A 477 8.94 28.40 -36.38
C LEU A 477 8.26 29.72 -36.75
N LEU A 478 7.97 30.55 -35.75
CA LEU A 478 7.20 31.77 -35.96
C LEU A 478 7.99 32.89 -36.60
N ALA A 479 9.31 32.73 -36.74
CA ALA A 479 10.12 33.79 -37.36
C ALA A 479 9.88 33.86 -38.86
N ASN A 480 9.23 32.83 -39.43
CA ASN A 480 8.96 32.83 -40.86
C ASN A 480 7.66 33.53 -41.21
N VAL A 481 6.93 34.01 -40.19
CA VAL A 481 5.75 34.83 -40.41
C VAL A 481 6.19 36.12 -41.09
N PRO A 482 5.52 36.55 -42.16
CA PRO A 482 5.99 37.72 -42.90
C PRO A 482 6.01 38.98 -42.05
N GLU A 483 6.81 39.96 -42.49
CA GLU A 483 7.09 41.13 -41.67
C GLU A 483 5.85 42.01 -41.49
N HIS A 484 5.01 42.14 -42.53
CA HIS A 484 3.90 43.07 -42.44
C HIS A 484 2.76 42.53 -41.58
N ILE A 485 2.81 41.25 -41.22
CA ILE A 485 1.78 40.68 -40.36
C ILE A 485 2.16 40.88 -38.91
N THR A 486 1.17 41.26 -38.09
CA THR A 486 1.35 41.52 -36.67
C THR A 486 0.68 40.40 -35.88
N MET A 487 1.38 39.89 -34.86
CA MET A 487 0.94 38.72 -34.12
C MET A 487 0.54 39.12 -32.70
N PHE A 488 -0.60 38.60 -32.25
CA PHE A 488 -1.03 38.69 -30.87
C PHE A 488 -1.04 37.28 -30.28
N ILE A 489 -0.32 37.08 -29.18
CA ILE A 489 -0.16 35.78 -28.56
C ILE A 489 -0.60 35.89 -27.11
N GLY A 490 -1.38 34.91 -26.65
CA GLY A 490 -1.87 34.89 -25.29
C GLY A 490 -1.65 33.55 -24.61
N PRO A 491 -1.65 33.55 -23.28
CA PRO A 491 -1.36 32.31 -22.55
C PRO A 491 -2.52 31.34 -22.56
N GLY A 492 -2.25 30.14 -22.07
CA GLY A 492 -3.24 29.08 -22.01
C GLY A 492 -3.01 28.20 -20.80
N ASN A 493 -3.66 27.04 -20.82
CA ASN A 493 -3.57 26.11 -19.70
C ASN A 493 -2.18 25.51 -19.57
N ALA A 494 -1.63 24.99 -20.67
CA ALA A 494 -0.39 24.23 -20.60
C ALA A 494 0.83 25.15 -20.55
N ASP A 495 0.68 26.40 -20.98
CA ASP A 495 1.82 27.30 -21.07
C ASP A 495 2.33 27.66 -19.68
N ALA A 496 3.56 28.18 -19.65
CA ALA A 496 4.18 28.61 -18.40
C ALA A 496 3.58 29.93 -17.94
N ALA A 497 2.46 29.87 -17.23
CA ALA A 497 1.78 31.07 -16.76
C ALA A 497 1.07 30.77 -15.45
N ARG A 498 0.17 31.67 -15.08
CA ARG A 498 -0.51 31.57 -13.80
C ARG A 498 -1.42 30.34 -13.78
N PRO A 499 -1.43 29.58 -12.68
CA PRO A 499 -2.25 28.36 -12.64
C PRO A 499 -3.76 28.62 -12.71
N ALA A 500 -4.22 29.83 -12.38
CA ALA A 500 -5.63 30.15 -12.41
C ALA A 500 -5.88 31.40 -13.26
N ILE A 501 -7.10 31.53 -13.76
CA ILE A 501 -7.47 32.64 -14.63
C ILE A 501 -8.10 33.74 -13.79
N PRO A 502 -7.95 35.02 -14.18
CA PRO A 502 -7.24 35.54 -15.36
C PRO A 502 -5.72 35.46 -15.26
N GLN A 503 -5.04 35.33 -16.39
CA GLN A 503 -3.60 35.20 -16.46
C GLN A 503 -3.00 36.50 -17.01
N PRO A 504 -2.09 37.15 -16.29
CA PRO A 504 -1.56 38.43 -16.80
C PRO A 504 -0.73 38.27 -18.07
N GLU A 505 0.27 37.40 -18.05
CA GLU A 505 1.09 37.12 -19.22
C GLU A 505 1.93 35.87 -19.01
N PHE A 506 2.84 35.60 -19.93
CA PHE A 506 3.82 34.53 -19.78
C PHE A 506 4.90 34.94 -18.78
N TYR A 507 5.57 33.95 -18.20
CA TYR A 507 6.77 34.24 -17.45
C TYR A 507 7.89 34.67 -18.39
N LYS A 508 8.37 35.90 -18.21
CA LYS A 508 9.32 36.47 -19.14
C LYS A 508 10.64 35.69 -19.16
N GLU A 509 11.09 35.26 -17.99
CA GLU A 509 12.36 34.53 -17.91
C GLU A 509 12.30 33.15 -18.56
N TYR A 510 11.11 32.61 -18.80
CA TYR A 510 10.95 31.31 -19.44
C TYR A 510 10.57 31.42 -20.90
N ALA A 511 9.73 32.39 -21.26
CA ALA A 511 9.22 32.54 -22.62
C ALA A 511 9.88 33.70 -23.36
N LYS A 512 11.12 34.02 -23.01
CA LYS A 512 11.80 35.16 -23.64
C LYS A 512 11.89 35.09 -25.16
N PRO A 513 12.18 33.95 -25.80
CA PRO A 513 12.39 33.98 -27.26
C PRO A 513 11.21 34.52 -28.05
N ILE A 514 9.98 34.37 -27.54
CA ILE A 514 8.82 34.90 -28.27
C ILE A 514 8.59 36.36 -27.90
N TYR A 515 9.28 36.86 -26.88
CA TYR A 515 9.18 38.28 -26.55
C TYR A 515 9.98 39.15 -27.51
N LYS A 516 11.03 38.59 -28.10
CA LYS A 516 11.96 39.36 -28.92
C LYS A 516 11.60 39.36 -30.40
N LEU A 517 10.52 38.71 -30.82
CA LEU A 517 10.07 38.84 -32.19
C LEU A 517 9.67 40.27 -32.46
N LYS A 518 10.10 40.80 -33.61
CA LYS A 518 9.92 42.21 -33.91
C LYS A 518 8.51 42.53 -34.40
N ASN A 519 7.62 41.55 -34.49
CA ASN A 519 6.24 41.79 -34.89
C ASN A 519 5.29 40.99 -34.02
N ALA A 520 5.52 40.99 -32.71
CA ALA A 520 4.70 40.23 -31.77
C ALA A 520 4.28 41.10 -30.60
N ILE A 521 3.05 40.90 -30.13
CA ILE A 521 2.51 41.59 -28.97
C ILE A 521 1.94 40.53 -28.04
N ILE A 522 2.42 40.51 -26.80
CA ILE A 522 1.90 39.55 -25.82
C ILE A 522 0.69 40.14 -25.13
N ILE A 523 -0.40 39.37 -25.07
CA ILE A 523 -1.65 39.82 -24.49
C ILE A 523 -2.05 38.86 -23.38
N SER A 524 -3.01 39.29 -22.57
CA SER A 524 -3.44 38.51 -21.42
C SER A 524 -4.56 37.55 -21.80
N ASN A 525 -5.12 36.89 -20.79
CA ASN A 525 -6.25 35.98 -20.96
C ASN A 525 -7.32 36.35 -19.94
N PRO A 526 -8.43 36.96 -20.35
CA PRO A 526 -8.81 37.35 -21.70
C PRO A 526 -8.34 38.75 -22.09
N ALA A 527 -8.56 39.14 -23.33
CA ALA A 527 -8.21 40.47 -23.79
C ALA A 527 -9.17 40.89 -24.89
N VAL A 528 -9.28 42.20 -25.10
CA VAL A 528 -10.12 42.79 -26.13
C VAL A 528 -9.24 43.61 -27.05
N ILE A 529 -9.27 43.30 -28.34
CA ILE A 529 -8.46 43.96 -29.35
C ILE A 529 -9.38 44.69 -30.31
N ARG A 530 -9.09 45.97 -30.55
CA ARG A 530 -9.86 46.78 -31.48
C ARG A 530 -9.11 46.87 -32.80
N LEU A 531 -9.67 46.30 -33.85
CA LEU A 531 -9.07 46.30 -35.18
C LEU A 531 -9.95 47.11 -36.11
N HIS A 532 -9.47 48.28 -36.51
CA HIS A 532 -10.22 49.19 -37.39
C HIS A 532 -11.61 49.48 -36.83
N GLY A 533 -11.69 49.69 -35.53
CA GLY A 533 -12.94 50.03 -34.88
C GLY A 533 -13.82 48.86 -34.51
N ARG A 534 -13.34 47.63 -34.65
CA ARG A 534 -14.13 46.44 -34.39
C ARG A 534 -13.51 45.70 -33.21
N ASP A 535 -14.33 45.40 -32.20
CA ASP A 535 -13.85 44.78 -30.97
C ASP A 535 -13.75 43.27 -31.15
N PHE A 536 -12.64 42.71 -30.67
CA PHE A 536 -12.39 41.27 -30.74
C PHE A 536 -12.11 40.76 -29.33
N LEU A 537 -13.00 39.94 -28.80
CA LEU A 537 -12.81 39.34 -27.48
C LEU A 537 -12.10 38.00 -27.65
N ILE A 538 -10.98 37.82 -26.96
CA ILE A 538 -10.12 36.66 -27.12
C ILE A 538 -9.88 36.03 -25.75
N ALA A 539 -10.34 34.80 -25.58
CA ALA A 539 -10.13 34.04 -24.37
C ALA A 539 -9.80 32.61 -24.72
N HIS A 540 -9.14 31.91 -23.80
CA HIS A 540 -8.77 30.52 -24.07
C HIS A 540 -9.99 29.62 -24.12
N GLY A 541 -11.00 29.88 -23.29
CA GLY A 541 -12.25 29.18 -23.38
C GLY A 541 -12.32 27.86 -22.64
N ARG A 542 -11.96 27.86 -21.36
CA ARG A 542 -12.09 26.67 -20.53
C ARG A 542 -13.47 26.54 -19.91
N GLY A 543 -14.29 27.58 -19.99
CA GLY A 543 -15.62 27.54 -19.42
C GLY A 543 -16.66 26.80 -20.23
N ILE A 544 -16.33 26.40 -21.46
CA ILE A 544 -17.23 25.59 -22.26
C ILE A 544 -17.48 24.23 -21.63
N GLU A 545 -16.51 23.68 -20.90
CA GLU A 545 -16.64 22.36 -20.31
C GLU A 545 -17.67 22.33 -19.18
N ASP A 546 -17.80 23.43 -18.44
CA ASP A 546 -18.79 23.47 -17.36
C ASP A 546 -20.21 23.51 -17.88
N VAL A 547 -20.44 24.17 -19.02
CA VAL A 547 -21.78 24.23 -19.59
C VAL A 547 -22.22 22.85 -20.03
N VAL A 548 -21.33 22.10 -20.67
CA VAL A 548 -21.70 20.79 -21.21
C VAL A 548 -22.12 19.84 -20.10
N SER A 549 -21.40 19.86 -18.98
CA SER A 549 -21.70 18.93 -17.89
C SER A 549 -23.08 19.19 -17.30
N PHE A 550 -23.49 20.46 -17.20
CA PHE A 550 -24.76 20.77 -16.56
C PHE A 550 -25.93 20.51 -17.48
N VAL A 551 -26.04 21.24 -18.59
CA VAL A 551 -27.23 21.20 -19.44
C VAL A 551 -27.13 19.99 -20.36
N PRO A 552 -28.11 19.10 -20.37
CA PRO A 552 -28.09 17.98 -21.31
C PRO A 552 -28.42 18.45 -22.72
N GLY A 553 -28.06 17.62 -23.69
CA GLY A 553 -28.32 17.92 -25.08
C GLY A 553 -27.23 18.71 -25.76
N LEU A 554 -26.34 19.36 -25.01
CA LEU A 554 -25.21 20.09 -25.56
C LEU A 554 -23.96 19.25 -25.31
N THR A 555 -23.40 18.70 -26.38
CA THR A 555 -22.20 17.89 -26.30
C THR A 555 -21.09 18.58 -27.07
N HIS A 556 -19.91 17.97 -27.02
CA HIS A 556 -18.79 18.46 -27.82
C HIS A 556 -19.09 18.25 -29.31
N HIS A 557 -18.15 18.70 -30.14
CA HIS A 557 -18.27 18.68 -31.60
C HIS A 557 -19.25 19.73 -32.10
N LYS A 558 -20.00 20.35 -31.19
CA LYS A 558 -20.83 21.52 -31.51
C LYS A 558 -20.65 22.57 -30.42
N PRO A 559 -19.46 23.18 -30.34
CA PRO A 559 -19.18 24.12 -29.24
C PRO A 559 -19.77 25.50 -29.42
N GLY A 560 -20.53 25.76 -30.49
CA GLY A 560 -21.16 27.07 -30.63
C GLY A 560 -22.23 27.34 -29.59
N LEU A 561 -23.08 26.35 -29.32
CA LEU A 561 -24.17 26.55 -28.37
C LEU A 561 -23.72 26.82 -26.94
N PRO A 562 -22.74 26.11 -26.38
CA PRO A 562 -22.21 26.53 -25.07
C PRO A 562 -21.66 27.95 -25.08
N MET A 563 -21.06 28.36 -26.19
CA MET A 563 -20.59 29.75 -26.31
C MET A 563 -21.76 30.71 -26.28
N VAL A 564 -22.87 30.36 -26.92
CA VAL A 564 -24.07 31.20 -26.85
C VAL A 564 -24.56 31.31 -25.41
N GLU A 565 -24.54 30.20 -24.68
CA GLU A 565 -24.94 30.23 -23.27
C GLU A 565 -24.04 31.16 -22.46
N LEU A 566 -22.72 31.02 -22.63
CA LEU A 566 -21.79 31.87 -21.90
C LEU A 566 -21.98 33.34 -22.25
N LEU A 567 -22.21 33.64 -23.53
CA LEU A 567 -22.41 35.02 -23.94
C LEU A 567 -23.68 35.61 -23.35
N LYS A 568 -24.77 34.84 -23.37
CA LYS A 568 -26.02 35.38 -22.85
C LYS A 568 -26.11 35.33 -21.33
N MET A 569 -25.15 34.70 -20.66
CA MET A 569 -24.95 34.94 -19.23
C MET A 569 -23.94 36.04 -18.97
N ARG A 570 -23.18 36.43 -19.99
CA ARG A 570 -22.17 37.50 -19.90
C ARG A 570 -21.18 37.25 -18.77
N HIS A 571 -20.63 36.04 -18.76
CA HIS A 571 -19.55 35.68 -17.85
C HIS A 571 -18.80 34.49 -18.46
N LEU A 572 -17.47 34.57 -18.44
CA LEU A 572 -16.67 33.55 -19.12
C LEU A 572 -16.60 32.24 -18.35
N ALA A 573 -16.66 32.28 -17.02
CA ALA A 573 -16.58 31.07 -16.20
C ALA A 573 -17.40 31.28 -14.94
N PRO A 574 -18.73 31.12 -15.03
CA PRO A 574 -19.59 31.45 -13.89
C PRO A 574 -19.45 30.51 -12.70
N THR A 575 -19.53 29.21 -12.93
CA THR A 575 -19.61 28.25 -11.84
C THR A 575 -18.30 28.19 -11.07
N PHE A 576 -18.40 28.10 -9.75
CA PHE A 576 -17.26 27.95 -8.86
C PHE A 576 -17.21 26.52 -8.33
N GLY A 577 -15.99 25.99 -8.20
CA GLY A 577 -15.83 24.65 -7.70
C GLY A 577 -16.10 23.55 -8.70
N GLY A 578 -16.11 23.88 -9.99
CA GLY A 578 -16.36 22.88 -11.02
C GLY A 578 -15.08 22.29 -11.56
N LYS A 579 -14.73 22.64 -12.78
CA LYS A 579 -13.47 22.22 -13.38
C LYS A 579 -12.77 23.38 -14.05
N VAL A 580 -13.02 24.60 -13.57
CA VAL A 580 -12.29 25.79 -13.99
C VAL A 580 -11.80 26.49 -12.73
N PRO A 581 -10.49 26.70 -12.57
CA PRO A 581 -10.00 27.34 -11.34
C PRO A 581 -10.12 28.86 -11.39
N ILE A 582 -10.63 29.45 -10.31
CA ILE A 582 -10.78 30.89 -10.16
C ILE A 582 -9.83 31.35 -9.06
N ALA A 583 -9.00 32.35 -9.37
CA ALA A 583 -7.97 32.92 -8.50
C ALA A 583 -8.57 33.94 -7.54
N PRO A 584 -7.98 34.10 -6.36
CA PRO A 584 -8.46 35.13 -5.43
C PRO A 584 -8.09 36.51 -5.90
N ASP A 585 -9.10 37.32 -6.17
CA ASP A 585 -8.88 38.68 -6.64
C ASP A 585 -9.96 39.60 -6.08
N PRO A 586 -9.60 40.81 -5.64
CA PRO A 586 -10.61 41.73 -5.10
C PRO A 586 -11.65 42.17 -6.11
N GLU A 587 -11.38 42.08 -7.41
CA GLU A 587 -12.32 42.52 -8.43
C GLU A 587 -12.42 41.46 -9.51
N ASP A 588 -13.62 41.33 -10.09
CA ASP A 588 -13.89 40.35 -11.13
C ASP A 588 -13.58 40.95 -12.49
N LEU A 589 -12.78 40.25 -13.28
CA LEU A 589 -12.37 40.68 -14.61
C LEU A 589 -12.85 39.75 -15.71
N LEU A 590 -13.64 38.74 -15.38
CA LEU A 590 -14.18 37.81 -16.36
C LEU A 590 -15.58 38.20 -16.84
N VAL A 591 -16.11 39.34 -16.39
CA VAL A 591 -17.42 39.78 -16.81
C VAL A 591 -17.29 40.51 -18.15
N ILE A 592 -18.16 40.17 -19.09
CA ILE A 592 -18.18 40.81 -20.41
C ILE A 592 -18.85 42.17 -20.22
N GLU A 593 -18.05 43.21 -20.05
CA GLU A 593 -18.58 44.53 -19.73
C GLU A 593 -19.20 45.23 -20.93
N GLU A 594 -18.63 45.07 -22.11
CA GLU A 594 -19.15 45.68 -23.33
C GLU A 594 -19.38 44.59 -24.36
N VAL A 595 -20.50 44.67 -25.08
CA VAL A 595 -20.81 43.64 -26.06
C VAL A 595 -19.81 43.71 -27.21
N PRO A 596 -19.16 42.60 -27.56
CA PRO A 596 -18.12 42.65 -28.60
C PRO A 596 -18.70 42.42 -29.99
N ASP A 597 -17.80 42.37 -30.96
CA ASP A 597 -18.13 42.05 -32.33
C ASP A 597 -17.69 40.66 -32.75
N LEU A 598 -16.77 40.04 -32.00
CA LEU A 598 -16.31 38.69 -32.31
C LEU A 598 -15.69 38.09 -31.06
N VAL A 599 -16.01 36.82 -30.80
CA VAL A 599 -15.51 36.10 -29.63
C VAL A 599 -14.78 34.86 -30.12
N GLN A 600 -13.56 34.65 -29.64
CA GLN A 600 -12.73 33.52 -30.02
C GLN A 600 -12.31 32.74 -28.78
N MET A 601 -12.41 31.41 -28.86
CA MET A 601 -12.03 30.53 -27.76
C MET A 601 -11.29 29.32 -28.32
N GLY A 602 -10.91 28.41 -27.42
CA GLY A 602 -10.27 27.16 -27.79
C GLY A 602 -10.65 26.07 -26.84
N HIS A 603 -9.68 25.20 -26.51
CA HIS A 603 -9.80 24.19 -25.46
C HIS A 603 -10.70 23.01 -25.84
N VAL A 604 -11.36 23.07 -27.00
CA VAL A 604 -12.31 22.01 -27.35
C VAL A 604 -11.74 21.15 -28.47
N HIS A 605 -10.84 21.70 -29.26
CA HIS A 605 -10.16 20.94 -30.34
C HIS A 605 -11.18 20.55 -31.41
N VAL A 606 -12.27 21.27 -31.57
CA VAL A 606 -13.23 21.06 -32.66
C VAL A 606 -13.67 22.42 -33.18
N TYR A 607 -13.68 22.57 -34.51
CA TYR A 607 -14.03 23.84 -35.13
C TYR A 607 -15.53 24.02 -35.25
N ASP A 608 -15.99 25.24 -34.97
CA ASP A 608 -17.40 25.60 -35.16
C ASP A 608 -17.52 27.12 -35.16
N ALA A 609 -18.62 27.61 -35.73
CA ALA A 609 -18.88 29.05 -35.80
C ALA A 609 -20.37 29.29 -35.93
N VAL A 610 -20.91 30.14 -35.06
CA VAL A 610 -22.33 30.49 -35.05
C VAL A 610 -22.47 32.00 -34.89
N VAL A 611 -23.68 32.49 -35.15
CA VAL A 611 -24.01 33.91 -35.00
C VAL A 611 -25.24 34.02 -34.10
N TYR A 612 -25.16 34.89 -33.10
CA TYR A 612 -26.25 35.11 -32.17
C TYR A 612 -26.42 36.61 -31.95
N ARG A 613 -27.45 37.19 -32.57
CA ARG A 613 -27.81 38.60 -32.39
C ARG A 613 -26.66 39.53 -32.77
N GLY A 614 -26.09 39.28 -33.96
CA GLY A 614 -25.11 40.18 -34.52
C GLY A 614 -23.67 39.91 -34.15
N VAL A 615 -23.41 38.99 -33.23
CA VAL A 615 -22.05 38.66 -32.83
C VAL A 615 -21.67 37.34 -33.46
N GLN A 616 -20.38 37.17 -33.74
CA GLN A 616 -19.85 35.96 -34.35
C GLN A 616 -18.94 35.26 -33.35
N LEU A 617 -19.24 33.98 -33.08
CA LEU A 617 -18.49 33.18 -32.12
C LEU A 617 -17.76 32.08 -32.90
N VAL A 618 -16.44 32.06 -32.79
CA VAL A 618 -15.60 31.14 -33.55
C VAL A 618 -14.72 30.36 -32.59
N ASN A 619 -14.63 29.06 -32.80
CA ASN A 619 -13.76 28.18 -32.01
C ASN A 619 -12.65 27.68 -32.93
N SER A 620 -11.43 28.16 -32.70
CA SER A 620 -10.30 27.71 -33.48
C SER A 620 -9.99 26.26 -33.18
N ALA A 621 -9.51 25.55 -34.19
CA ALA A 621 -9.21 24.13 -34.07
C ALA A 621 -7.86 23.93 -33.39
N THR A 622 -7.34 22.71 -33.46
CA THR A 622 -6.05 22.38 -32.87
C THR A 622 -5.07 22.00 -33.96
N TRP A 623 -3.80 21.94 -33.58
CA TRP A 623 -2.74 21.43 -34.44
C TRP A 623 -2.17 20.12 -33.91
N GLN A 624 -2.92 19.44 -33.05
CA GLN A 624 -2.52 18.18 -32.44
C GLN A 624 -3.49 17.09 -32.86
N ALA A 625 -2.95 15.96 -33.33
CA ALA A 625 -3.77 14.84 -33.72
C ALA A 625 -4.38 14.17 -32.49
N GLN A 626 -5.13 13.10 -32.72
CA GLN A 626 -5.85 12.45 -31.63
C GLN A 626 -4.89 11.82 -30.65
N THR A 627 -4.91 12.27 -29.40
CA THR A 627 -4.14 11.64 -28.35
C THR A 627 -4.92 10.48 -27.75
N GLU A 628 -4.21 9.66 -26.98
CA GLU A 628 -4.84 8.47 -26.39
C GLU A 628 -5.89 8.86 -25.35
N PHE A 629 -5.65 9.96 -24.63
CA PHE A 629 -6.61 10.40 -23.62
C PHE A 629 -7.94 10.78 -24.27
N GLN A 630 -7.89 11.38 -25.46
CA GLN A 630 -9.12 11.75 -26.15
C GLN A 630 -9.89 10.52 -26.63
N LYS A 631 -9.19 9.54 -27.22
CA LYS A 631 -9.88 8.34 -27.66
C LYS A 631 -10.32 7.48 -26.48
N MET A 632 -9.79 7.76 -25.29
CA MET A 632 -10.30 7.10 -24.09
C MET A 632 -11.64 7.69 -23.68
N VAL A 633 -11.79 9.01 -23.79
CA VAL A 633 -13.05 9.68 -23.44
C VAL A 633 -13.91 9.96 -24.67
N ASN A 634 -13.50 9.48 -25.85
CA ASN A 634 -14.28 9.59 -27.08
C ASN A 634 -14.48 11.04 -27.52
N ILE A 635 -13.38 11.74 -27.74
CA ILE A 635 -13.40 13.07 -28.38
C ILE A 635 -12.58 12.97 -29.67
N VAL A 636 -13.21 13.33 -30.78
CA VAL A 636 -12.57 13.21 -32.10
C VAL A 636 -12.25 14.62 -32.59
N PRO A 637 -11.00 15.05 -32.55
CA PRO A 637 -10.66 16.42 -32.94
C PRO A 637 -10.62 16.62 -34.45
N THR A 638 -10.63 17.90 -34.84
CA THR A 638 -10.52 18.29 -36.24
C THR A 638 -9.23 19.10 -36.41
N PRO A 639 -8.14 18.48 -36.83
CA PRO A 639 -6.86 19.18 -36.89
C PRO A 639 -6.69 19.98 -38.17
N ALA A 640 -5.92 21.06 -38.04
CA ALA A 640 -5.44 21.85 -39.17
C ALA A 640 -6.59 22.49 -39.96
N LYS A 641 -7.39 23.28 -39.25
CA LYS A 641 -8.43 24.10 -39.87
C LYS A 641 -8.25 25.54 -39.41
N VAL A 642 -8.24 26.46 -40.36
CA VAL A 642 -7.92 27.86 -40.07
C VAL A 642 -9.04 28.78 -40.56
N PRO A 643 -9.77 29.43 -39.66
CA PRO A 643 -10.75 30.43 -40.08
C PRO A 643 -10.09 31.68 -40.65
N VAL A 644 -10.79 32.30 -41.60
CA VAL A 644 -10.40 33.60 -42.14
C VAL A 644 -11.56 34.56 -41.93
N VAL A 645 -11.28 35.69 -41.29
CA VAL A 645 -12.32 36.64 -40.91
C VAL A 645 -12.11 37.96 -41.65
N ASP A 646 -13.22 38.65 -41.89
CA ASP A 646 -13.22 39.97 -42.51
C ASP A 646 -13.48 41.01 -41.45
N VAL A 647 -12.60 42.01 -41.36
CA VAL A 647 -12.70 43.01 -40.31
C VAL A 647 -13.94 43.88 -40.48
N GLU A 648 -14.31 44.18 -41.73
CA GLU A 648 -15.43 45.10 -41.97
C GLU A 648 -16.73 44.52 -41.44
N SER A 649 -16.94 43.21 -41.59
CA SER A 649 -18.19 42.58 -41.17
C SER A 649 -18.05 41.69 -39.95
N ALA A 650 -16.82 41.41 -39.49
CA ALA A 650 -16.58 40.53 -38.35
C ALA A 650 -17.20 39.16 -38.57
N ARG A 651 -17.09 38.64 -39.79
CA ARG A 651 -17.67 37.36 -40.17
C ARG A 651 -16.61 36.49 -40.84
N VAL A 652 -16.79 35.18 -40.72
CA VAL A 652 -15.88 34.22 -41.34
C VAL A 652 -16.24 34.07 -42.81
N VAL A 653 -15.25 34.23 -43.69
CA VAL A 653 -15.48 34.16 -45.12
C VAL A 653 -14.95 32.88 -45.75
N LYS A 654 -14.05 32.16 -45.10
CA LYS A 654 -13.46 30.97 -45.68
C LYS A 654 -12.83 30.13 -44.57
N VAL A 655 -12.79 28.82 -44.79
CA VAL A 655 -12.12 27.89 -43.90
C VAL A 655 -11.09 27.12 -44.71
N LEU A 656 -9.85 27.09 -44.22
CA LEU A 656 -8.75 26.42 -44.89
C LEU A 656 -8.55 25.03 -44.32
N ASP A 657 -8.15 24.09 -45.19
CA ASP A 657 -7.98 22.69 -44.81
C ASP A 657 -6.57 22.24 -45.16
N PHE A 658 -5.74 22.05 -44.14
CA PHE A 658 -4.41 21.47 -44.29
C PHE A 658 -4.32 20.08 -43.68
N SER A 659 -5.46 19.48 -43.38
CA SER A 659 -5.48 18.18 -42.70
C SER A 659 -5.06 17.03 -43.59
N GLY A 660 -4.99 17.23 -44.91
CA GLY A 660 -4.57 16.15 -45.78
C GLY A 660 -3.12 15.77 -45.59
N TRP A 661 -2.27 16.74 -45.27
CA TRP A 661 -0.84 16.48 -45.20
C TRP A 661 -0.48 15.65 -43.97
N CYS A 662 -1.09 15.96 -42.82
CA CYS A 662 -0.82 15.21 -41.61
C CYS A 662 -2.02 15.23 -40.67
N MET B 1 -7.02 -41.06 17.05
CA MET B 1 -5.57 -41.02 17.12
C MET B 1 -5.08 -41.50 18.47
N GLU B 2 -3.86 -42.02 18.51
CA GLU B 2 -3.24 -42.54 19.74
C GLU B 2 -2.02 -41.67 20.06
N LEU B 3 -2.27 -40.56 20.77
CA LEU B 3 -1.21 -39.65 21.12
C LEU B 3 -0.42 -40.18 22.32
N PRO B 4 0.82 -39.73 22.49
CA PRO B 4 1.58 -40.09 23.70
C PRO B 4 0.94 -39.50 24.96
N LYS B 5 1.52 -39.87 26.09
CA LYS B 5 0.94 -39.51 27.39
C LYS B 5 0.97 -38.00 27.60
N GLU B 6 2.02 -37.32 27.14
CA GLU B 6 2.19 -35.90 27.44
C GLU B 6 1.12 -35.05 26.77
N MET B 7 0.87 -35.28 25.47
CA MET B 7 -0.04 -34.43 24.73
C MET B 7 -1.47 -34.52 25.26
N GLU B 8 -1.93 -35.73 25.56
CA GLU B 8 -3.28 -35.90 26.09
C GLU B 8 -3.43 -35.22 27.44
N GLU B 9 -2.41 -35.33 28.30
CA GLU B 9 -2.46 -34.65 29.59
C GLU B 9 -2.50 -33.14 29.41
N TYR B 10 -1.73 -32.61 28.46
CA TYR B 10 -1.73 -31.18 28.20
C TYR B 10 -3.12 -30.70 27.76
N PHE B 11 -3.74 -31.43 26.85
CA PHE B 11 -5.07 -31.04 26.37
C PHE B 11 -6.11 -31.15 27.48
N GLU B 12 -5.99 -32.18 28.32
CA GLU B 12 -6.93 -32.33 29.44
C GLU B 12 -6.78 -31.20 30.45
N MET B 13 -5.55 -30.77 30.71
CA MET B 13 -5.33 -29.63 31.61
C MET B 13 -5.96 -28.35 31.04
N LEU B 14 -5.78 -28.12 29.72
CA LEU B 14 -6.42 -26.97 29.11
C LEU B 14 -7.94 -27.05 29.26
N GLN B 15 -8.51 -28.24 29.06
CA GLN B 15 -9.95 -28.40 29.19
C GLN B 15 -10.43 -28.13 30.60
N ARG B 16 -9.66 -28.57 31.60
CA ARG B 16 -10.04 -28.31 32.99
C ARG B 16 -10.06 -26.81 33.28
N GLU B 17 -9.06 -26.08 32.80
CA GLU B 17 -9.06 -24.63 33.01
C GLU B 17 -10.25 -23.97 32.32
N ILE B 18 -10.56 -24.40 31.09
CA ILE B 18 -11.70 -23.84 30.37
C ILE B 18 -12.99 -24.10 31.14
N ASP B 19 -13.15 -25.31 31.68
CA ASP B 19 -14.34 -25.64 32.44
C ASP B 19 -14.45 -24.78 33.71
N LYS B 20 -13.30 -24.54 34.36
CA LYS B 20 -13.31 -23.68 35.54
C LYS B 20 -13.80 -22.28 35.21
N ALA B 21 -13.35 -21.73 34.08
CA ALA B 21 -13.86 -20.42 33.66
C ALA B 21 -15.35 -20.47 33.34
N TYR B 22 -15.78 -21.51 32.63
CA TYR B 22 -17.16 -21.56 32.17
C TYR B 22 -18.13 -21.71 33.34
N GLU B 23 -17.71 -22.37 34.42
CA GLU B 23 -18.60 -22.52 35.56
C GLU B 23 -18.96 -21.17 36.17
N ILE B 24 -17.97 -20.32 36.40
CA ILE B 24 -18.24 -18.98 36.93
C ILE B 24 -19.03 -18.16 35.92
N ALA B 25 -18.70 -18.28 34.64
CA ALA B 25 -19.46 -17.54 33.62
C ALA B 25 -20.94 -17.94 33.64
N LYS B 26 -21.23 -19.22 33.86
CA LYS B 26 -22.61 -19.66 33.91
C LYS B 26 -23.31 -19.19 35.18
N LYS B 27 -22.60 -19.23 36.31
CA LYS B 27 -23.22 -18.74 37.55
C LYS B 27 -23.56 -17.27 37.47
N ALA B 28 -22.69 -16.48 36.85
CA ALA B 28 -22.91 -15.04 36.81
C ALA B 28 -24.08 -14.67 35.90
N ARG B 29 -24.19 -15.35 34.75
CA ARG B 29 -25.19 -14.97 33.76
C ARG B 29 -26.60 -15.32 34.22
N ALA B 30 -26.74 -16.34 35.05
CA ALA B 30 -28.05 -16.84 35.42
C ALA B 30 -28.83 -15.86 36.30
N GLN B 31 -28.18 -14.82 36.81
CA GLN B 31 -28.87 -13.90 37.73
C GLN B 31 -29.88 -13.02 37.00
N GLY B 32 -29.72 -12.83 35.70
CA GLY B 32 -30.67 -12.08 34.91
C GLY B 32 -30.33 -10.63 34.65
N LYS B 33 -29.10 -10.20 34.93
CA LYS B 33 -28.73 -8.80 34.73
C LYS B 33 -28.25 -8.53 33.31
N ASP B 34 -28.09 -9.58 32.49
CA ASP B 34 -27.50 -9.49 31.17
C ASP B 34 -28.53 -9.74 30.08
N PRO B 35 -28.22 -9.45 28.81
CA PRO B 35 -29.23 -9.65 27.74
C PRO B 35 -29.75 -11.07 27.62
N SER B 36 -28.92 -12.08 27.89
CA SER B 36 -29.34 -13.47 27.82
C SER B 36 -29.14 -14.14 29.17
N LEU B 37 -29.71 -15.34 29.30
CA LEU B 37 -29.58 -16.13 30.52
C LEU B 37 -28.56 -17.24 30.39
N ASP B 38 -27.74 -17.22 29.33
CA ASP B 38 -26.72 -18.25 29.14
C ASP B 38 -25.54 -17.63 28.40
N VAL B 39 -24.39 -18.28 28.54
CA VAL B 39 -23.17 -17.80 27.91
C VAL B 39 -23.30 -17.94 26.40
N GLU B 40 -22.89 -16.91 25.67
CA GLU B 40 -23.15 -16.80 24.25
C GLU B 40 -21.97 -17.17 23.36
N ILE B 41 -20.95 -17.84 23.90
CA ILE B 41 -19.83 -18.33 23.10
C ILE B 41 -19.74 -19.84 23.21
N PRO B 42 -20.30 -20.60 22.27
CA PRO B 42 -20.15 -22.05 22.30
C PRO B 42 -18.72 -22.47 21.96
N GLN B 43 -18.35 -23.66 22.41
CA GLN B 43 -17.03 -24.20 22.16
C GLN B 43 -17.11 -25.42 21.25
N ALA B 44 -16.21 -25.47 20.27
CA ALA B 44 -16.13 -26.57 19.31
C ALA B 44 -14.73 -27.15 19.31
N THR B 45 -14.62 -28.43 18.95
CA THR B 45 -13.36 -29.14 19.02
C THR B 45 -12.84 -29.59 17.66
N ASP B 46 -13.56 -29.32 16.57
CA ASP B 46 -13.12 -29.73 15.25
C ASP B 46 -13.81 -28.86 14.21
N MET B 47 -13.52 -29.15 12.94
CA MET B 47 -14.14 -28.41 11.85
C MET B 47 -15.64 -28.68 11.76
N ALA B 48 -16.05 -29.92 12.00
CA ALA B 48 -17.46 -30.28 11.88
C ALA B 48 -18.32 -29.50 12.87
N GLY B 49 -17.87 -29.41 14.12
CA GLY B 49 -18.63 -28.66 15.10
C GLY B 49 -18.73 -27.19 14.77
N ARG B 50 -17.64 -26.60 14.28
CA ARG B 50 -17.65 -25.20 13.88
C ARG B 50 -18.61 -24.96 12.72
N VAL B 51 -18.61 -25.86 11.73
CA VAL B 51 -19.51 -25.71 10.60
C VAL B 51 -20.97 -25.84 11.05
N GLU B 52 -21.25 -26.78 11.95
CA GLU B 52 -22.61 -26.91 12.45
C GLU B 52 -23.04 -25.68 13.24
N SER B 53 -22.14 -25.11 14.03
CA SER B 53 -22.49 -23.98 14.87
C SER B 53 -22.40 -22.63 14.17
N LEU B 54 -21.90 -22.58 12.95
CA LEU B 54 -21.80 -21.32 12.21
C LEU B 54 -22.86 -21.15 11.13
N VAL B 55 -23.10 -22.17 10.30
CA VAL B 55 -24.00 -22.02 9.17
C VAL B 55 -25.03 -23.14 9.12
N GLY B 56 -24.88 -24.16 9.96
CA GLY B 56 -25.78 -25.28 9.96
C GLY B 56 -25.58 -26.17 8.76
N PRO B 57 -26.57 -27.01 8.43
CA PRO B 57 -27.84 -27.24 9.13
C PRO B 57 -27.68 -28.16 10.33
N PRO B 58 -28.66 -28.22 11.23
CA PRO B 58 -28.52 -29.08 12.42
C PRO B 58 -28.34 -30.54 12.05
N GLY B 59 -27.48 -31.22 12.81
CA GLY B 59 -27.22 -32.62 12.60
C GLY B 59 -26.20 -32.95 11.53
N VAL B 60 -25.40 -31.98 11.10
CA VAL B 60 -24.46 -32.21 10.01
C VAL B 60 -23.10 -32.69 10.50
N ALA B 61 -22.78 -32.52 11.78
CA ALA B 61 -21.44 -32.83 12.27
C ALA B 61 -21.14 -34.32 12.14
N LYS B 62 -22.10 -35.18 12.50
CA LYS B 62 -21.87 -36.62 12.41
C LYS B 62 -21.65 -37.04 10.97
N ARG B 63 -22.45 -36.51 10.04
CA ARG B 63 -22.28 -36.88 8.63
C ARG B 63 -20.93 -36.41 8.10
N ILE B 64 -20.51 -35.19 8.48
CA ILE B 64 -19.20 -34.72 8.03
C ILE B 64 -18.09 -35.62 8.57
N ARG B 65 -18.18 -35.97 9.86
CA ARG B 65 -17.16 -36.81 10.46
C ARG B 65 -17.10 -38.18 9.80
N GLU B 66 -18.26 -38.76 9.47
CA GLU B 66 -18.27 -40.06 8.80
C GLU B 66 -17.70 -39.97 7.39
N LEU B 67 -18.08 -38.92 6.64
CA LEU B 67 -17.71 -38.87 5.24
C LEU B 67 -16.26 -38.45 5.03
N VAL B 68 -15.69 -37.68 5.96
CA VAL B 68 -14.32 -37.19 5.76
C VAL B 68 -13.33 -38.35 5.72
N LYS B 69 -13.45 -39.30 6.65
CA LYS B 69 -12.49 -40.40 6.71
C LYS B 69 -12.60 -41.31 5.49
N GLU B 70 -13.76 -41.27 4.82
CA GLU B 70 -13.99 -42.20 3.72
C GLU B 70 -13.52 -41.62 2.40
N TYR B 71 -13.79 -40.34 2.13
CA TYR B 71 -13.46 -39.76 0.83
C TYR B 71 -12.29 -38.78 0.88
N GLY B 72 -12.22 -37.90 1.87
CA GLY B 72 -11.08 -37.02 2.03
C GLY B 72 -11.37 -35.54 2.00
N LYS B 73 -12.57 -35.11 2.41
CA LYS B 73 -12.91 -33.72 2.68
C LYS B 73 -13.08 -32.86 1.42
N GLU B 74 -12.73 -33.39 0.26
CA GLU B 74 -13.06 -32.69 -0.97
C GLU B 74 -14.30 -33.29 -1.63
N ILE B 75 -14.44 -34.61 -1.56
CA ILE B 75 -15.67 -35.25 -2.02
C ILE B 75 -16.75 -35.16 -0.94
N ALA B 76 -16.32 -34.94 0.31
CA ALA B 76 -17.27 -34.85 1.41
C ALA B 76 -18.19 -33.63 1.26
N ALA B 77 -17.64 -32.51 0.80
CA ALA B 77 -18.47 -31.33 0.56
C ALA B 77 -19.53 -31.61 -0.51
N LEU B 78 -19.12 -32.28 -1.59
CA LEU B 78 -20.07 -32.63 -2.64
C LEU B 78 -21.15 -33.56 -2.12
N LYS B 79 -20.77 -34.55 -1.31
CA LYS B 79 -21.75 -35.47 -0.74
C LYS B 79 -22.73 -34.74 0.17
N ILE B 80 -22.23 -33.80 0.97
CA ILE B 80 -23.10 -33.03 1.86
C ILE B 80 -24.07 -32.18 1.04
N VAL B 81 -23.59 -31.58 -0.05
CA VAL B 81 -24.47 -30.80 -0.93
C VAL B 81 -25.57 -31.69 -1.48
N ASP B 82 -25.19 -32.88 -1.96
CA ASP B 82 -26.18 -33.80 -2.52
C ASP B 82 -27.20 -34.20 -1.47
N GLU B 83 -26.77 -34.48 -0.24
CA GLU B 83 -27.70 -34.87 0.80
C GLU B 83 -28.62 -33.73 1.19
N ILE B 84 -28.12 -32.50 1.21
CA ILE B 84 -28.95 -31.36 1.57
C ILE B 84 -30.00 -31.11 0.50
N ILE B 85 -29.62 -31.25 -0.78
CA ILE B 85 -30.60 -31.06 -1.85
C ILE B 85 -31.72 -32.09 -1.76
N GLU B 86 -31.37 -33.35 -1.48
CA GLU B 86 -32.37 -34.41 -1.40
C GLU B 86 -33.33 -34.23 -0.21
N GLY B 87 -32.99 -33.38 0.75
CA GLY B 87 -33.86 -33.16 1.89
C GLY B 87 -33.62 -34.07 3.06
N LYS B 88 -32.46 -34.71 3.16
CA LYS B 88 -32.18 -35.60 4.28
C LYS B 88 -32.11 -34.83 5.60
N PHE B 89 -31.77 -33.55 5.56
CA PHE B 89 -31.64 -32.73 6.76
C PHE B 89 -32.85 -31.82 6.97
N GLY B 90 -34.01 -32.22 6.49
CA GLY B 90 -35.23 -31.47 6.68
C GLY B 90 -35.70 -30.78 5.41
N ASP B 91 -36.94 -30.32 5.46
CA ASP B 91 -37.56 -29.60 4.35
C ASP B 91 -37.32 -28.11 4.56
N LEU B 92 -36.51 -27.51 3.68
CA LEU B 92 -36.14 -26.10 3.85
C LEU B 92 -37.18 -25.16 3.27
N GLY B 93 -37.86 -25.57 2.20
CA GLY B 93 -38.85 -24.73 1.58
C GLY B 93 -38.67 -24.60 0.08
N SER B 94 -38.42 -23.39 -0.40
CA SER B 94 -38.24 -23.13 -1.83
C SER B 94 -36.84 -23.56 -2.27
N ARG B 95 -36.65 -23.56 -3.60
CA ARG B 95 -35.37 -23.98 -4.16
C ARG B 95 -34.25 -22.99 -3.83
N GLU B 96 -34.59 -21.70 -3.70
CA GLU B 96 -33.58 -20.71 -3.34
C GLU B 96 -33.01 -20.99 -1.95
N LYS B 97 -33.87 -21.40 -1.02
CA LYS B 97 -33.39 -21.71 0.34
C LYS B 97 -32.44 -22.90 0.33
N TYR B 98 -32.79 -23.96 -0.41
CA TYR B 98 -31.89 -25.10 -0.55
C TYR B 98 -30.56 -24.67 -1.14
N ALA B 99 -30.60 -23.85 -2.19
CA ALA B 99 -29.37 -23.42 -2.83
C ALA B 99 -28.50 -22.61 -1.88
N GLU B 100 -29.11 -21.69 -1.13
CA GLU B 100 -28.35 -20.87 -0.20
C GLU B 100 -27.71 -21.71 0.89
N GLN B 101 -28.48 -22.62 1.48
CA GLN B 101 -27.93 -23.47 2.54
C GLN B 101 -26.80 -24.35 2.01
N ALA B 102 -26.99 -24.95 0.83
CA ALA B 102 -25.96 -25.82 0.29
C ALA B 102 -24.68 -25.05 -0.01
N VAL B 103 -24.81 -23.86 -0.60
CA VAL B 103 -23.62 -23.07 -0.93
C VAL B 103 -22.88 -22.68 0.34
N ARG B 104 -23.61 -22.20 1.35
CA ARG B 104 -22.95 -21.78 2.59
C ARG B 104 -22.26 -22.96 3.26
N THR B 105 -22.94 -24.10 3.38
CA THR B 105 -22.34 -25.26 4.05
C THR B 105 -21.10 -25.75 3.31
N ALA B 106 -21.17 -25.85 1.98
CA ALA B 106 -20.04 -26.36 1.21
C ALA B 106 -18.85 -25.41 1.29
N LEU B 107 -19.08 -24.11 1.17
CA LEU B 107 -17.98 -23.16 1.29
C LEU B 107 -17.37 -23.19 2.68
N ALA B 108 -18.21 -23.35 3.71
CA ALA B 108 -17.69 -23.44 5.08
C ALA B 108 -16.83 -24.69 5.25
N ILE B 109 -17.25 -25.82 4.68
CA ILE B 109 -16.47 -27.05 4.79
C ILE B 109 -15.13 -26.90 4.06
N LEU B 110 -15.14 -26.30 2.87
CA LEU B 110 -13.88 -26.17 2.13
C LEU B 110 -12.96 -25.14 2.78
N THR B 111 -13.52 -24.14 3.46
CA THR B 111 -12.73 -23.08 4.07
C THR B 111 -12.33 -23.39 5.51
N GLU B 112 -12.84 -24.48 6.08
CA GLU B 112 -12.56 -25.01 7.42
C GLU B 112 -13.25 -24.27 8.55
N GLY B 113 -14.20 -23.39 8.26
CA GLY B 113 -15.04 -22.80 9.28
C GLY B 113 -14.46 -21.60 10.00
N ILE B 114 -13.30 -21.08 9.56
CA ILE B 114 -12.70 -19.95 10.26
C ILE B 114 -13.07 -18.64 9.58
N VAL B 115 -12.89 -18.56 8.26
CA VAL B 115 -13.14 -17.31 7.55
C VAL B 115 -14.63 -17.02 7.49
N SER B 116 -14.97 -15.73 7.57
CA SER B 116 -16.35 -15.29 7.61
C SER B 116 -16.96 -15.07 6.24
N ALA B 117 -16.40 -15.70 5.20
CA ALA B 117 -16.98 -15.58 3.87
C ALA B 117 -18.39 -16.17 3.80
N PRO B 118 -18.66 -17.40 4.24
CA PRO B 118 -20.04 -17.92 4.14
C PRO B 118 -21.06 -17.13 4.94
N ILE B 119 -20.65 -16.41 5.99
CA ILE B 119 -21.61 -15.70 6.82
C ILE B 119 -21.90 -14.31 6.28
N GLU B 120 -20.86 -13.55 5.93
CA GLU B 120 -21.03 -12.15 5.55
C GLU B 120 -20.68 -11.85 4.10
N GLY B 121 -19.75 -12.60 3.50
CA GLY B 121 -19.36 -12.30 2.14
C GLY B 121 -20.46 -12.52 1.13
N ILE B 122 -21.23 -13.59 1.29
CA ILE B 122 -22.33 -13.92 0.39
C ILE B 122 -23.62 -13.41 1.00
N ALA B 123 -24.35 -12.60 0.23
CA ALA B 123 -25.58 -11.99 0.72
C ALA B 123 -26.82 -12.81 0.38
N ASN B 124 -27.02 -13.08 -0.91
CA ASN B 124 -28.22 -13.77 -1.36
C ASN B 124 -27.85 -14.78 -2.45
N VAL B 125 -28.75 -15.74 -2.66
CA VAL B 125 -28.70 -16.65 -3.79
C VAL B 125 -30.07 -16.64 -4.44
N LYS B 126 -30.12 -16.30 -5.73
CA LYS B 126 -31.39 -16.08 -6.41
C LYS B 126 -31.39 -16.77 -7.77
N ILE B 127 -32.60 -17.04 -8.26
CA ILE B 127 -32.84 -17.64 -9.57
C ILE B 127 -33.34 -16.53 -10.50
N LYS B 128 -32.73 -16.41 -11.66
CA LYS B 128 -33.09 -15.41 -12.65
C LYS B 128 -33.10 -16.04 -14.03
N ARG B 129 -33.81 -15.40 -14.96
CA ARG B 129 -34.04 -15.94 -16.30
C ARG B 129 -33.35 -15.08 -17.35
N ASN B 130 -32.89 -15.75 -18.41
CA ASN B 130 -32.23 -15.08 -19.53
C ASN B 130 -33.30 -14.54 -20.46
N THR B 131 -33.86 -13.38 -20.09
CA THR B 131 -34.98 -12.82 -20.85
C THR B 131 -34.59 -12.50 -22.28
N TRP B 132 -33.37 -12.00 -22.49
CA TRP B 132 -32.99 -11.53 -23.81
C TRP B 132 -32.68 -12.68 -24.76
N ALA B 133 -32.14 -13.78 -24.24
CA ALA B 133 -31.63 -14.83 -25.13
C ALA B 133 -32.63 -15.95 -25.38
N ASP B 134 -32.95 -16.72 -24.36
CA ASP B 134 -33.73 -17.95 -24.52
C ASP B 134 -34.79 -18.14 -23.45
N ASN B 135 -34.89 -17.23 -22.49
CA ASN B 135 -35.83 -17.36 -21.36
C ASN B 135 -35.54 -18.63 -20.56
N SER B 136 -34.27 -18.91 -20.32
CA SER B 136 -33.86 -20.05 -19.51
C SER B 136 -33.34 -19.59 -18.16
N GLU B 137 -33.50 -20.46 -17.16
CA GLU B 137 -33.13 -20.11 -15.78
C GLU B 137 -31.64 -20.29 -15.54
N TYR B 138 -31.09 -19.45 -14.67
CA TYR B 138 -29.69 -19.55 -14.28
C TYR B 138 -29.54 -19.13 -12.83
N LEU B 139 -28.42 -19.51 -12.23
CA LEU B 139 -28.15 -19.23 -10.83
C LEU B 139 -27.27 -17.99 -10.69
N ALA B 140 -27.57 -17.17 -9.69
CA ALA B 140 -26.85 -15.92 -9.46
C ALA B 140 -26.40 -15.85 -8.01
N LEU B 141 -25.18 -15.35 -7.80
CA LEU B 141 -24.61 -15.19 -6.47
C LEU B 141 -24.33 -13.71 -6.23
N TYR B 142 -24.83 -13.19 -5.11
CA TYR B 142 -24.63 -11.80 -4.73
C TYR B 142 -23.57 -11.72 -3.65
N TYR B 143 -22.67 -10.74 -3.78
CA TYR B 143 -21.55 -10.59 -2.86
C TYR B 143 -21.64 -9.25 -2.15
N ALA B 144 -21.04 -9.18 -0.98
CA ALA B 144 -21.00 -7.96 -0.18
C ALA B 144 -19.56 -7.47 -0.06
N GLY B 145 -19.39 -6.41 0.73
CA GLY B 145 -18.09 -5.83 0.95
C GLY B 145 -17.09 -6.74 1.63
N PRO B 146 -17.50 -7.41 2.73
CA PRO B 146 -16.60 -8.32 3.43
C PRO B 146 -15.87 -9.36 2.58
N ILE B 147 -16.33 -9.59 1.35
CA ILE B 147 -15.65 -10.56 0.49
C ILE B 147 -14.27 -10.05 0.08
N ARG B 148 -14.04 -8.75 0.23
CA ARG B 148 -12.78 -8.16 -0.21
C ARG B 148 -11.62 -8.50 0.72
N SER B 149 -11.89 -9.03 1.91
CA SER B 149 -10.84 -9.40 2.85
C SER B 149 -10.86 -10.88 3.20
N SER B 150 -11.53 -11.71 2.40
CA SER B 150 -11.65 -13.12 2.67
C SER B 150 -10.54 -13.96 2.03
N GLY B 151 -9.61 -13.34 1.32
CA GLY B 151 -8.53 -14.07 0.70
C GLY B 151 -8.85 -14.51 -0.72
N GLY B 152 -7.78 -14.72 -1.49
CA GLY B 152 -7.97 -15.12 -2.88
C GLY B 152 -8.52 -16.53 -3.03
N THR B 153 -8.11 -17.45 -2.16
CA THR B 153 -8.49 -18.84 -2.32
C THR B 153 -9.95 -19.08 -1.99
N ALA B 154 -10.53 -18.25 -1.11
CA ALA B 154 -11.93 -18.43 -0.75
C ALA B 154 -12.86 -17.90 -1.85
N GLN B 155 -12.36 -17.02 -2.69
CA GLN B 155 -13.20 -16.39 -3.70
C GLN B 155 -13.53 -17.34 -4.85
N ALA B 156 -12.55 -18.13 -5.30
CA ALA B 156 -12.78 -19.04 -6.43
C ALA B 156 -13.63 -20.24 -6.03
N LEU B 157 -13.41 -20.75 -4.82
CA LEU B 157 -14.17 -21.91 -4.35
C LEU B 157 -15.66 -21.59 -4.29
N SER B 158 -16.01 -20.34 -4.05
CA SER B 158 -17.41 -19.93 -4.07
C SER B 158 -18.01 -20.12 -5.46
N VAL B 159 -17.26 -19.73 -6.50
CA VAL B 159 -17.74 -19.92 -7.87
C VAL B 159 -17.89 -21.41 -8.16
N LEU B 160 -16.92 -22.21 -7.74
CA LEU B 160 -17.00 -23.65 -7.97
C LEU B 160 -18.23 -24.25 -7.30
N VAL B 161 -18.49 -23.88 -6.05
CA VAL B 161 -19.63 -24.42 -5.32
C VAL B 161 -20.94 -23.98 -5.95
N GLY B 162 -21.02 -22.72 -6.38
CA GLY B 162 -22.22 -22.26 -7.06
C GLY B 162 -22.49 -23.03 -8.33
N ASP B 163 -21.44 -23.30 -9.10
CA ASP B 163 -21.60 -24.09 -10.32
C ASP B 163 -22.09 -25.50 -10.00
N TYR B 164 -21.52 -26.14 -8.98
CA TYR B 164 -21.96 -27.48 -8.63
C TYR B 164 -23.42 -27.48 -8.20
N VAL B 165 -23.82 -26.49 -7.40
CA VAL B 165 -25.20 -26.45 -6.91
C VAL B 165 -26.17 -26.24 -8.06
N ARG B 166 -25.85 -25.32 -8.98
CA ARG B 166 -26.75 -25.10 -10.11
C ARG B 166 -26.82 -26.33 -11.00
N ARG B 167 -25.72 -27.07 -11.12
CA ARG B 167 -25.75 -28.31 -11.89
C ARG B 167 -26.63 -29.35 -11.21
N LYS B 168 -26.57 -29.42 -9.87
CA LYS B 168 -27.33 -30.44 -9.15
C LYS B 168 -28.81 -30.12 -9.12
N LEU B 169 -29.19 -28.84 -9.15
CA LEU B 169 -30.59 -28.46 -9.13
C LEU B 169 -31.26 -28.54 -10.49
N GLY B 170 -30.55 -28.98 -11.52
CA GLY B 170 -31.11 -29.05 -12.86
C GLY B 170 -31.41 -27.71 -13.49
N LEU B 171 -30.51 -26.74 -13.34
CA LEU B 171 -30.66 -25.43 -13.93
C LEU B 171 -29.78 -25.32 -15.17
N ASP B 172 -29.83 -24.15 -15.81
CA ASP B 172 -29.11 -23.91 -17.06
C ASP B 172 -27.98 -22.91 -16.83
N ARG B 173 -27.27 -22.63 -17.92
CA ARG B 173 -26.10 -21.77 -17.85
C ARG B 173 -26.48 -20.29 -17.86
N PHE B 174 -25.50 -19.44 -17.57
CA PHE B 174 -25.68 -18.00 -17.70
C PHE B 174 -25.18 -17.55 -19.07
N LYS B 175 -26.07 -16.96 -19.86
CA LYS B 175 -25.75 -16.53 -21.21
C LYS B 175 -25.72 -15.01 -21.27
N PRO B 176 -24.55 -14.39 -21.31
CA PRO B 176 -24.48 -12.92 -21.25
C PRO B 176 -24.61 -12.26 -22.61
N SER B 177 -25.13 -11.03 -22.61
CA SER B 177 -25.10 -10.21 -23.81
C SER B 177 -23.73 -9.56 -23.96
N GLU B 178 -23.53 -8.88 -25.08
CA GLU B 178 -22.29 -8.14 -25.27
C GLU B 178 -22.20 -6.97 -24.32
N LYS B 179 -23.34 -6.38 -23.96
CA LYS B 179 -23.34 -5.23 -23.07
C LYS B 179 -22.83 -5.59 -21.68
N HIS B 180 -23.20 -6.78 -21.18
CA HIS B 180 -22.68 -7.23 -19.90
C HIS B 180 -21.16 -7.31 -19.91
N ILE B 181 -20.59 -7.93 -20.94
CA ILE B 181 -19.14 -8.10 -21.02
C ILE B 181 -18.45 -6.75 -21.12
N GLU B 182 -18.99 -5.85 -21.94
CA GLU B 182 -18.40 -4.52 -22.05
C GLU B 182 -18.46 -3.77 -20.73
N ARG B 183 -19.59 -3.88 -20.01
CA ARG B 183 -19.69 -3.22 -18.71
C ARG B 183 -18.68 -3.77 -17.72
N MET B 184 -18.48 -5.09 -17.72
CA MET B 184 -17.50 -5.67 -16.80
C MET B 184 -16.10 -5.20 -17.13
N VAL B 185 -15.76 -5.18 -18.42
CA VAL B 185 -14.43 -4.73 -18.84
C VAL B 185 -14.20 -3.27 -18.43
N GLU B 186 -15.22 -2.44 -18.59
CA GLU B 186 -15.09 -1.05 -18.16
C GLU B 186 -14.99 -0.94 -16.64
N GLU B 187 -15.77 -1.75 -15.91
CA GLU B 187 -15.84 -1.63 -14.47
C GLU B 187 -14.52 -2.00 -13.81
N VAL B 188 -13.87 -3.05 -14.29
CA VAL B 188 -12.60 -3.46 -13.69
C VAL B 188 -11.56 -2.34 -13.81
N ASP B 189 -11.44 -1.78 -15.02
CA ASP B 189 -10.47 -0.72 -15.25
C ASP B 189 -10.81 0.54 -14.45
N LEU B 190 -12.11 0.87 -14.36
CA LEU B 190 -12.50 2.03 -13.59
C LEU B 190 -12.16 1.87 -12.12
N TYR B 191 -12.42 0.70 -11.56
CA TYR B 191 -12.07 0.43 -10.17
C TYR B 191 -10.57 0.58 -9.95
N HIS B 192 -9.77 0.00 -10.85
CA HIS B 192 -8.31 0.09 -10.72
C HIS B 192 -7.86 1.54 -10.79
N ARG B 193 -8.42 2.33 -11.71
CA ARG B 193 -8.00 3.72 -11.84
C ARG B 193 -8.39 4.54 -10.63
N ALA B 194 -9.60 4.33 -10.09
CA ALA B 194 -10.18 5.27 -9.15
C ALA B 194 -9.97 4.87 -7.69
N VAL B 195 -10.39 3.67 -7.28
CA VAL B 195 -10.59 3.46 -5.84
C VAL B 195 -9.44 2.67 -5.23
N THR B 196 -9.01 1.59 -5.88
CA THR B 196 -7.98 0.74 -5.28
C THR B 196 -7.17 0.08 -6.39
N ARG B 197 -5.88 -0.08 -6.12
CA ARG B 197 -4.98 -0.75 -7.05
C ARG B 197 -5.09 -2.25 -6.81
N LEU B 198 -5.66 -2.96 -7.79
CA LEU B 198 -5.75 -4.41 -7.70
C LEU B 198 -4.35 -5.02 -7.72
N GLN B 199 -4.17 -6.06 -6.91
CA GLN B 199 -2.88 -6.74 -6.88
C GLN B 199 -2.57 -7.39 -8.23
N TYR B 200 -3.58 -7.99 -8.86
CA TYR B 200 -3.44 -8.59 -10.18
C TYR B 200 -4.43 -7.93 -11.13
N HIS B 201 -3.90 -7.23 -12.13
CA HIS B 201 -4.73 -6.47 -13.06
C HIS B 201 -4.90 -7.26 -14.35
N PRO B 202 -6.07 -7.82 -14.63
CA PRO B 202 -6.23 -8.64 -15.83
C PRO B 202 -6.30 -7.81 -17.09
N SER B 203 -5.87 -8.40 -18.20
CA SER B 203 -6.05 -7.78 -19.50
C SER B 203 -7.51 -7.88 -19.92
N PRO B 204 -7.99 -6.95 -20.77
CA PRO B 204 -9.39 -7.02 -21.20
C PRO B 204 -9.76 -8.32 -21.91
N GLU B 205 -8.81 -8.90 -22.66
CA GLU B 205 -9.09 -10.18 -23.30
C GLU B 205 -9.33 -11.27 -22.27
N GLU B 206 -8.54 -11.28 -21.19
CA GLU B 206 -8.75 -12.26 -20.13
C GLU B 206 -10.09 -12.05 -19.44
N VAL B 207 -10.47 -10.80 -19.21
CA VAL B 207 -11.78 -10.51 -18.60
C VAL B 207 -12.90 -11.03 -19.49
N ARG B 208 -12.80 -10.78 -20.79
CA ARG B 208 -13.83 -11.28 -21.72
C ARG B 208 -13.87 -12.80 -21.72
N LEU B 209 -12.70 -13.44 -21.72
CA LEU B 209 -12.65 -14.90 -21.72
C LEU B 209 -13.31 -15.46 -20.48
N ALA B 210 -13.05 -14.86 -19.32
CA ALA B 210 -13.69 -15.30 -18.09
C ALA B 210 -15.20 -15.09 -18.14
N MET B 211 -15.63 -13.92 -18.60
CA MET B 211 -17.06 -13.61 -18.64
C MET B 211 -17.82 -14.50 -19.61
N ARG B 212 -17.15 -15.04 -20.63
CA ARG B 212 -17.84 -15.83 -21.64
C ARG B 212 -18.09 -17.27 -21.24
N ASN B 213 -17.53 -17.73 -20.12
CA ASN B 213 -17.55 -19.16 -19.81
C ASN B 213 -18.07 -19.52 -18.42
N ILE B 214 -17.98 -18.63 -17.44
CA ILE B 214 -18.41 -18.96 -16.08
C ILE B 214 -19.91 -19.21 -16.07
N PRO B 215 -20.37 -20.37 -15.60
CA PRO B 215 -21.78 -20.71 -15.72
C PRO B 215 -22.70 -19.97 -14.77
N ILE B 216 -22.18 -19.26 -13.78
CA ILE B 216 -23.00 -18.56 -12.80
C ILE B 216 -22.67 -17.08 -12.85
N GLU B 217 -23.67 -16.27 -12.51
CA GLU B 217 -23.48 -14.82 -12.48
C GLU B 217 -22.70 -14.41 -11.24
N ILE B 218 -21.96 -13.32 -11.37
CA ILE B 218 -21.16 -12.76 -10.28
C ILE B 218 -21.55 -11.30 -10.14
N THR B 219 -22.52 -11.02 -9.27
CA THR B 219 -23.02 -9.66 -9.08
C THR B 219 -23.06 -9.29 -7.61
N GLY B 220 -23.61 -8.11 -7.31
CA GLY B 220 -23.72 -7.68 -5.93
C GLY B 220 -24.30 -6.29 -5.86
N GLU B 221 -24.37 -5.77 -4.64
CA GLU B 221 -24.85 -4.42 -4.42
C GLU B 221 -23.71 -3.42 -4.55
N ALA B 222 -24.07 -2.17 -4.81
CA ALA B 222 -23.09 -1.11 -5.03
C ALA B 222 -22.36 -0.78 -3.73
N THR B 223 -21.03 -0.69 -3.81
CA THR B 223 -20.21 -0.36 -2.65
C THR B 223 -19.65 1.06 -2.71
N ASP B 224 -19.22 1.50 -3.88
CA ASP B 224 -18.66 2.83 -4.07
C ASP B 224 -19.57 3.65 -4.98
N ASP B 225 -19.55 4.96 -4.78
CA ASP B 225 -20.40 5.89 -5.52
C ASP B 225 -19.62 6.45 -6.70
N VAL B 226 -19.46 5.63 -7.73
CA VAL B 226 -18.83 6.03 -8.98
C VAL B 226 -19.69 5.51 -10.13
N GLU B 227 -20.07 6.40 -11.04
CA GLU B 227 -20.91 6.02 -12.16
C GLU B 227 -20.08 5.41 -13.28
N VAL B 228 -20.76 4.76 -14.23
CA VAL B 228 -20.13 4.05 -15.32
C VAL B 228 -20.75 4.49 -16.64
N SER B 229 -20.02 4.29 -17.74
CA SER B 229 -20.50 4.73 -19.05
C SER B 229 -21.68 3.88 -19.52
N HIS B 230 -21.55 2.56 -19.45
CA HIS B 230 -22.64 1.67 -19.83
C HIS B 230 -23.67 1.63 -18.70
N ARG B 231 -24.91 1.98 -19.03
CA ARG B 231 -25.95 2.14 -18.02
C ARG B 231 -27.21 1.39 -18.44
N ASP B 232 -28.05 1.11 -17.46
CA ASP B 232 -29.33 0.43 -17.65
C ASP B 232 -29.16 -0.91 -18.34
N VAL B 233 -28.19 -1.70 -17.88
CA VAL B 233 -27.97 -3.05 -18.39
C VAL B 233 -29.01 -3.97 -17.78
N PRO B 234 -29.75 -4.73 -18.59
CA PRO B 234 -30.79 -5.61 -18.03
C PRO B 234 -30.19 -6.63 -17.08
N GLY B 235 -30.89 -6.87 -15.98
CA GLY B 235 -30.43 -7.79 -14.96
C GLY B 235 -29.50 -7.18 -13.93
N VAL B 236 -29.09 -5.93 -14.09
CA VAL B 236 -28.23 -5.24 -13.13
C VAL B 236 -29.02 -4.05 -12.60
N GLU B 237 -29.22 -4.00 -11.29
CA GLU B 237 -30.12 -3.03 -10.68
C GLU B 237 -29.43 -1.74 -10.25
N THR B 238 -28.10 -1.67 -10.29
CA THR B 238 -27.36 -0.52 -9.81
C THR B 238 -26.55 0.07 -10.94
N ASN B 239 -26.64 1.39 -11.11
CA ASN B 239 -25.78 2.06 -12.08
C ASN B 239 -24.40 2.32 -11.50
N GLN B 240 -24.26 2.23 -10.19
CA GLN B 240 -22.97 2.47 -9.54
C GLN B 240 -22.08 1.24 -9.62
N LEU B 241 -20.81 1.43 -9.28
CA LEU B 241 -19.81 0.37 -9.41
C LEU B 241 -19.96 -0.69 -8.33
N ARG B 242 -19.77 -1.94 -8.70
CA ARG B 242 -19.80 -3.07 -7.79
C ARG B 242 -18.38 -3.55 -7.52
N GLY B 243 -18.03 -3.67 -6.24
CA GLY B 243 -16.65 -3.99 -5.88
C GLY B 243 -16.38 -5.46 -5.62
N GLY B 244 -17.23 -6.09 -4.82
CA GLY B 244 -16.98 -7.47 -4.44
C GLY B 244 -16.94 -8.41 -5.64
N ALA B 245 -17.87 -8.23 -6.57
CA ALA B 245 -17.94 -9.11 -7.74
C ALA B 245 -16.68 -8.99 -8.59
N ILE B 246 -16.22 -7.76 -8.82
CA ILE B 246 -15.07 -7.58 -9.70
C ILE B 246 -13.79 -8.03 -9.01
N LEU B 247 -13.68 -7.83 -7.69
CA LEU B 247 -12.53 -8.38 -6.99
C LEU B 247 -12.53 -9.90 -7.02
N VAL B 248 -13.70 -10.53 -6.89
CA VAL B 248 -13.77 -11.98 -7.05
C VAL B 248 -13.28 -12.39 -8.42
N LEU B 249 -13.81 -11.76 -9.47
CA LEU B 249 -13.43 -12.13 -10.83
C LEU B 249 -11.94 -11.92 -11.07
N ALA B 250 -11.37 -10.84 -10.53
CA ALA B 250 -9.98 -10.52 -10.81
C ALA B 250 -9.02 -11.39 -10.00
N GLU B 251 -9.39 -11.75 -8.78
CA GLU B 251 -8.42 -12.32 -7.85
C GLU B 251 -8.64 -13.79 -7.55
N GLY B 252 -9.88 -14.29 -7.60
CA GLY B 252 -10.10 -15.70 -7.32
C GLY B 252 -9.86 -16.58 -8.53
N VAL B 253 -10.63 -16.39 -9.60
CA VAL B 253 -10.58 -17.31 -10.73
C VAL B 253 -9.32 -17.06 -11.56
N LEU B 254 -8.89 -15.82 -11.67
CA LEU B 254 -7.76 -15.49 -12.55
C LEU B 254 -6.43 -15.64 -11.83
N GLN B 255 -6.27 -14.95 -10.69
CA GLN B 255 -5.00 -14.97 -9.99
C GLN B 255 -4.67 -16.35 -9.45
N LYS B 256 -5.66 -17.04 -8.89
CA LYS B 256 -5.47 -18.35 -8.27
C LYS B 256 -6.02 -19.47 -9.15
N ALA B 257 -5.79 -19.35 -10.46
CA ALA B 257 -6.36 -20.32 -11.39
C ALA B 257 -5.80 -21.72 -11.18
N LYS B 258 -4.50 -21.82 -10.84
CA LYS B 258 -3.88 -23.14 -10.71
C LYS B 258 -4.47 -23.93 -9.54
N LYS B 259 -4.71 -23.28 -8.41
CA LYS B 259 -5.31 -23.97 -7.27
C LYS B 259 -6.72 -24.44 -7.61
N LEU B 260 -7.48 -23.59 -8.31
CA LEU B 260 -8.83 -23.99 -8.71
C LEU B 260 -8.77 -25.17 -9.67
N VAL B 261 -7.81 -25.18 -10.58
CA VAL B 261 -7.65 -26.31 -11.50
C VAL B 261 -7.34 -27.58 -10.72
N LYS B 262 -6.46 -27.48 -9.72
CA LYS B 262 -6.13 -28.65 -8.90
C LYS B 262 -7.36 -29.18 -8.18
N TYR B 263 -8.16 -28.28 -7.60
CA TYR B 263 -9.39 -28.70 -6.93
C TYR B 263 -10.35 -29.35 -7.91
N ILE B 264 -10.47 -28.80 -9.12
CA ILE B 264 -11.37 -29.37 -10.12
C ILE B 264 -10.92 -30.78 -10.47
N ASP B 265 -9.62 -30.98 -10.70
CA ASP B 265 -9.12 -32.30 -11.07
C ASP B 265 -9.32 -33.31 -9.94
N LYS B 266 -9.07 -32.90 -8.69
CA LYS B 266 -9.20 -33.83 -7.59
C LYS B 266 -10.67 -34.16 -7.31
N MET B 267 -11.56 -33.17 -7.43
CA MET B 267 -12.97 -33.39 -7.12
C MET B 267 -13.70 -34.14 -8.22
N GLY B 268 -13.37 -33.89 -9.48
CA GLY B 268 -14.05 -34.51 -10.60
C GLY B 268 -15.09 -33.65 -11.28
N ILE B 269 -14.97 -32.32 -11.19
CA ILE B 269 -15.93 -31.44 -11.84
C ILE B 269 -15.64 -31.37 -13.34
N GLU B 270 -16.69 -31.44 -14.14
CA GLU B 270 -16.58 -31.38 -15.59
C GLU B 270 -17.13 -30.05 -16.09
N GLY B 271 -16.60 -29.58 -17.22
CA GLY B 271 -16.98 -28.32 -17.80
C GLY B 271 -15.99 -27.20 -17.56
N TRP B 272 -14.83 -27.52 -16.97
CA TRP B 272 -13.87 -26.48 -16.63
C TRP B 272 -12.60 -26.59 -17.47
N GLU B 273 -12.73 -27.08 -18.70
CA GLU B 273 -11.61 -27.22 -19.63
C GLU B 273 -10.92 -25.90 -19.93
N TRP B 274 -11.71 -24.84 -20.13
CA TRP B 274 -11.13 -23.56 -20.55
C TRP B 274 -10.12 -23.05 -19.52
N LEU B 275 -10.39 -23.26 -18.23
CA LEU B 275 -9.45 -22.81 -17.21
C LEU B 275 -8.14 -23.59 -17.30
N LYS B 276 -8.22 -24.90 -17.53
CA LYS B 276 -6.99 -25.68 -17.68
C LYS B 276 -6.19 -25.25 -18.89
N GLU B 277 -6.88 -24.98 -20.01
CA GLU B 277 -6.18 -24.50 -21.19
C GLU B 277 -5.52 -23.15 -20.94
N PHE B 278 -6.23 -22.25 -20.25
CA PHE B 278 -5.64 -20.96 -19.91
C PHE B 278 -4.41 -21.12 -19.02
N VAL B 279 -4.48 -22.03 -18.06
CA VAL B 279 -3.33 -22.26 -17.16
C VAL B 279 -2.15 -22.80 -17.94
N GLU B 280 -2.37 -23.80 -18.79
CA GLU B 280 -1.26 -24.40 -19.52
C GLU B 280 -0.68 -23.44 -20.54
N ALA B 281 -1.52 -22.58 -21.12
CA ALA B 281 -1.02 -21.58 -22.06
C ALA B 281 -0.25 -20.48 -21.33
N LYS B 282 -0.65 -20.19 -20.09
CA LYS B 282 0.05 -19.17 -19.31
C LYS B 282 1.50 -19.56 -19.05
N GLU B 283 1.75 -20.84 -18.77
CA GLU B 283 3.10 -21.31 -18.53
C GLU B 283 3.49 -22.41 -19.51
N ASP B 309 38.68 -22.92 -21.84
CA ASP B 309 39.13 -21.56 -22.12
C ASP B 309 38.33 -20.53 -21.33
N MET B 310 37.44 -21.02 -20.47
CA MET B 310 36.62 -20.16 -19.62
C MET B 310 36.66 -20.70 -18.20
N GLY B 311 36.61 -19.78 -17.23
CA GLY B 311 36.63 -20.16 -15.84
C GLY B 311 35.31 -20.68 -15.34
N PHE B 312 35.35 -21.31 -14.18
CA PHE B 312 34.15 -21.87 -13.58
C PHE B 312 33.21 -20.76 -13.08
N TYR B 313 33.76 -19.80 -12.34
CA TYR B 313 32.91 -18.76 -11.74
C TYR B 313 32.45 -17.73 -12.76
N TYR B 314 33.24 -17.47 -13.80
CA TYR B 314 32.76 -16.62 -14.89
C TYR B 314 31.48 -17.20 -15.50
N SER B 315 31.51 -18.48 -15.84
CA SER B 315 30.34 -19.14 -16.42
C SER B 315 29.19 -19.18 -15.43
N LEU B 316 29.49 -19.44 -14.15
CA LEU B 316 28.43 -19.48 -13.15
C LEU B 316 27.75 -18.12 -13.01
N TYR B 317 28.53 -17.05 -13.01
CA TYR B 317 27.95 -15.71 -12.92
C TYR B 317 27.09 -15.41 -14.13
N GLN B 318 27.57 -15.75 -15.33
CA GLN B 318 26.77 -15.48 -16.53
C GLN B 318 25.46 -16.26 -16.51
N LYS B 319 25.51 -17.55 -16.14
CA LYS B 319 24.31 -18.37 -16.14
C LYS B 319 23.34 -17.90 -15.05
N PHE B 320 23.85 -17.48 -13.90
CA PHE B 320 23.01 -16.91 -12.86
C PHE B 320 22.31 -15.65 -13.36
N LYS B 321 23.03 -14.78 -14.07
CA LYS B 321 22.42 -13.56 -14.58
C LYS B 321 21.35 -13.86 -15.62
N GLU B 322 21.59 -14.85 -16.48
CA GLU B 322 20.58 -15.19 -17.48
C GLU B 322 19.34 -15.83 -16.87
N GLU B 323 19.53 -16.83 -16.01
CA GLU B 323 18.40 -17.61 -15.53
C GLU B 323 17.59 -16.87 -14.47
N ILE B 324 18.26 -16.14 -13.58
CA ILE B 324 17.60 -15.36 -12.54
C ILE B 324 17.89 -13.89 -12.78
N ALA B 325 16.83 -13.09 -12.89
CA ALA B 325 16.98 -11.69 -13.25
C ALA B 325 16.63 -10.79 -12.07
N PRO B 326 17.26 -9.62 -11.97
CA PRO B 326 16.93 -8.70 -10.88
C PRO B 326 15.48 -8.23 -10.95
N SER B 327 14.88 -8.04 -9.77
CA SER B 327 13.51 -7.58 -9.64
C SER B 327 13.51 -6.23 -8.95
N ASP B 328 12.84 -5.25 -9.55
CA ASP B 328 12.78 -3.90 -9.01
C ASP B 328 11.37 -3.49 -8.64
N LYS B 329 10.47 -4.45 -8.42
CA LYS B 329 9.10 -4.11 -8.08
C LYS B 329 8.99 -3.50 -6.69
N TYR B 330 9.88 -3.88 -5.77
CA TYR B 330 9.80 -3.40 -4.40
C TYR B 330 10.25 -1.95 -4.29
N ALA B 331 11.10 -1.49 -5.19
CA ALA B 331 11.69 -0.15 -5.12
C ALA B 331 10.96 0.88 -5.98
N LYS B 332 9.78 0.53 -6.51
CA LYS B 332 9.04 1.49 -7.32
C LYS B 332 8.63 2.72 -6.52
N GLU B 333 8.17 2.52 -5.29
CA GLU B 333 7.67 3.59 -4.45
C GLU B 333 8.58 3.77 -3.24
N VAL B 334 8.96 5.01 -2.98
CA VAL B 334 9.73 5.37 -1.79
C VAL B 334 8.98 6.46 -1.05
N ILE B 335 8.73 6.24 0.24
CA ILE B 335 7.98 7.17 1.08
C ILE B 335 8.94 7.82 2.07
N GLY B 336 8.79 9.13 2.25
CA GLY B 336 9.68 9.83 3.17
C GLY B 336 9.59 9.26 4.58
N GLY B 337 10.77 9.01 5.16
CA GLY B 337 10.86 8.37 6.44
C GLY B 337 11.02 6.86 6.40
N ARG B 338 10.88 6.25 5.23
CA ARG B 338 11.09 4.82 5.06
C ARG B 338 12.28 4.58 4.15
N PRO B 339 13.46 4.31 4.69
CA PRO B 339 14.67 4.25 3.86
C PRO B 339 14.74 2.99 3.00
N LEU B 340 15.66 3.03 2.06
CA LEU B 340 15.98 1.90 1.20
C LEU B 340 17.36 1.39 1.57
N PHE B 341 17.47 0.10 1.87
CA PHE B 341 18.69 -0.45 2.46
C PHE B 341 19.62 -1.10 1.44
N SER B 342 19.13 -1.56 0.30
CA SER B 342 19.98 -2.20 -0.67
C SER B 342 19.34 -2.10 -2.05
N ASP B 343 20.18 -1.89 -3.06
CA ASP B 343 19.74 -1.85 -4.44
C ASP B 343 19.50 -3.27 -4.96
N PRO B 344 18.68 -3.43 -6.01
CA PRO B 344 18.31 -4.78 -6.45
C PRO B 344 19.47 -5.62 -6.94
N SER B 345 19.79 -6.68 -6.19
CA SER B 345 20.83 -7.65 -6.54
C SER B 345 22.17 -6.96 -6.78
N LYS B 346 22.66 -6.31 -5.73
CA LYS B 346 23.91 -5.57 -5.82
C LYS B 346 24.85 -5.99 -4.68
N PRO B 347 26.10 -6.31 -4.98
CA PRO B 347 27.04 -6.70 -3.92
C PRO B 347 27.19 -5.61 -2.87
N GLY B 348 27.31 -6.02 -1.62
CA GLY B 348 27.31 -5.11 -0.50
C GLY B 348 25.98 -5.02 0.22
N GLY B 349 24.95 -5.71 -0.25
CA GLY B 349 23.65 -5.67 0.38
C GLY B 349 23.46 -6.73 1.44
N PHE B 350 22.43 -7.56 1.29
CA PHE B 350 22.12 -8.62 2.24
C PHE B 350 22.67 -9.93 1.69
N ARG B 351 23.58 -10.55 2.43
CA ARG B 351 24.00 -11.91 2.09
C ARG B 351 22.88 -12.89 2.37
N LEU B 352 22.81 -13.93 1.55
CA LEU B 352 21.79 -14.96 1.67
C LEU B 352 22.38 -16.17 2.38
N ARG B 353 21.81 -16.51 3.54
CA ARG B 353 22.15 -17.72 4.25
C ARG B 353 20.91 -18.57 4.46
N TYR B 354 21.01 -19.84 4.08
CA TYR B 354 19.88 -20.76 4.12
C TYR B 354 19.77 -21.34 5.53
N GLY B 355 18.62 -21.18 6.15
CA GLY B 355 18.40 -21.75 7.46
C GLY B 355 17.17 -21.19 8.12
N ARG B 356 16.88 -21.72 9.30
CA ARG B 356 15.74 -21.31 10.10
C ARG B 356 16.18 -21.16 11.55
N SER B 357 15.82 -20.05 12.18
CA SER B 357 16.18 -19.79 13.56
C SER B 357 15.10 -20.29 14.51
N ARG B 358 15.35 -20.13 15.81
CA ARG B 358 14.35 -20.46 16.81
C ARG B 358 13.10 -19.59 16.66
N ALA B 359 13.30 -18.32 16.30
CA ALA B 359 12.19 -17.37 16.25
C ALA B 359 11.99 -16.82 14.84
N SER B 360 12.08 -17.67 13.83
CA SER B 360 11.84 -17.27 12.45
C SER B 360 11.51 -18.50 11.63
N GLY B 361 11.16 -18.27 10.37
CA GLY B 361 10.97 -19.37 9.44
C GLY B 361 9.68 -19.34 8.64
N PHE B 362 8.60 -18.85 9.25
CA PHE B 362 7.29 -18.91 8.59
C PHE B 362 7.22 -17.93 7.42
N ALA B 363 7.36 -16.64 7.72
CA ALA B 363 7.68 -15.66 6.68
C ALA B 363 8.68 -14.63 7.19
N THR B 364 9.48 -14.99 8.20
CA THR B 364 10.26 -14.05 8.98
C THR B 364 11.75 -14.19 8.67
N TRP B 365 12.42 -13.08 8.43
CA TRP B 365 13.86 -13.07 8.24
C TRP B 365 14.58 -12.97 9.59
N GLY B 366 15.87 -13.27 9.57
CA GLY B 366 16.70 -13.12 10.75
C GLY B 366 17.96 -12.33 10.47
N ILE B 367 18.19 -11.25 11.22
CA ILE B 367 19.33 -10.38 11.00
C ILE B 367 20.05 -10.13 12.31
N ASN B 368 21.33 -9.78 12.21
CA ASN B 368 22.13 -9.48 13.39
C ASN B 368 21.70 -8.15 14.00
N PRO B 369 21.62 -8.06 15.33
CA PRO B 369 21.22 -6.78 15.95
C PRO B 369 22.17 -5.64 15.66
N ALA B 370 23.43 -5.92 15.33
CA ALA B 370 24.37 -4.86 15.01
C ALA B 370 23.96 -4.11 13.75
N THR B 371 23.33 -4.82 12.80
CA THR B 371 22.83 -4.15 11.60
C THR B 371 21.74 -3.15 11.94
N MET B 372 20.90 -3.47 12.92
CA MET B 372 19.83 -2.57 13.32
C MET B 372 20.38 -1.26 13.88
N ILE B 373 21.46 -1.33 14.67
CA ILE B 373 22.01 -0.14 15.29
C ILE B 373 22.65 0.77 14.26
N LEU B 374 23.45 0.20 13.34
CA LEU B 374 24.24 1.01 12.43
C LEU B 374 23.42 1.64 11.32
N VAL B 375 22.15 1.30 11.20
CA VAL B 375 21.24 2.00 10.29
C VAL B 375 20.41 3.05 11.04
N ASP B 376 20.90 3.51 12.19
CA ASP B 376 20.23 4.54 13.00
C ASP B 376 18.90 4.06 13.54
N GLU B 377 18.81 2.76 13.84
CA GLU B 377 17.66 2.16 14.51
C GLU B 377 16.37 2.34 13.73
N PHE B 378 16.46 2.47 12.41
CA PHE B 378 15.26 2.43 11.58
C PHE B 378 14.61 1.06 11.62
N LEU B 379 15.37 0.04 11.99
CA LEU B 379 14.88 -1.33 12.09
C LEU B 379 14.84 -1.75 13.55
N ALA B 380 13.68 -2.23 13.98
CA ALA B 380 13.48 -2.77 15.33
C ALA B 380 12.81 -4.12 15.21
N ILE B 381 12.79 -4.85 16.32
CA ILE B 381 12.24 -6.20 16.33
C ILE B 381 10.76 -6.14 15.97
N GLY B 382 10.42 -6.73 14.83
CA GLY B 382 9.06 -6.74 14.33
C GLY B 382 8.78 -5.80 13.18
N THR B 383 9.79 -5.11 12.67
CA THR B 383 9.59 -4.18 11.56
C THR B 383 9.45 -4.94 10.25
N GLN B 384 8.49 -4.51 9.42
CA GLN B 384 8.26 -5.16 8.14
C GLN B 384 9.26 -4.68 7.10
N LEU B 385 9.62 -5.57 6.18
CA LEU B 385 10.52 -5.26 5.08
C LEU B 385 9.87 -5.64 3.77
N LYS B 386 9.96 -4.75 2.77
CA LYS B 386 9.60 -5.09 1.41
C LYS B 386 10.78 -5.77 0.73
N THR B 387 10.67 -7.07 0.50
CA THR B 387 11.79 -7.90 0.10
C THR B 387 11.72 -8.19 -1.39
N GLU B 388 12.89 -8.45 -1.99
CA GLU B 388 12.94 -8.64 -3.43
C GLU B 388 12.64 -10.08 -3.83
N ARG B 389 13.52 -11.02 -3.47
CA ARG B 389 13.53 -12.31 -4.13
C ARG B 389 12.47 -13.31 -3.64
N PRO B 390 12.47 -13.72 -2.37
CA PRO B 390 11.61 -14.86 -1.99
C PRO B 390 10.13 -14.53 -2.04
N GLY B 391 9.74 -13.45 -1.36
CA GLY B 391 8.35 -13.04 -1.28
C GLY B 391 8.24 -11.53 -1.34
N LYS B 392 7.05 -11.04 -1.01
CA LYS B 392 6.81 -9.60 -1.05
C LYS B 392 7.18 -8.93 0.26
N GLY B 393 6.93 -9.59 1.39
CA GLY B 393 7.13 -8.98 2.68
C GLY B 393 7.77 -9.93 3.66
N ALA B 394 8.30 -9.36 4.74
CA ALA B 394 8.99 -10.13 5.77
C ALA B 394 9.04 -9.32 7.06
N VAL B 395 9.31 -10.02 8.15
CA VAL B 395 9.46 -9.43 9.47
C VAL B 395 10.83 -9.80 10.00
N VAL B 396 11.44 -8.92 10.77
CA VAL B 396 12.80 -9.12 11.27
C VAL B 396 12.76 -9.67 12.69
N THR B 397 13.82 -10.40 13.05
CA THR B 397 13.98 -11.06 14.34
C THR B 397 15.47 -11.26 14.56
N PRO B 398 15.99 -10.94 15.74
CA PRO B 398 17.45 -10.95 15.95
C PRO B 398 18.03 -12.36 15.94
N VAL B 399 19.15 -12.53 15.25
CA VAL B 399 19.95 -13.75 15.27
C VAL B 399 21.40 -13.34 15.50
N THR B 400 22.03 -13.91 16.53
CA THR B 400 23.35 -13.45 16.94
C THR B 400 24.47 -14.26 16.30
N THR B 401 24.19 -15.49 15.87
CA THR B 401 25.24 -16.35 15.35
C THR B 401 25.75 -15.88 13.98
N ILE B 402 24.87 -15.31 13.16
CA ILE B 402 25.26 -14.89 11.82
C ILE B 402 26.09 -13.60 11.88
N GLU B 403 26.70 -13.27 10.75
CA GLU B 403 27.66 -12.18 10.69
C GLU B 403 26.96 -10.83 10.60
N GLY B 404 27.74 -9.77 10.77
CA GLY B 404 27.25 -8.42 10.76
C GLY B 404 28.00 -7.51 9.83
N PRO B 405 27.75 -6.21 9.93
CA PRO B 405 28.32 -5.25 8.97
C PRO B 405 29.83 -5.08 9.06
N ILE B 406 30.43 -4.68 7.95
CA ILE B 406 31.84 -4.26 7.89
C ILE B 406 31.85 -2.77 7.61
N VAL B 407 32.54 -2.00 8.45
CA VAL B 407 32.45 -0.55 8.43
C VAL B 407 33.83 0.06 8.26
N LYS B 408 33.85 1.28 7.75
CA LYS B 408 35.06 2.07 7.60
C LYS B 408 34.96 3.29 8.52
N LEU B 409 35.94 3.44 9.41
CA LEU B 409 35.92 4.53 10.36
C LEU B 409 36.37 5.83 9.67
N LYS B 410 36.27 6.92 10.43
CA LYS B 410 36.56 8.25 9.89
C LYS B 410 38.05 8.52 9.71
N ASP B 411 38.93 7.65 10.21
CA ASP B 411 40.36 7.81 10.02
C ASP B 411 40.95 6.78 9.06
N GLY B 412 40.11 6.00 8.39
CA GLY B 412 40.56 5.06 7.39
C GLY B 412 40.61 3.62 7.83
N SER B 413 40.42 3.33 9.12
CA SER B 413 40.47 1.96 9.60
C SER B 413 39.23 1.19 9.17
N VAL B 414 39.37 -0.13 9.11
CA VAL B 414 38.29 -1.03 8.72
C VAL B 414 38.06 -2.02 9.85
N LEU B 415 36.80 -2.18 10.25
CA LEU B 415 36.43 -3.05 11.36
C LEU B 415 35.35 -4.02 10.91
N ARG B 416 35.23 -5.12 11.65
CA ARG B 416 34.13 -6.06 11.53
C ARG B 416 33.31 -6.01 12.80
N VAL B 417 32.01 -5.75 12.64
CA VAL B 417 31.11 -5.62 13.79
C VAL B 417 30.15 -6.80 13.84
N ASP B 418 30.38 -7.72 14.78
CA ASP B 418 29.51 -8.86 14.99
C ASP B 418 28.93 -8.90 16.40
N ASP B 419 28.97 -7.79 17.13
CA ASP B 419 28.47 -7.73 18.49
C ASP B 419 27.58 -6.51 18.67
N TYR B 420 26.62 -6.64 19.60
CA TYR B 420 25.77 -5.51 19.97
C TYR B 420 26.59 -4.40 20.62
N ASN B 421 27.47 -4.76 21.55
CA ASN B 421 28.24 -3.75 22.29
C ASN B 421 29.19 -2.99 21.37
N LEU B 422 29.85 -3.69 20.45
CA LEU B 422 30.76 -3.01 19.53
C LEU B 422 30.01 -2.02 18.66
N ALA B 423 28.83 -2.39 18.18
CA ALA B 423 28.02 -1.45 17.39
C ALA B 423 27.60 -0.27 18.24
N LEU B 424 27.23 -0.50 19.50
CA LEU B 424 26.89 0.60 20.39
C LEU B 424 28.07 1.51 20.66
N LYS B 425 29.30 0.99 20.55
CA LYS B 425 30.48 1.75 20.92
C LYS B 425 31.01 2.60 19.78
N VAL B 426 30.94 2.10 18.55
CA VAL B 426 31.64 2.72 17.43
C VAL B 426 30.66 3.34 16.42
N ARG B 427 29.41 3.56 16.84
CA ARG B 427 28.42 4.11 15.92
C ARG B 427 28.76 5.53 15.48
N GLU B 428 29.27 6.35 16.41
CA GLU B 428 29.49 7.76 16.12
C GLU B 428 30.68 8.00 15.19
N ASP B 429 31.57 7.03 15.05
CA ASP B 429 32.76 7.18 14.22
C ASP B 429 32.64 6.49 12.88
N VAL B 430 31.44 6.07 12.49
CA VAL B 430 31.27 5.31 11.25
C VAL B 430 31.12 6.28 10.09
N GLU B 431 31.88 6.04 9.02
CA GLU B 431 31.83 6.86 7.81
C GLU B 431 31.19 6.15 6.63
N GLU B 432 31.40 4.85 6.47
CA GLU B 432 30.84 4.11 5.35
C GLU B 432 30.54 2.69 5.80
N ILE B 433 29.47 2.12 5.26
CA ILE B 433 29.07 0.74 5.54
C ILE B 433 29.38 -0.07 4.29
N LEU B 434 30.53 -0.73 4.28
CA LEU B 434 30.96 -1.48 3.11
C LEU B 434 30.07 -2.68 2.84
N TYR B 435 29.63 -3.37 3.90
CA TYR B 435 28.72 -4.50 3.76
C TYR B 435 27.68 -4.43 4.87
N LEU B 436 26.43 -4.74 4.53
CA LEU B 436 25.35 -4.66 5.52
C LEU B 436 25.40 -5.82 6.51
N GLY B 437 25.43 -7.04 6.01
CA GLY B 437 25.40 -8.20 6.88
C GLY B 437 24.77 -9.38 6.18
N ASP B 438 24.15 -10.25 6.98
CA ASP B 438 23.58 -11.48 6.50
C ASP B 438 22.09 -11.52 6.78
N ALA B 439 21.37 -12.32 5.99
CA ALA B 439 19.96 -12.59 6.19
C ALA B 439 19.75 -14.10 6.19
N VAL B 440 18.92 -14.59 7.12
CA VAL B 440 18.62 -16.00 7.23
C VAL B 440 17.21 -16.22 6.70
N ILE B 441 17.11 -16.92 5.57
CA ILE B 441 15.84 -17.18 4.91
C ILE B 441 15.68 -18.69 4.78
N ALA B 442 14.49 -19.20 5.06
CA ALA B 442 14.27 -20.63 5.11
C ALA B 442 13.97 -21.21 3.73
N PHE B 443 14.16 -22.52 3.61
CA PHE B 443 13.88 -23.23 2.37
C PHE B 443 12.37 -23.32 2.11
N GLY B 444 11.58 -23.32 3.19
CA GLY B 444 10.14 -23.40 3.03
C GLY B 444 9.55 -22.21 2.30
N ASP B 445 10.11 -21.03 2.50
CA ASP B 445 9.66 -19.86 1.76
C ASP B 445 9.93 -20.00 0.27
N PHE B 446 11.10 -20.55 -0.09
CA PHE B 446 11.39 -20.81 -1.49
C PHE B 446 10.40 -21.82 -2.08
N VAL B 447 10.06 -22.86 -1.31
CA VAL B 447 9.07 -23.82 -1.79
C VAL B 447 7.71 -23.15 -1.98
N GLU B 448 7.32 -22.31 -1.02
CA GLU B 448 5.99 -21.70 -1.06
C GLU B 448 5.84 -20.75 -2.23
N ASN B 449 6.85 -19.92 -2.47
CA ASN B 449 6.76 -18.91 -3.53
C ASN B 449 7.27 -19.40 -4.87
N ASN B 450 7.66 -20.67 -4.97
CA ASN B 450 8.13 -21.27 -6.23
C ASN B 450 9.31 -20.48 -6.81
N GLN B 451 10.27 -20.15 -5.95
CA GLN B 451 11.42 -19.36 -6.36
C GLN B 451 12.61 -20.27 -6.64
N THR B 452 13.21 -20.09 -7.81
CA THR B 452 14.37 -20.91 -8.18
C THR B 452 15.52 -20.67 -7.23
N LEU B 453 16.22 -21.74 -6.88
CA LEU B 453 17.29 -21.66 -5.89
C LEU B 453 18.43 -20.80 -6.41
N LEU B 454 18.91 -19.88 -5.56
CA LEU B 454 20.07 -19.06 -5.85
C LEU B 454 21.34 -19.78 -5.41
N PRO B 455 22.48 -19.55 -6.05
CA PRO B 455 23.72 -20.18 -5.60
C PRO B 455 24.04 -19.86 -4.16
N ALA B 456 24.37 -20.89 -3.38
CA ALA B 456 24.59 -20.71 -1.95
C ALA B 456 25.98 -20.17 -1.66
N ASN B 457 26.06 -19.25 -0.71
CA ASN B 457 27.34 -18.74 -0.24
C ASN B 457 28.00 -19.75 0.69
N TYR B 458 29.30 -19.61 0.87
CA TYR B 458 30.05 -20.59 1.64
C TYR B 458 30.01 -20.23 3.13
N CYS B 459 29.65 -21.21 3.95
CA CYS B 459 29.38 -20.98 5.36
C CYS B 459 29.93 -22.13 6.18
N GLU B 460 29.68 -22.07 7.49
CA GLU B 460 30.32 -23.01 8.42
C GLU B 460 29.69 -24.40 8.35
N GLU B 461 28.37 -24.47 8.16
CA GLU B 461 27.70 -25.76 8.13
C GLU B 461 28.11 -26.58 6.92
N TRP B 462 28.35 -25.93 5.78
CA TRP B 462 28.92 -26.62 4.63
C TRP B 462 30.32 -27.14 4.93
N TRP B 463 31.13 -26.31 5.59
CA TRP B 463 32.52 -26.69 5.86
C TRP B 463 32.60 -27.86 6.82
N ILE B 464 31.72 -27.90 7.82
CA ILE B 464 31.77 -28.99 8.79
C ILE B 464 31.36 -30.32 8.13
N LEU B 465 30.41 -30.27 7.20
CA LEU B 465 30.02 -31.46 6.48
C LEU B 465 31.17 -31.96 5.61
N GLU B 466 31.87 -31.04 4.94
CA GLU B 466 33.06 -31.45 4.20
C GLU B 466 34.13 -32.05 5.11
N PHE B 467 34.30 -31.47 6.30
CA PHE B 467 35.27 -31.96 7.27
C PHE B 467 34.98 -33.42 7.65
N VAL B 468 33.73 -33.70 8.04
CA VAL B 468 33.39 -35.05 8.48
C VAL B 468 33.45 -36.03 7.32
N LYS B 469 33.07 -35.59 6.12
CA LYS B 469 33.17 -36.47 4.95
C LYS B 469 34.62 -36.82 4.65
N ALA B 470 35.52 -35.84 4.74
CA ALA B 470 36.94 -36.12 4.52
C ALA B 470 37.48 -37.09 5.55
N LEU B 471 37.10 -36.92 6.82
CA LEU B 471 37.53 -37.86 7.84
C LEU B 471 37.04 -39.26 7.54
N LYS B 472 35.77 -39.39 7.15
CA LYS B 472 35.23 -40.72 6.83
C LYS B 472 35.96 -41.35 5.65
N GLU B 473 36.27 -40.58 4.62
CA GLU B 473 36.92 -41.14 3.44
C GLU B 473 38.37 -41.56 3.73
N ILE B 474 39.10 -40.76 4.50
CA ILE B 474 40.52 -41.04 4.69
C ILE B 474 40.74 -42.03 5.82
N TYR B 475 40.23 -41.72 7.02
CA TYR B 475 40.58 -42.47 8.22
C TYR B 475 39.49 -43.43 8.67
N GLU B 476 38.35 -43.46 8.00
CA GLU B 476 37.24 -44.34 8.34
C GLU B 476 36.76 -44.14 9.77
N VAL B 477 36.51 -42.89 10.13
CA VAL B 477 35.96 -42.52 11.43
C VAL B 477 34.65 -41.77 11.20
N HIS B 478 33.60 -42.22 11.86
CA HIS B 478 32.24 -41.70 11.65
C HIS B 478 31.91 -40.70 12.73
N LEU B 479 31.60 -39.47 12.34
CA LEU B 479 31.23 -38.40 13.24
C LEU B 479 30.03 -37.65 12.69
N GLU B 480 29.25 -37.05 13.58
CA GLU B 480 28.04 -36.35 13.21
C GLU B 480 28.03 -34.93 13.78
N PRO B 481 27.79 -33.91 12.94
CA PRO B 481 27.71 -32.55 13.47
C PRO B 481 26.44 -32.31 14.25
N PHE B 482 26.49 -31.32 15.14
CA PHE B 482 25.37 -30.79 15.90
C PHE B 482 24.82 -31.76 16.95
N THR B 483 25.45 -32.92 17.12
CA THR B 483 24.99 -33.88 18.12
C THR B 483 26.12 -34.27 19.07
N GLU B 484 25.88 -35.28 19.90
CA GLU B 484 26.87 -35.77 20.86
C GLU B 484 27.42 -37.09 20.33
N ASN B 485 28.69 -37.08 19.93
CA ASN B 485 29.32 -38.26 19.37
C ASN B 485 29.91 -39.14 20.46
N GLU B 486 30.24 -40.38 20.09
CA GLU B 486 30.82 -41.31 21.03
C GLU B 486 32.26 -40.92 21.34
N GLU B 487 32.70 -41.22 22.57
CA GLU B 487 34.00 -40.75 23.03
C GLU B 487 35.15 -41.41 22.29
N GLU B 488 35.03 -42.70 22.00
CA GLU B 488 36.14 -43.42 21.38
C GLU B 488 36.44 -42.90 19.98
N SER B 489 35.40 -42.55 19.21
CA SER B 489 35.61 -41.97 17.90
C SER B 489 36.33 -40.63 18.00
N ILE B 490 35.94 -39.81 18.98
CA ILE B 490 36.60 -38.52 19.19
C ILE B 490 38.07 -38.75 19.51
N GLU B 491 38.37 -39.70 20.39
CA GLU B 491 39.76 -39.97 20.75
C GLU B 491 40.56 -40.46 19.55
N GLU B 492 39.97 -41.33 18.73
CA GLU B 492 40.67 -41.85 17.57
C GLU B 492 40.95 -40.75 16.55
N ALA B 493 39.96 -39.90 16.28
CA ALA B 493 40.17 -38.79 15.35
C ALA B 493 41.22 -37.83 15.89
N SER B 494 41.21 -37.57 17.20
CA SER B 494 42.20 -36.67 17.78
C SER B 494 43.61 -37.26 17.70
N ASP B 495 43.74 -38.57 17.90
CA ASP B 495 45.04 -39.21 17.74
C ASP B 495 45.52 -39.10 16.30
N TYR B 496 44.62 -39.29 15.34
CA TYR B 496 45.01 -39.21 13.94
C TYR B 496 45.41 -37.78 13.56
N LEU B 497 44.68 -36.78 14.04
CA LEU B 497 44.91 -35.39 13.68
C LEU B 497 45.82 -34.65 14.65
N GLU B 498 46.11 -35.21 15.82
CA GLU B 498 46.96 -34.58 16.82
C GLU B 498 46.41 -33.24 17.30
N ILE B 499 45.16 -33.25 17.75
CA ILE B 499 44.53 -32.08 18.35
C ILE B 499 43.85 -32.49 19.66
N ASP B 500 43.40 -31.50 20.41
CA ASP B 500 42.77 -31.77 21.70
C ASP B 500 41.36 -32.33 21.49
N PRO B 501 41.03 -33.47 22.10
CA PRO B 501 39.68 -34.04 21.90
C PRO B 501 38.56 -33.13 22.37
N GLU B 502 38.77 -32.38 23.45
CA GLU B 502 37.72 -31.48 23.94
C GLU B 502 37.42 -30.39 22.91
N PHE B 503 38.46 -29.83 22.28
CA PHE B 503 38.24 -28.82 21.26
C PHE B 503 37.48 -29.39 20.07
N LEU B 504 37.82 -30.60 19.65
CA LEU B 504 37.11 -31.22 18.52
C LEU B 504 35.65 -31.46 18.88
N LYS B 505 35.38 -31.93 20.10
CA LYS B 505 34.01 -32.15 20.53
C LYS B 505 33.22 -30.84 20.54
N GLU B 506 33.82 -29.77 21.07
CA GLU B 506 33.11 -28.50 21.13
C GLU B 506 32.91 -27.90 19.74
N MET B 507 33.85 -28.10 18.83
CA MET B 507 33.68 -27.58 17.47
C MET B 507 32.60 -28.35 16.72
N LEU B 508 32.56 -29.67 16.89
CA LEU B 508 31.53 -30.46 16.21
C LEU B 508 30.15 -30.18 16.81
N ARG B 509 30.08 -29.89 18.10
CA ARG B 509 28.78 -29.66 18.72
C ARG B 509 28.20 -28.30 18.34
N ASP B 510 29.03 -27.26 18.28
CA ASP B 510 28.60 -25.91 17.93
C ASP B 510 29.55 -25.31 16.89
N PRO B 511 29.41 -25.69 15.63
CA PRO B 511 30.33 -25.19 14.60
C PRO B 511 30.17 -23.70 14.29
N LEU B 512 29.03 -23.10 14.61
CA LEU B 512 28.82 -21.69 14.30
C LEU B 512 29.57 -20.77 15.26
N ARG B 513 29.63 -21.13 16.54
CA ARG B 513 30.22 -20.26 17.54
C ARG B 513 31.67 -20.59 17.85
N VAL B 514 32.10 -21.82 17.61
CA VAL B 514 33.47 -22.25 17.90
C VAL B 514 34.20 -22.43 16.58
N LYS B 515 35.29 -21.68 16.40
CA LYS B 515 36.06 -21.67 15.17
C LYS B 515 37.53 -21.92 15.46
N PRO B 516 38.23 -22.66 14.59
CA PRO B 516 39.64 -22.91 14.82
C PRO B 516 40.47 -21.68 14.51
N PRO B 517 41.65 -21.56 15.08
CA PRO B 517 42.58 -20.52 14.65
C PRO B 517 43.05 -20.75 13.22
N VAL B 518 43.72 -19.75 12.66
CA VAL B 518 44.06 -19.77 11.24
C VAL B 518 45.03 -20.90 10.92
N GLU B 519 45.94 -21.19 11.86
CA GLU B 519 46.96 -22.24 11.64
C GLU B 519 46.32 -23.63 11.59
N LEU B 520 45.25 -23.90 12.36
CA LEU B 520 44.52 -25.16 12.25
C LEU B 520 43.74 -25.23 10.96
N ALA B 521 43.18 -24.10 10.50
CA ALA B 521 42.47 -24.11 9.23
C ALA B 521 43.40 -24.44 8.07
N ILE B 522 44.57 -23.82 8.05
CA ILE B 522 45.54 -24.12 6.98
C ILE B 522 46.01 -25.57 7.06
N HIS B 523 46.27 -26.08 8.27
CA HIS B 523 46.68 -27.47 8.42
C HIS B 523 45.59 -28.43 7.96
N PHE B 524 44.33 -28.13 8.29
CA PHE B 524 43.22 -28.97 7.83
C PHE B 524 43.13 -28.97 6.32
N SER B 525 43.30 -27.79 5.70
CA SER B 525 43.23 -27.71 4.24
C SER B 525 44.34 -28.51 3.60
N GLU B 526 45.56 -28.44 4.15
CA GLU B 526 46.67 -29.17 3.55
C GLU B 526 46.54 -30.67 3.75
N VAL B 527 46.15 -31.11 4.95
CA VAL B 527 46.14 -32.54 5.23
C VAL B 527 44.89 -33.20 4.66
N LEU B 528 43.70 -32.71 5.01
CA LEU B 528 42.46 -33.37 4.65
C LEU B 528 42.00 -33.11 3.23
N GLY B 529 42.40 -31.98 2.64
CA GLY B 529 42.01 -31.66 1.28
C GLY B 529 40.76 -30.82 1.14
N ILE B 530 40.17 -30.37 2.25
CA ILE B 530 38.97 -29.54 2.22
C ILE B 530 39.37 -28.09 1.92
N PRO B 531 38.46 -27.24 1.47
CA PRO B 531 38.80 -25.84 1.24
C PRO B 531 39.11 -25.08 2.52
N LEU B 532 39.39 -23.80 2.36
CA LEU B 532 39.70 -22.94 3.50
C LEU B 532 38.43 -22.62 4.28
N HIS B 533 38.62 -22.32 5.57
CA HIS B 533 37.49 -21.99 6.44
C HIS B 533 36.80 -20.73 5.95
N PRO B 534 35.47 -20.69 5.92
CA PRO B 534 34.78 -19.51 5.38
C PRO B 534 35.01 -18.24 6.19
N TYR B 535 35.42 -18.35 7.45
CA TYR B 535 35.66 -17.17 8.26
C TYR B 535 36.86 -16.38 7.75
N TYR B 536 37.88 -17.08 7.27
CA TYR B 536 39.13 -16.44 6.85
C TYR B 536 39.20 -16.21 5.35
N THR B 537 38.09 -16.32 4.63
CA THR B 537 38.05 -16.08 3.19
C THR B 537 37.53 -14.67 2.93
N LEU B 538 38.31 -13.87 2.22
CA LEU B 538 37.90 -12.52 1.88
C LEU B 538 37.05 -12.52 0.61
N TYR B 539 36.41 -11.39 0.35
CA TYR B 539 35.57 -11.22 -0.84
C TYR B 539 36.46 -11.05 -2.05
N TRP B 540 37.03 -12.17 -2.51
CA TRP B 540 38.03 -12.12 -3.57
C TRP B 540 37.43 -11.81 -4.93
N ASN B 541 36.17 -12.16 -5.16
CA ASN B 541 35.55 -11.93 -6.46
C ASN B 541 34.94 -10.54 -6.60
N SER B 542 35.06 -9.70 -5.59
CA SER B 542 34.55 -8.33 -5.67
C SER B 542 35.54 -7.36 -6.28
N VAL B 543 36.71 -7.82 -6.70
CA VAL B 543 37.72 -6.97 -7.30
C VAL B 543 38.21 -7.63 -8.59
N GLU B 544 38.50 -6.81 -9.59
CA GLU B 544 39.02 -7.31 -10.85
C GLU B 544 40.43 -7.85 -10.68
N PRO B 545 40.83 -8.80 -11.54
CA PRO B 545 42.19 -9.35 -11.41
C PRO B 545 43.31 -8.34 -11.60
N LYS B 546 43.07 -7.24 -12.32
CA LYS B 546 44.11 -6.24 -12.53
C LYS B 546 44.48 -5.55 -11.23
N ASP B 547 43.50 -5.26 -10.38
CA ASP B 547 43.78 -4.66 -9.08
C ASP B 547 44.64 -5.57 -8.23
N VAL B 548 44.33 -6.87 -8.23
CA VAL B 548 45.16 -7.82 -7.50
C VAL B 548 46.55 -7.89 -8.11
N GLU B 549 46.66 -7.76 -9.43
CA GLU B 549 47.96 -7.78 -10.08
C GLU B 549 48.82 -6.62 -9.62
N LYS B 550 48.25 -5.42 -9.51
CA LYS B 550 49.01 -4.28 -9.02
C LYS B 550 49.35 -4.43 -7.54
N LEU B 551 48.38 -4.90 -6.73
CA LEU B 551 48.62 -5.09 -5.32
C LEU B 551 49.74 -6.10 -5.07
N TRP B 552 49.86 -7.10 -5.94
CA TRP B 552 50.90 -8.10 -5.78
C TRP B 552 52.29 -7.48 -5.88
N ARG B 553 52.51 -6.65 -6.90
CA ARG B 553 53.81 -5.98 -7.03
C ARG B 553 54.05 -5.01 -5.91
N LEU B 554 53.01 -4.28 -5.48
CA LEU B 554 53.19 -3.35 -4.36
C LEU B 554 53.62 -4.09 -3.10
N LEU B 555 52.96 -5.21 -2.80
CA LEU B 555 53.30 -5.99 -1.61
C LEU B 555 54.68 -6.60 -1.72
N LYS B 556 55.07 -7.04 -2.92
CA LYS B 556 56.40 -7.64 -3.08
C LYS B 556 57.49 -6.60 -2.89
N ASN B 557 57.28 -5.38 -3.39
CA ASN B 557 58.36 -4.40 -3.38
C ASN B 557 58.43 -3.61 -2.07
N TYR B 558 57.32 -3.01 -1.64
CA TYR B 558 57.37 -1.99 -0.59
C TYR B 558 56.78 -2.43 0.74
N ALA B 559 56.71 -3.72 1.03
CA ALA B 559 56.08 -4.20 2.26
C ALA B 559 57.06 -4.97 3.12
N GLU B 560 56.94 -4.78 4.43
CA GLU B 560 57.71 -5.54 5.42
C GLU B 560 56.79 -6.52 6.12
N ILE B 561 57.16 -7.80 6.11
CA ILE B 561 56.30 -8.88 6.60
C ILE B 561 57.06 -9.69 7.64
N GLU B 562 56.38 -10.03 8.73
CA GLU B 562 56.94 -10.89 9.76
C GLU B 562 56.31 -12.29 9.64
N TRP B 563 57.16 -13.31 9.62
CA TRP B 563 56.73 -14.67 9.35
C TRP B 563 56.68 -15.49 10.63
N SER B 564 56.04 -16.66 10.53
CA SER B 564 55.94 -17.59 11.62
C SER B 564 55.79 -19.00 11.06
N ASN B 565 56.06 -19.99 11.88
CA ASN B 565 55.98 -21.39 11.49
C ASN B 565 55.04 -22.14 12.41
N PHE B 566 54.26 -23.05 11.85
CA PHE B 566 53.35 -23.90 12.60
C PHE B 566 53.35 -25.28 11.94
N ARG B 567 54.06 -26.23 12.54
CA ARG B 567 54.12 -27.61 12.05
C ARG B 567 54.61 -27.66 10.61
N GLY B 568 55.64 -26.87 10.30
CA GLY B 568 56.20 -26.86 8.97
C GLY B 568 55.46 -26.02 7.95
N ILE B 569 54.50 -25.21 8.37
CA ILE B 569 53.72 -24.36 7.49
C ILE B 569 54.07 -22.92 7.77
N LYS B 570 54.40 -22.17 6.72
CA LYS B 570 54.81 -20.78 6.85
C LYS B 570 53.60 -19.88 6.62
N PHE B 571 53.30 -19.02 7.59
CA PHE B 571 52.21 -18.07 7.47
C PHE B 571 52.65 -16.71 7.99
N ALA B 572 52.02 -15.67 7.47
CA ALA B 572 52.38 -14.31 7.83
C ALA B 572 51.80 -13.93 9.19
N LYS B 573 52.38 -12.87 9.78
CA LYS B 573 51.94 -12.42 11.09
C LYS B 573 51.66 -10.93 11.12
N LYS B 574 52.37 -10.16 10.31
CA LYS B 574 52.21 -8.70 10.30
C LYS B 574 52.67 -8.15 8.95
N ILE B 575 51.96 -7.13 8.47
CA ILE B 575 52.28 -6.43 7.23
C ILE B 575 52.25 -4.94 7.52
N VAL B 576 53.33 -4.23 7.15
CA VAL B 576 53.42 -2.79 7.30
C VAL B 576 53.86 -2.21 5.96
N ILE B 577 53.06 -1.28 5.43
CA ILE B 577 53.37 -0.63 4.16
C ILE B 577 52.97 0.84 4.26
N SER B 578 53.77 1.71 3.65
CA SER B 578 53.53 3.15 3.73
C SER B 578 52.36 3.55 2.85
N GLN B 579 51.67 4.61 3.28
CA GLN B 579 50.45 5.03 2.60
C GLN B 579 50.74 5.63 1.22
N GLU B 580 51.83 6.41 1.10
CA GLU B 580 52.11 7.08 -0.16
C GLU B 580 52.47 6.08 -1.25
N LYS B 581 53.16 5.00 -0.89
CA LYS B 581 53.52 3.99 -1.88
C LYS B 581 52.31 3.16 -2.28
N LEU B 582 51.39 2.93 -1.34
CA LEU B 582 50.20 2.13 -1.65
C LEU B 582 49.32 2.82 -2.67
N GLY B 583 49.10 4.12 -2.52
CA GLY B 583 48.32 4.85 -3.51
C GLY B 583 46.86 4.45 -3.45
N ASP B 584 46.28 4.19 -4.62
CA ASP B 584 44.86 3.88 -4.74
C ASP B 584 44.56 2.40 -4.50
N SER B 585 45.57 1.58 -4.20
CA SER B 585 45.32 0.18 -3.89
C SER B 585 44.65 -0.02 -2.53
N LYS B 586 44.53 1.04 -1.73
CA LYS B 586 43.83 0.92 -0.46
C LYS B 586 42.36 0.61 -0.64
N ARG B 587 41.76 1.08 -1.73
CA ARG B 587 40.36 0.76 -2.01
C ARG B 587 40.17 -0.74 -2.27
N THR B 588 41.18 -1.39 -2.85
CA THR B 588 41.10 -2.83 -3.06
C THR B 588 41.01 -3.57 -1.73
N LEU B 589 41.77 -3.13 -0.73
CA LEU B 589 41.70 -3.75 0.59
C LEU B 589 40.32 -3.55 1.21
N GLU B 590 39.74 -2.37 1.06
CA GLU B 590 38.41 -2.11 1.58
C GLU B 590 37.36 -2.98 0.89
N LEU B 591 37.45 -3.11 -0.43
CA LEU B 591 36.50 -3.94 -1.16
C LEU B 591 36.70 -5.42 -0.87
N LEU B 592 37.91 -5.82 -0.48
CA LEU B 592 38.18 -7.19 -0.06
C LEU B 592 37.69 -7.48 1.35
N GLY B 593 37.27 -6.46 2.10
CA GLY B 593 36.88 -6.64 3.49
C GLY B 593 38.01 -7.04 4.41
N LEU B 594 39.17 -6.40 4.27
CA LEU B 594 40.33 -6.74 5.08
C LEU B 594 40.53 -5.70 6.17
N PRO B 595 40.35 -6.06 7.44
CA PRO B 595 40.60 -5.09 8.52
C PRO B 595 42.05 -4.63 8.56
N HIS B 596 42.23 -3.34 8.82
CA HIS B 596 43.54 -2.73 8.91
C HIS B 596 43.40 -1.38 9.62
N THR B 597 44.53 -0.79 9.98
CA THR B 597 44.57 0.49 10.66
C THR B 597 45.56 1.42 10.00
N VAL B 598 45.33 2.72 10.16
CA VAL B 598 46.22 3.76 9.65
C VAL B 598 46.86 4.45 10.86
N ARG B 599 48.19 4.41 10.93
CA ARG B 599 48.92 4.96 12.06
C ARG B 599 50.27 5.49 11.59
N ASP B 600 50.54 6.76 11.89
CA ASP B 600 51.82 7.39 11.58
C ASP B 600 52.13 7.32 10.09
N GLY B 601 51.11 7.47 9.26
CA GLY B 601 51.30 7.41 7.83
C GLY B 601 51.57 6.03 7.28
N ASN B 602 51.19 4.98 8.00
CA ASN B 602 51.41 3.60 7.58
C ASN B 602 50.12 2.82 7.70
N VAL B 603 50.01 1.75 6.90
CA VAL B 603 48.88 0.82 6.96
C VAL B 603 49.39 -0.48 7.57
N ILE B 604 48.77 -0.89 8.68
CA ILE B 604 49.20 -2.08 9.42
C ILE B 604 48.09 -3.11 9.34
N VAL B 605 48.46 -4.35 8.99
CA VAL B 605 47.54 -5.47 8.95
C VAL B 605 47.91 -6.40 10.10
N ASP B 606 46.93 -6.76 10.92
CA ASP B 606 47.16 -7.46 12.18
C ASP B 606 47.34 -8.95 11.95
N TYR B 607 47.32 -9.67 13.07
CA TYR B 607 47.65 -11.12 13.05
C TYR B 607 46.72 -11.98 12.20
N PRO B 608 45.44 -12.18 12.53
CA PRO B 608 44.67 -13.21 11.81
C PRO B 608 44.44 -12.88 10.35
N TRP B 609 44.60 -11.62 9.95
CA TRP B 609 44.19 -11.22 8.61
C TRP B 609 45.36 -11.16 7.64
N ALA B 610 46.58 -11.00 8.16
CA ALA B 610 47.75 -11.08 7.29
C ALA B 610 47.85 -12.45 6.63
N ALA B 611 47.62 -13.51 7.41
CA ALA B 611 47.60 -14.85 6.84
C ALA B 611 46.43 -15.02 5.89
N ALA B 612 45.28 -14.43 6.23
CA ALA B 612 44.12 -14.53 5.35
C ALA B 612 44.38 -13.88 4.00
N LEU B 613 45.22 -12.84 3.97
CA LEU B 613 45.49 -12.16 2.71
C LEU B 613 46.62 -12.83 1.94
N LEU B 614 47.67 -13.29 2.61
CA LEU B 614 48.87 -13.75 1.92
C LEU B 614 48.88 -15.24 1.62
N THR B 615 48.02 -16.03 2.26
CA THR B 615 48.09 -17.48 2.05
C THR B 615 47.45 -17.90 0.73
N PRO B 616 46.25 -17.41 0.36
CA PRO B 616 45.70 -17.77 -0.96
C PRO B 616 46.54 -17.28 -2.13
N LEU B 617 47.49 -16.37 -1.91
CA LEU B 617 48.39 -15.91 -2.95
C LEU B 617 49.71 -16.67 -2.96
N GLY B 618 49.84 -17.70 -2.13
CA GLY B 618 51.05 -18.51 -2.14
C GLY B 618 52.26 -17.87 -1.50
N ASN B 619 52.05 -16.90 -0.60
CA ASN B 619 53.15 -16.20 0.08
C ASN B 619 54.13 -15.60 -0.92
N LEU B 620 53.60 -15.06 -2.01
CA LEU B 620 54.34 -14.37 -3.06
C LEU B 620 55.30 -15.28 -3.82
N ASN B 621 55.08 -16.59 -3.78
CA ASN B 621 55.96 -17.50 -4.52
C ASN B 621 55.65 -17.50 -6.01
N TRP B 622 54.37 -17.47 -6.37
CA TRP B 622 53.94 -17.45 -7.77
C TRP B 622 53.29 -16.12 -8.09
N GLU B 623 53.59 -15.59 -9.28
CA GLU B 623 53.11 -14.28 -9.67
C GLU B 623 51.66 -14.33 -10.14
N PHE B 624 50.92 -13.26 -9.82
CA PHE B 624 49.52 -13.14 -10.17
C PHE B 624 49.40 -12.32 -11.45
N MET B 625 48.85 -12.93 -12.50
CA MET B 625 48.69 -12.30 -13.79
C MET B 625 47.24 -12.39 -14.22
N ALA B 626 46.68 -11.27 -14.66
CA ALA B 626 45.29 -11.25 -15.09
C ALA B 626 45.16 -11.80 -16.51
N LYS B 627 44.13 -12.62 -16.72
CA LYS B 627 43.89 -13.24 -18.00
C LYS B 627 42.40 -13.17 -18.35
N PRO B 628 42.06 -13.08 -19.63
CA PRO B 628 40.65 -12.91 -20.01
C PRO B 628 39.83 -14.15 -19.71
N LEU B 629 38.53 -13.91 -19.49
CA LEU B 629 37.54 -14.97 -19.26
C LEU B 629 37.83 -15.75 -17.98
N TYR B 630 38.47 -15.11 -17.01
CA TYR B 630 38.78 -15.74 -15.72
C TYR B 630 38.44 -14.76 -14.60
N ALA B 631 38.12 -15.32 -13.43
CA ALA B 631 37.88 -14.53 -12.23
C ALA B 631 39.06 -14.67 -11.28
N THR B 632 38.99 -13.95 -10.16
CA THR B 632 40.10 -13.97 -9.20
C THR B 632 40.24 -15.34 -8.55
N ILE B 633 39.11 -15.92 -8.12
CA ILE B 633 39.16 -17.22 -7.46
C ILE B 633 39.61 -18.30 -8.43
N ASP B 634 39.23 -18.19 -9.71
CA ASP B 634 39.69 -19.17 -10.69
C ASP B 634 41.21 -19.13 -10.85
N ILE B 635 41.77 -17.93 -10.94
CA ILE B 635 43.22 -17.80 -11.06
C ILE B 635 43.90 -18.32 -9.81
N ILE B 636 43.32 -18.04 -8.63
CA ILE B 636 43.89 -18.56 -7.39
C ILE B 636 43.88 -20.08 -7.38
N ASN B 637 42.75 -20.68 -7.74
CA ASN B 637 42.60 -22.12 -7.63
C ASN B 637 43.42 -22.85 -8.70
N GLU B 638 43.75 -22.16 -9.79
CA GLU B 638 44.51 -22.81 -10.85
C GLU B 638 45.91 -23.21 -10.39
N ASN B 639 46.58 -22.34 -9.63
CA ASN B 639 48.00 -22.53 -9.30
C ASN B 639 48.24 -22.25 -7.82
N ASN B 640 47.40 -22.82 -6.95
CA ASN B 640 47.62 -22.74 -5.51
C ASN B 640 47.24 -24.07 -4.87
N GLU B 641 47.91 -24.38 -3.76
CA GLU B 641 47.67 -25.66 -3.09
C GLU B 641 46.36 -25.63 -2.31
N ILE B 642 46.06 -24.53 -1.66
CA ILE B 642 44.85 -24.39 -0.83
C ILE B 642 43.76 -23.73 -1.66
N LYS B 643 42.62 -24.39 -1.77
CA LYS B 643 41.53 -23.90 -2.61
C LYS B 643 40.57 -23.05 -1.78
N LEU B 644 39.72 -22.32 -2.50
CA LEU B 644 38.76 -21.40 -1.90
C LEU B 644 37.40 -21.60 -2.56
N ARG B 645 36.37 -21.04 -1.93
CA ARG B 645 35.04 -21.00 -2.51
C ARG B 645 34.42 -19.62 -2.31
N ASP B 646 33.45 -19.30 -3.18
CA ASP B 646 32.88 -17.97 -3.25
C ASP B 646 32.07 -17.68 -1.99
N ARG B 647 32.17 -16.45 -1.51
CA ARG B 647 31.55 -16.10 -0.24
C ARG B 647 30.44 -15.08 -0.41
N GLY B 648 30.43 -14.36 -1.54
CA GLY B 648 29.47 -13.31 -1.78
C GLY B 648 28.78 -13.39 -3.13
N ILE B 649 28.43 -14.60 -3.57
CA ILE B 649 27.87 -14.76 -4.91
C ILE B 649 26.43 -14.25 -4.98
N SER B 650 25.65 -14.42 -3.92
CA SER B 650 24.22 -14.11 -3.93
C SER B 650 23.91 -12.94 -3.00
N TRP B 651 23.10 -12.00 -3.48
CA TRP B 651 22.73 -10.80 -2.74
C TRP B 651 21.25 -10.51 -2.92
N ILE B 652 20.65 -9.87 -1.92
CA ILE B 652 19.23 -9.56 -1.91
C ILE B 652 19.03 -8.12 -1.45
N GLY B 653 18.07 -7.44 -2.05
CA GLY B 653 17.71 -6.08 -1.68
C GLY B 653 16.41 -6.04 -0.91
N ALA B 654 16.18 -4.96 -0.17
CA ALA B 654 15.00 -4.82 0.67
C ALA B 654 14.73 -3.35 0.94
N ARG B 655 13.52 -3.07 1.42
CA ARG B 655 13.06 -1.73 1.77
C ARG B 655 12.16 -1.80 2.99
N MET B 656 12.05 -0.69 3.71
CA MET B 656 11.32 -0.64 4.97
C MET B 656 9.88 -0.21 4.74
N GLY B 657 8.96 -0.85 5.47
CA GLY B 657 7.58 -0.38 5.53
C GLY B 657 6.92 -0.87 6.80
N ARG B 658 5.90 -0.12 7.23
CA ARG B 658 5.01 -0.51 8.33
C ARG B 658 5.74 -0.90 9.60
N PRO B 659 6.20 0.07 10.40
CA PRO B 659 6.87 -0.26 11.66
C PRO B 659 6.04 -1.16 12.56
N GLU B 660 6.70 -1.72 13.57
CA GLU B 660 6.05 -2.65 14.48
C GLU B 660 4.99 -1.96 15.32
N LYS B 661 4.02 -2.75 15.80
CA LYS B 661 2.88 -2.23 16.55
C LYS B 661 2.59 -3.09 17.78
N ALA B 662 2.39 -2.43 18.92
CA ALA B 662 1.89 -3.06 20.12
C ALA B 662 1.14 -2.05 20.97
N LYS B 663 -0.18 -2.01 20.85
CA LYS B 663 -0.98 -0.98 21.51
C LYS B 663 -2.41 -1.48 21.69
N GLU B 664 -3.12 -0.86 22.63
CA GLU B 664 -4.51 -1.21 22.86
C GLU B 664 -5.40 -0.59 21.79
N ARG B 665 -6.63 -1.10 21.71
CA ARG B 665 -7.56 -0.73 20.65
C ARG B 665 -8.63 0.20 21.21
N LYS B 666 -8.84 1.33 20.52
CA LYS B 666 -9.88 2.28 20.86
C LYS B 666 -10.72 2.54 19.61
N MET B 667 -12.04 2.66 19.79
CA MET B 667 -12.88 3.10 18.69
C MET B 667 -12.59 4.56 18.39
N LYS B 668 -12.92 4.99 17.17
CA LYS B 668 -12.38 6.24 16.61
C LYS B 668 -12.62 7.43 17.56
N PRO B 669 -13.82 7.64 18.08
CA PRO B 669 -13.93 8.34 19.36
C PRO B 669 -13.91 7.32 20.50
N PRO B 670 -13.03 7.51 21.48
CA PRO B 670 -12.95 6.55 22.58
C PRO B 670 -14.29 6.36 23.28
N VAL B 671 -14.62 5.11 23.56
CA VAL B 671 -15.91 4.72 24.14
C VAL B 671 -15.64 3.80 25.32
N GLN B 672 -16.32 4.06 26.44
CA GLN B 672 -16.19 3.26 27.65
C GLN B 672 -17.45 2.50 28.01
N VAL B 673 -18.59 2.82 27.39
CA VAL B 673 -19.85 2.11 27.62
C VAL B 673 -20.71 2.27 26.38
N LEU B 674 -21.47 1.23 26.06
CA LEU B 674 -22.33 1.23 24.88
C LEU B 674 -23.74 1.68 25.27
N PHE B 675 -23.87 2.98 25.54
CA PHE B 675 -25.11 3.59 25.96
C PHE B 675 -25.35 4.84 25.11
N PRO B 676 -26.51 4.97 24.46
CA PRO B 676 -26.75 6.12 23.60
C PRO B 676 -27.00 7.39 24.39
N ILE B 677 -26.39 8.48 23.93
CA ILE B 677 -26.57 9.78 24.56
C ILE B 677 -26.96 10.89 23.60
N GLY B 678 -26.77 10.72 22.29
CA GLY B 678 -27.12 11.78 21.37
C GLY B 678 -26.17 12.97 21.45
N LEU B 679 -26.71 14.15 21.18
CA LEU B 679 -25.94 15.38 21.23
C LEU B 679 -25.97 16.06 22.59
N ALA B 680 -26.61 15.44 23.58
CA ALA B 680 -26.71 16.04 24.91
C ALA B 680 -25.41 16.00 25.69
N GLY B 681 -24.39 15.29 25.19
CA GLY B 681 -23.14 15.17 25.93
C GLY B 681 -21.98 15.90 25.30
N GLY B 682 -22.16 16.41 24.09
CA GLY B 682 -21.10 17.11 23.39
C GLY B 682 -20.35 16.21 22.43
N SER B 683 -19.26 16.76 21.90
CA SER B 683 -18.43 16.01 20.96
C SER B 683 -17.81 14.79 21.63
N SER B 684 -17.34 14.94 22.86
CA SER B 684 -16.78 13.82 23.61
C SER B 684 -17.84 12.83 24.07
N ARG B 685 -19.12 13.19 24.00
CA ARG B 685 -20.23 12.30 24.35
C ARG B 685 -20.09 11.82 25.80
N ASP B 686 -20.12 12.78 26.72
CA ASP B 686 -19.89 12.52 28.14
C ASP B 686 -21.23 12.44 28.85
N ILE B 687 -21.53 11.25 29.38
CA ILE B 687 -22.77 11.07 30.14
C ILE B 687 -22.71 11.82 31.46
N LYS B 688 -21.54 11.86 32.09
CA LYS B 688 -21.40 12.58 33.36
C LYS B 688 -21.66 14.07 33.19
N LYS B 689 -21.15 14.66 32.11
CA LYS B 689 -21.37 16.07 31.85
C LYS B 689 -22.85 16.36 31.63
N ALA B 690 -23.54 15.49 30.89
CA ALA B 690 -24.97 15.66 30.68
C ALA B 690 -25.74 15.48 31.98
N ALA B 691 -25.25 14.62 32.88
CA ALA B 691 -25.94 14.42 34.15
C ALA B 691 -25.77 15.62 35.07
N GLU B 692 -24.60 16.26 35.03
CA GLU B 692 -24.37 17.43 35.88
C GLU B 692 -25.30 18.58 35.50
N GLU B 693 -25.51 18.80 34.20
CA GLU B 693 -26.38 19.88 33.75
C GLU B 693 -27.86 19.50 33.76
N GLY B 694 -28.18 18.24 33.98
CA GLY B 694 -29.58 17.82 34.04
C GLY B 694 -30.34 17.96 32.74
N LYS B 695 -29.73 17.58 31.63
CA LYS B 695 -30.37 17.68 30.33
C LYS B 695 -31.28 16.48 30.07
N VAL B 696 -32.16 16.64 29.08
CA VAL B 696 -33.06 15.58 28.62
C VAL B 696 -32.67 15.24 27.20
N ALA B 697 -32.39 13.95 26.95
CA ALA B 697 -31.90 13.49 25.67
C ALA B 697 -32.96 12.64 24.98
N GLU B 698 -33.19 12.91 23.70
CA GLU B 698 -34.14 12.15 22.88
C GLU B 698 -33.35 11.18 22.02
N VAL B 699 -33.21 9.95 22.50
CA VAL B 699 -32.44 8.92 21.80
C VAL B 699 -33.37 7.80 21.38
N GLU B 700 -32.84 6.82 20.66
CA GLU B 700 -33.61 5.71 20.10
C GLU B 700 -33.16 4.44 20.81
N ILE B 701 -33.97 3.97 21.75
CA ILE B 701 -33.55 2.97 22.73
C ILE B 701 -34.71 2.04 23.05
N ALA B 702 -34.40 0.88 23.61
CA ALA B 702 -35.43 -0.08 23.98
C ALA B 702 -35.66 -0.09 25.49
N PHE B 703 -36.91 -0.29 25.88
CA PHE B 703 -37.29 -0.35 27.28
C PHE B 703 -37.84 -1.73 27.65
N PHE B 704 -38.02 -1.94 28.95
CA PHE B 704 -38.51 -3.18 29.52
C PHE B 704 -39.61 -2.88 30.53
N LYS B 705 -40.51 -3.84 30.72
CA LYS B 705 -41.67 -3.67 31.61
C LYS B 705 -41.72 -4.79 32.64
N CYS B 706 -41.88 -4.42 33.89
CA CYS B 706 -41.97 -5.40 34.98
C CYS B 706 -43.37 -6.02 35.02
N PRO B 707 -43.47 -7.35 35.08
CA PRO B 707 -44.80 -7.98 35.04
C PRO B 707 -45.71 -7.60 36.19
N LYS B 708 -45.17 -7.32 37.37
CA LYS B 708 -45.99 -7.11 38.56
C LYS B 708 -46.32 -5.64 38.81
N CYS B 709 -45.30 -4.79 38.92
CA CYS B 709 -45.52 -3.39 39.29
C CYS B 709 -45.66 -2.45 38.11
N GLY B 710 -45.24 -2.87 36.92
CA GLY B 710 -45.42 -2.04 35.74
C GLY B 710 -44.36 -0.99 35.52
N HIS B 711 -43.18 -1.13 36.11
CA HIS B 711 -42.11 -0.17 35.89
C HIS B 711 -41.58 -0.29 34.47
N VAL B 712 -41.31 0.86 33.84
CA VAL B 712 -40.78 0.91 32.48
C VAL B 712 -39.44 1.62 32.53
N GLY B 713 -38.39 0.94 32.05
CA GLY B 713 -37.06 1.48 32.08
C GLY B 713 -36.08 0.69 31.23
N PRO B 714 -34.94 1.30 30.93
CA PRO B 714 -33.95 0.61 30.06
C PRO B 714 -33.21 -0.52 30.74
N GLU B 715 -33.34 -0.68 32.06
CA GLU B 715 -32.65 -1.74 32.77
C GLU B 715 -33.38 -3.07 32.63
N HIS B 716 -32.73 -4.15 33.07
CA HIS B 716 -33.33 -5.48 32.98
C HIS B 716 -34.04 -5.87 34.27
N LEU B 717 -33.39 -5.70 35.42
CA LEU B 717 -33.99 -6.04 36.71
C LEU B 717 -34.77 -4.85 37.24
N CYS B 718 -35.93 -5.13 37.81
CA CYS B 718 -36.78 -4.07 38.34
C CYS B 718 -36.12 -3.45 39.56
N PRO B 719 -36.02 -2.11 39.61
CA PRO B 719 -35.37 -1.45 40.76
C PRO B 719 -36.12 -1.60 42.07
N ASN B 720 -37.39 -2.02 42.06
CA ASN B 720 -38.17 -2.12 43.28
C ASN B 720 -38.44 -3.58 43.67
N CYS B 721 -39.05 -4.36 42.78
CA CYS B 721 -39.34 -5.75 43.11
C CYS B 721 -38.07 -6.59 43.14
N GLY B 722 -37.22 -6.44 42.14
CA GLY B 722 -36.10 -7.32 41.94
C GLY B 722 -36.36 -8.48 41.01
N THR B 723 -37.25 -8.33 40.03
CA THR B 723 -37.65 -9.40 39.13
C THR B 723 -37.37 -8.99 37.70
N ARG B 724 -37.07 -9.99 36.86
CA ARG B 724 -36.68 -9.71 35.49
C ARG B 724 -37.86 -9.18 34.68
N LYS B 725 -37.57 -8.21 33.82
CA LYS B 725 -38.58 -7.51 33.03
C LYS B 725 -38.63 -8.07 31.61
N GLU B 726 -39.66 -7.67 30.87
CA GLU B 726 -39.94 -8.15 29.53
C GLU B 726 -39.82 -7.02 28.52
N LEU B 727 -39.38 -7.36 27.31
CA LEU B 727 -39.17 -6.35 26.28
C LEU B 727 -40.50 -5.82 25.76
N LEU B 728 -40.50 -4.54 25.38
CA LEU B 728 -41.67 -3.87 24.84
C LEU B 728 -41.51 -3.67 23.34
N TRP B 729 -42.51 -4.09 22.56
CA TRP B 729 -42.53 -3.90 21.13
C TRP B 729 -43.51 -2.79 20.77
N VAL B 730 -43.07 -1.89 19.88
CA VAL B 730 -43.87 -0.75 19.48
C VAL B 730 -44.28 -0.89 18.03
N CYS B 731 -45.47 -0.37 17.71
CA CYS B 731 -45.98 -0.30 16.35
C CYS B 731 -45.62 1.04 15.74
N PRO B 732 -44.96 1.06 14.58
CA PRO B 732 -44.47 2.33 14.02
C PRO B 732 -45.57 3.33 13.72
N ARG B 733 -46.81 2.89 13.50
CA ARG B 733 -47.86 3.82 13.12
C ARG B 733 -48.73 4.25 14.31
N CYS B 734 -49.33 3.29 15.02
CA CYS B 734 -50.27 3.63 16.08
C CYS B 734 -49.61 3.82 17.44
N ASN B 735 -48.33 3.47 17.58
CA ASN B 735 -47.58 3.65 18.82
C ASN B 735 -48.26 2.95 20.00
N ALA B 736 -48.31 1.63 19.92
CA ALA B 736 -48.86 0.79 20.98
C ALA B 736 -47.77 -0.11 21.53
N GLU B 737 -47.81 -0.32 22.85
CA GLU B 737 -46.82 -1.12 23.55
C GLU B 737 -47.37 -2.52 23.78
N TYR B 738 -46.58 -3.53 23.44
CA TYR B 738 -46.96 -4.92 23.63
C TYR B 738 -45.82 -5.66 24.33
N PRO B 739 -46.09 -6.35 25.44
CA PRO B 739 -45.04 -7.15 26.08
C PRO B 739 -44.58 -8.30 25.21
N GLU B 740 -43.59 -9.05 25.68
CA GLU B 740 -43.00 -10.11 24.86
C GLU B 740 -43.98 -11.26 24.62
N SER B 741 -44.72 -11.64 25.66
CA SER B 741 -45.66 -12.77 25.52
C SER B 741 -46.73 -12.47 24.48
N GLN B 742 -47.34 -11.28 24.56
CA GLN B 742 -48.36 -10.93 23.60
C GLN B 742 -47.78 -10.79 22.19
N ALA B 743 -46.59 -10.23 22.08
CA ALA B 743 -45.96 -10.08 20.77
C ALA B 743 -45.69 -11.45 20.13
N GLU B 744 -45.23 -12.41 20.94
CA GLU B 744 -45.05 -13.76 20.44
C GLU B 744 -46.38 -14.38 20.04
N GLY B 745 -47.42 -14.15 20.83
CA GLY B 745 -48.73 -14.69 20.49
C GLY B 745 -49.30 -14.06 19.23
N TYR B 746 -49.07 -12.76 19.04
CA TYR B 746 -49.66 -12.07 17.90
C TYR B 746 -48.82 -12.25 16.64
N ASN B 747 -47.77 -13.08 16.73
CA ASN B 747 -46.86 -13.32 15.61
C ASN B 747 -46.19 -12.02 15.17
N TYR B 748 -45.92 -11.13 16.12
CA TYR B 748 -45.17 -9.90 15.89
C TYR B 748 -45.82 -9.05 14.79
N THR B 749 -47.14 -8.93 14.84
CA THR B 749 -47.88 -8.09 13.91
C THR B 749 -49.00 -7.37 14.66
N CYS B 750 -49.15 -6.08 14.41
CA CYS B 750 -50.19 -5.31 15.06
C CYS B 750 -51.55 -5.69 14.49
N PRO B 751 -52.51 -6.14 15.32
CA PRO B 751 -53.81 -6.53 14.76
C PRO B 751 -54.53 -5.40 14.05
N LYS B 752 -54.41 -4.16 14.56
CA LYS B 752 -55.11 -3.04 13.95
C LYS B 752 -54.47 -2.60 12.64
N CYS B 753 -53.15 -2.49 12.61
CA CYS B 753 -52.45 -1.92 11.47
C CYS B 753 -51.94 -2.94 10.47
N ASN B 754 -51.81 -4.20 10.89
CA ASN B 754 -51.25 -5.26 10.05
C ASN B 754 -49.87 -4.88 9.51
N VAL B 755 -49.03 -4.34 10.40
CA VAL B 755 -47.67 -3.96 10.06
C VAL B 755 -46.71 -4.65 11.03
N LYS B 756 -45.44 -4.70 10.64
CA LYS B 756 -44.44 -5.39 11.43
C LYS B 756 -43.99 -4.52 12.59
N LEU B 757 -43.86 -5.13 13.77
CA LEU B 757 -43.49 -4.42 14.98
C LEU B 757 -41.98 -4.24 15.07
N ARG B 758 -41.58 -3.34 15.96
CA ARG B 758 -40.17 -3.05 16.19
C ARG B 758 -39.89 -3.07 17.69
N PRO B 759 -38.66 -3.42 18.09
CA PRO B 759 -38.32 -3.45 19.52
C PRO B 759 -37.84 -2.11 20.07
N TYR B 760 -37.74 -1.06 19.26
CA TYR B 760 -37.19 0.21 19.70
C TYR B 760 -38.09 1.36 19.25
N ALA B 761 -38.04 2.45 20.01
CA ALA B 761 -38.78 3.65 19.69
C ALA B 761 -37.98 4.87 20.14
N LYS B 762 -38.26 6.01 19.52
CA LYS B 762 -37.60 7.26 19.90
C LYS B 762 -38.19 7.78 21.19
N ARG B 763 -37.39 7.82 22.24
CA ARG B 763 -37.89 8.09 23.59
C ARG B 763 -36.99 9.09 24.29
N LYS B 764 -37.49 9.61 25.42
CA LYS B 764 -36.80 10.61 26.22
C LYS B 764 -36.41 10.03 27.57
N ILE B 765 -35.19 10.30 28.01
CA ILE B 765 -34.65 9.74 29.24
C ILE B 765 -33.98 10.83 30.05
N ARG B 766 -33.81 10.57 31.34
CA ARG B 766 -33.13 11.49 32.25
C ARG B 766 -31.82 10.87 32.72
N PRO B 767 -30.68 11.29 32.18
CA PRO B 767 -29.41 10.65 32.56
C PRO B 767 -29.07 10.77 34.04
N SER B 768 -29.51 11.84 34.71
CA SER B 768 -29.10 12.07 36.09
C SER B 768 -29.60 10.95 37.00
N GLU B 769 -30.87 10.58 36.88
CA GLU B 769 -31.44 9.55 37.73
C GLU B 769 -30.77 8.20 37.50
N LEU B 770 -30.55 7.85 36.22
CA LEU B 770 -29.91 6.58 35.91
C LEU B 770 -28.49 6.51 36.46
N LEU B 771 -27.72 7.59 36.27
CA LEU B 771 -26.35 7.61 36.77
C LEU B 771 -26.31 7.54 38.29
N ASN B 772 -27.19 8.28 38.97
CA ASN B 772 -27.21 8.24 40.42
C ASN B 772 -27.59 6.86 40.93
N ARG B 773 -28.57 6.21 40.30
CA ARG B 773 -28.96 4.86 40.71
C ARG B 773 -27.82 3.88 40.52
N ALA B 774 -27.13 3.96 39.38
CA ALA B 774 -26.00 3.07 39.15
C ALA B 774 -24.89 3.29 40.16
N MET B 775 -24.58 4.56 40.46
CA MET B 775 -23.53 4.87 41.42
C MET B 775 -23.88 4.34 42.80
N GLU B 776 -25.14 4.47 43.20
CA GLU B 776 -25.57 3.85 44.46
C GLU B 776 -25.51 2.34 44.39
N ASN B 777 -25.69 1.76 43.19
CA ASN B 777 -25.74 0.31 43.06
C ASN B 777 -24.36 -0.32 43.23
N VAL B 778 -23.34 0.25 42.61
CA VAL B 778 -22.00 -0.36 42.67
C VAL B 778 -21.07 0.38 43.61
N LYS B 779 -21.59 1.36 44.37
CA LYS B 779 -20.80 2.06 45.40
C LYS B 779 -19.54 2.70 44.81
N VAL B 780 -19.65 3.25 43.60
CA VAL B 780 -18.57 3.96 42.95
C VAL B 780 -19.02 5.40 42.75
N TYR B 781 -18.25 6.35 43.28
CA TYR B 781 -18.64 7.75 43.30
C TYR B 781 -17.64 8.70 42.64
N GLY B 782 -16.34 8.41 42.73
CA GLY B 782 -15.33 9.31 42.20
C GLY B 782 -14.96 9.08 40.75
N VAL B 783 -15.83 9.43 39.81
CA VAL B 783 -15.55 9.32 38.38
C VAL B 783 -15.79 10.68 37.75
N ASP B 784 -14.83 11.13 36.93
CA ASP B 784 -14.87 12.44 36.31
C ASP B 784 -15.43 12.43 34.90
N LYS B 785 -15.11 11.43 34.09
CA LYS B 785 -15.58 11.35 32.72
C LYS B 785 -16.10 9.95 32.42
N LEU B 786 -17.14 9.88 31.57
CA LEU B 786 -17.73 8.61 31.17
C LEU B 786 -18.30 8.81 29.77
N LYS B 787 -17.71 8.14 28.79
CA LYS B 787 -18.03 8.37 27.38
C LYS B 787 -18.87 7.23 26.82
N GLY B 788 -19.92 7.59 26.08
CA GLY B 788 -20.78 6.62 25.44
C GLY B 788 -20.79 6.73 23.93
N VAL B 789 -21.94 6.51 23.30
CA VAL B 789 -22.05 6.53 21.84
C VAL B 789 -23.18 7.48 21.44
N MET B 790 -23.07 8.02 20.23
CA MET B 790 -24.11 8.90 19.72
C MET B 790 -25.37 8.14 19.37
N GLY B 791 -25.23 6.97 18.76
CA GLY B 791 -26.36 6.15 18.39
C GLY B 791 -26.02 4.68 18.21
N MET B 792 -26.86 3.80 18.73
CA MET B 792 -26.61 2.38 18.63
C MET B 792 -26.82 1.89 17.20
N THR B 793 -26.06 0.86 16.83
CA THR B 793 -26.10 0.29 15.48
C THR B 793 -26.89 -0.99 15.39
N SER B 794 -26.99 -1.74 16.47
CA SER B 794 -27.71 -3.01 16.46
C SER B 794 -29.20 -2.79 16.21
N GLY B 795 -29.84 -3.81 15.64
CA GLY B 795 -31.28 -3.74 15.43
C GLY B 795 -32.06 -3.72 16.72
N TRP B 796 -31.61 -4.48 17.72
CA TRP B 796 -32.28 -4.48 19.01
C TRP B 796 -32.12 -3.14 19.73
N LYS B 797 -30.97 -2.50 19.58
CA LYS B 797 -30.65 -1.24 20.26
C LYS B 797 -30.77 -1.39 21.78
N MET B 798 -30.28 -2.52 22.29
CA MET B 798 -30.27 -2.77 23.72
C MET B 798 -29.04 -2.11 24.35
N PRO B 799 -29.21 -1.32 25.40
CA PRO B 799 -28.06 -0.65 26.02
C PRO B 799 -27.36 -1.53 27.04
N GLU B 800 -26.06 -1.29 27.18
CA GLU B 800 -25.23 -1.94 28.18
C GLU B 800 -25.49 -1.29 29.55
N PRO B 801 -25.48 -2.07 30.63
CA PRO B 801 -25.67 -1.47 31.96
C PRO B 801 -24.60 -0.45 32.27
N LEU B 802 -25.00 0.63 32.95
CA LEU B 802 -24.10 1.73 33.22
C LEU B 802 -23.06 1.41 34.28
N GLU B 803 -23.33 0.42 35.13
CA GLU B 803 -22.36 0.04 36.15
C GLU B 803 -21.08 -0.50 35.53
N LYS B 804 -21.20 -1.26 34.43
CA LYS B 804 -20.02 -1.73 33.72
C LYS B 804 -19.20 -0.58 33.19
N GLY B 805 -19.87 0.45 32.66
CA GLY B 805 -19.16 1.63 32.22
C GLY B 805 -18.47 2.36 33.36
N LEU B 806 -19.12 2.45 34.51
CA LEU B 806 -18.50 3.09 35.66
C LEU B 806 -17.23 2.35 36.08
N LEU B 807 -17.30 1.03 36.14
CA LEU B 807 -16.12 0.25 36.52
C LEU B 807 -15.01 0.36 35.48
N ARG B 808 -15.38 0.35 34.18
CA ARG B 808 -14.39 0.50 33.13
C ARG B 808 -13.70 1.86 33.21
N ALA B 809 -14.47 2.92 33.49
CA ALA B 809 -13.87 4.25 33.64
C ALA B 809 -12.98 4.32 34.87
N LYS B 810 -13.38 3.65 35.95
CA LYS B 810 -12.56 3.63 37.16
C LYS B 810 -11.23 2.93 36.90
N ASN B 811 -11.24 1.84 36.13
CA ASN B 811 -10.03 1.09 35.86
C ASN B 811 -9.32 1.50 34.56
N ASP B 812 -9.86 2.47 33.83
CA ASP B 812 -9.24 3.03 32.63
C ASP B 812 -9.03 1.95 31.56
N VAL B 813 -10.15 1.40 31.09
CA VAL B 813 -10.16 0.42 30.01
C VAL B 813 -11.26 0.81 29.02
N TYR B 814 -11.18 0.23 27.82
CA TYR B 814 -12.01 0.63 26.69
C TYR B 814 -12.74 -0.58 26.11
N VAL B 815 -13.83 -0.30 25.40
CA VAL B 815 -14.79 -1.32 24.97
C VAL B 815 -14.87 -1.32 23.45
N PHE B 816 -15.05 -2.51 22.88
CA PHE B 816 -15.26 -2.67 21.44
C PHE B 816 -16.75 -2.77 21.13
N LYS B 817 -17.06 -3.10 19.87
CA LYS B 817 -18.46 -3.11 19.42
C LYS B 817 -19.24 -4.23 20.08
N ASP B 818 -18.62 -5.42 20.21
CA ASP B 818 -19.34 -6.56 20.76
C ASP B 818 -19.46 -6.48 22.27
N GLY B 819 -18.51 -5.83 22.93
CA GLY B 819 -18.57 -5.68 24.37
C GLY B 819 -17.32 -6.15 25.08
N THR B 820 -16.25 -6.37 24.32
CA THR B 820 -15.01 -6.91 24.85
C THR B 820 -13.90 -5.87 24.79
N ILE B 821 -12.79 -6.18 25.46
CA ILE B 821 -11.60 -5.34 25.49
C ILE B 821 -10.49 -6.07 24.75
N ARG B 822 -9.84 -5.39 23.80
CA ARG B 822 -8.92 -6.03 22.89
C ARG B 822 -7.57 -5.33 22.88
N PHE B 823 -6.52 -6.12 22.63
CA PHE B 823 -5.15 -5.65 22.51
C PHE B 823 -4.56 -6.17 21.20
N ASP B 824 -3.99 -5.28 20.40
CA ASP B 824 -3.49 -5.61 19.07
C ASP B 824 -1.97 -5.51 19.04
N ALA B 825 -1.33 -6.51 18.42
CA ALA B 825 0.13 -6.54 18.34
C ALA B 825 0.55 -7.31 17.10
N THR B 826 1.78 -7.04 16.67
CA THR B 826 2.38 -7.79 15.57
C THR B 826 2.76 -9.20 16.04
N ASP B 827 2.64 -10.15 15.12
CA ASP B 827 2.85 -11.56 15.44
C ASP B 827 4.12 -12.08 14.79
N ALA B 828 4.93 -12.80 15.56
CA ALA B 828 6.17 -13.41 15.12
C ALA B 828 6.20 -14.86 15.56
N PRO B 829 6.87 -15.74 14.82
CA PRO B 829 6.89 -17.16 15.17
C PRO B 829 7.98 -17.52 16.16
N ILE B 830 7.74 -18.62 16.87
CA ILE B 830 8.70 -19.17 17.83
C ILE B 830 8.40 -20.64 18.02
N THR B 831 9.45 -21.45 18.14
CA THR B 831 9.33 -22.88 18.33
C THR B 831 10.06 -23.40 19.56
N HIS B 832 11.20 -22.82 19.90
CA HIS B 832 11.96 -23.19 21.09
C HIS B 832 12.33 -21.94 21.87
N PHE B 833 12.48 -22.09 23.18
CA PHE B 833 12.77 -20.95 24.05
C PHE B 833 13.66 -21.38 25.21
N ARG B 834 14.24 -20.39 25.89
CA ARG B 834 15.00 -20.60 27.10
C ARG B 834 14.27 -19.94 28.27
N PRO B 835 14.26 -20.57 29.45
CA PRO B 835 13.57 -19.96 30.60
C PRO B 835 14.09 -18.59 30.97
N ARG B 836 15.38 -18.30 30.76
CA ARG B 836 15.93 -17.02 31.16
C ARG B 836 15.43 -15.88 30.28
N GLU B 837 15.08 -16.16 29.03
CA GLU B 837 14.60 -15.11 28.13
C GLU B 837 13.26 -14.56 28.59
N ILE B 838 12.37 -15.42 29.10
CA ILE B 838 11.03 -15.02 29.47
C ILE B 838 10.87 -14.81 30.98
N GLY B 839 11.95 -14.94 31.74
CA GLY B 839 11.92 -14.66 33.17
C GLY B 839 11.04 -15.59 33.98
N VAL B 840 11.15 -16.90 33.76
CA VAL B 840 10.38 -17.90 34.48
C VAL B 840 11.34 -18.93 35.04
N SER B 841 11.16 -19.30 36.31
CA SER B 841 11.98 -20.30 36.97
C SER B 841 11.61 -21.70 36.49
N VAL B 842 12.48 -22.66 36.78
CA VAL B 842 12.24 -24.05 36.39
C VAL B 842 11.09 -24.64 37.20
N GLU B 843 10.94 -24.21 38.46
CA GLU B 843 9.85 -24.74 39.28
C GLU B 843 8.48 -24.39 38.70
N LYS B 844 8.33 -23.15 38.24
CA LYS B 844 7.07 -22.75 37.61
C LYS B 844 6.82 -23.54 36.34
N LEU B 845 7.86 -23.79 35.56
CA LEU B 845 7.71 -24.59 34.34
C LEU B 845 7.28 -26.01 34.67
N ARG B 846 7.86 -26.60 35.73
CA ARG B 846 7.45 -27.93 36.15
C ARG B 846 6.01 -27.94 36.61
N GLU B 847 5.59 -26.87 37.30
CA GLU B 847 4.18 -26.73 37.67
C GLU B 847 3.29 -26.58 36.45
N LEU B 848 3.84 -26.05 35.35
CA LEU B 848 3.09 -25.89 34.12
C LEU B 848 3.10 -27.14 33.23
N GLY B 849 3.88 -28.15 33.59
CA GLY B 849 3.90 -29.41 32.86
C GLY B 849 5.18 -29.71 32.12
N TYR B 850 6.11 -28.76 32.03
CA TYR B 850 7.36 -28.99 31.31
C TYR B 850 8.31 -29.82 32.17
N THR B 851 8.92 -30.85 31.58
CA THR B 851 9.79 -31.75 32.31
C THR B 851 11.12 -32.06 31.62
N HIS B 852 11.23 -31.86 30.31
CA HIS B 852 12.45 -32.22 29.59
C HIS B 852 12.83 -31.11 28.62
N ASP B 853 14.08 -31.16 28.17
CA ASP B 853 14.54 -30.26 27.13
C ASP B 853 14.43 -30.93 25.75
N PHE B 854 14.91 -30.23 24.73
CA PHE B 854 14.65 -30.67 23.36
C PHE B 854 15.56 -31.83 22.96
N GLU B 855 16.63 -32.06 23.72
CA GLU B 855 17.51 -33.20 23.47
C GLU B 855 17.15 -34.43 24.30
N GLY B 856 16.17 -34.34 25.19
CA GLY B 856 15.75 -35.49 25.97
C GLY B 856 16.25 -35.54 27.39
N LYS B 857 16.95 -34.51 27.86
CA LYS B 857 17.48 -34.51 29.22
C LYS B 857 16.56 -33.74 30.16
N PRO B 858 16.62 -34.04 31.45
CA PRO B 858 15.73 -33.36 32.40
C PRO B 858 16.03 -31.87 32.52
N LEU B 859 14.99 -31.12 32.89
CA LEU B 859 15.07 -29.67 33.00
C LEU B 859 15.62 -29.32 34.39
N VAL B 860 16.86 -28.84 34.44
CA VAL B 860 17.47 -28.44 35.70
C VAL B 860 18.09 -27.06 35.67
N SER B 861 18.34 -26.47 34.50
CA SER B 861 19.00 -25.17 34.41
C SER B 861 18.17 -24.22 33.56
N GLU B 862 18.38 -22.93 33.78
CA GLU B 862 17.67 -21.90 33.01
C GLU B 862 18.31 -21.60 31.67
N ASP B 863 19.47 -22.19 31.37
CA ASP B 863 20.12 -21.98 30.09
C ASP B 863 19.78 -23.06 29.06
N GLN B 864 18.96 -24.04 29.42
CA GLN B 864 18.59 -25.09 28.49
C GLN B 864 17.54 -24.60 27.50
N ILE B 865 17.35 -25.37 26.44
CA ILE B 865 16.40 -25.05 25.39
C ILE B 865 15.23 -26.02 25.47
N VAL B 866 14.01 -25.49 25.54
CA VAL B 866 12.81 -26.29 25.73
C VAL B 866 11.89 -26.08 24.53
N GLU B 867 11.31 -27.16 24.04
CA GLU B 867 10.37 -27.08 22.94
C GLU B 867 9.05 -26.47 23.42
N LEU B 868 8.38 -25.74 22.53
CA LEU B 868 7.17 -25.01 22.89
C LEU B 868 5.93 -25.78 22.46
N LYS B 869 4.97 -25.87 23.38
CA LYS B 869 3.73 -26.58 23.12
C LYS B 869 2.79 -25.73 22.26
N PRO B 870 1.87 -26.37 21.53
CA PRO B 870 1.16 -25.65 20.45
C PRO B 870 0.38 -24.43 20.88
N GLN B 871 -0.27 -24.46 22.06
CA GLN B 871 -1.17 -23.40 22.46
C GLN B 871 -0.63 -22.55 23.60
N ASP B 872 0.69 -22.49 23.78
CA ASP B 872 1.29 -21.61 24.77
C ASP B 872 1.90 -20.40 24.06
N ILE B 873 1.66 -19.21 24.63
CA ILE B 873 2.05 -17.96 24.00
C ILE B 873 2.94 -17.17 24.95
N ILE B 874 3.74 -16.28 24.37
CA ILE B 874 4.63 -15.38 25.10
C ILE B 874 4.18 -13.96 24.80
N LEU B 875 3.74 -13.24 25.83
CA LEU B 875 3.21 -11.90 25.67
C LEU B 875 4.32 -10.87 25.81
N SER B 876 3.94 -9.60 25.67
CA SER B 876 4.86 -8.48 25.82
C SER B 876 4.54 -7.69 27.08
N LYS B 877 5.45 -6.79 27.43
CA LYS B 877 5.28 -6.01 28.66
C LYS B 877 4.07 -5.10 28.58
N GLU B 878 3.86 -4.46 27.43
CA GLU B 878 2.69 -3.60 27.25
C GLU B 878 1.40 -4.39 27.38
N ALA B 879 1.37 -5.58 26.79
CA ALA B 879 0.20 -6.43 26.90
C ALA B 879 -0.08 -6.79 28.35
N GLY B 880 0.98 -7.11 29.11
CA GLY B 880 0.79 -7.39 30.52
C GLY B 880 0.27 -6.21 31.30
N ARG B 881 0.79 -5.01 31.00
CA ARG B 881 0.33 -3.81 31.70
C ARG B 881 -1.15 -3.56 31.44
N TYR B 882 -1.60 -3.74 30.19
CA TYR B 882 -3.02 -3.54 29.90
C TYR B 882 -3.89 -4.64 30.50
N LEU B 883 -3.43 -5.90 30.41
CA LEU B 883 -4.22 -7.01 30.91
C LEU B 883 -4.33 -7.02 32.42
N LEU B 884 -3.36 -6.43 33.13
CA LEU B 884 -3.52 -6.27 34.57
C LEU B 884 -4.70 -5.36 34.91
N LYS B 885 -4.84 -4.25 34.18
CA LYS B 885 -6.00 -3.39 34.36
C LYS B 885 -7.29 -4.12 34.03
N VAL B 886 -7.28 -4.90 32.95
CA VAL B 886 -8.49 -5.65 32.58
C VAL B 886 -8.85 -6.67 33.67
N ALA B 887 -7.84 -7.30 34.26
CA ALA B 887 -8.08 -8.26 35.33
C ALA B 887 -8.66 -7.58 36.56
N LYS B 888 -8.14 -6.40 36.91
CA LYS B 888 -8.72 -5.64 38.02
C LYS B 888 -10.17 -5.29 37.74
N PHE B 889 -10.48 -4.89 36.50
CA PHE B 889 -11.86 -4.58 36.13
C PHE B 889 -12.75 -5.80 36.29
N VAL B 890 -12.29 -6.97 35.82
CA VAL B 890 -13.10 -8.19 35.93
C VAL B 890 -13.34 -8.54 37.39
N ASP B 891 -12.31 -8.44 38.22
CA ASP B 891 -12.46 -8.76 39.64
C ASP B 891 -13.44 -7.81 40.31
N ASP B 892 -13.35 -6.52 40.02
CA ASP B 892 -14.29 -5.56 40.59
C ASP B 892 -15.71 -5.85 40.14
N LEU B 893 -15.88 -6.19 38.86
CA LEU B 893 -17.20 -6.53 38.35
C LEU B 893 -17.78 -7.73 39.07
N LEU B 894 -16.98 -8.78 39.24
CA LEU B 894 -17.47 -9.98 39.92
C LEU B 894 -17.80 -9.70 41.38
N GLU B 895 -16.99 -8.89 42.05
CA GLU B 895 -17.21 -8.66 43.48
C GLU B 895 -18.40 -7.76 43.74
N LYS B 896 -18.56 -6.68 42.97
CA LYS B 896 -19.59 -5.69 43.25
C LYS B 896 -20.88 -5.93 42.47
N PHE B 897 -20.79 -6.16 41.16
CA PHE B 897 -21.99 -6.27 40.35
C PHE B 897 -22.71 -7.59 40.58
N TYR B 898 -21.96 -8.69 40.67
CA TYR B 898 -22.55 -10.02 40.75
C TYR B 898 -22.49 -10.65 42.13
N GLY B 899 -21.67 -10.12 43.04
CA GLY B 899 -21.57 -10.71 44.36
C GLY B 899 -20.93 -12.08 44.38
N LEU B 900 -19.82 -12.26 43.66
CA LEU B 900 -19.13 -13.53 43.55
C LEU B 900 -17.66 -13.35 43.92
N PRO B 901 -16.99 -14.43 44.35
CA PRO B 901 -15.58 -14.31 44.72
C PRO B 901 -14.71 -13.94 43.53
N ARG B 902 -13.59 -13.28 43.83
CA ARG B 902 -12.68 -12.85 42.78
C ARG B 902 -11.99 -14.06 42.14
N PHE B 903 -11.47 -13.86 40.94
CA PHE B 903 -10.91 -14.94 40.13
C PHE B 903 -9.42 -14.80 39.90
N TYR B 904 -8.95 -13.63 39.49
CA TYR B 904 -7.54 -13.48 39.12
C TYR B 904 -6.68 -13.19 40.33
N ASN B 905 -7.02 -12.17 41.11
CA ASN B 905 -6.26 -11.76 42.29
C ASN B 905 -4.81 -11.44 41.92
N ALA B 906 -4.65 -10.55 40.94
CA ALA B 906 -3.34 -10.21 40.40
C ALA B 906 -2.89 -8.85 40.88
N GLU B 907 -1.67 -8.79 41.42
CA GLU B 907 -1.05 -7.53 41.80
C GLU B 907 0.04 -7.09 40.84
N LYS B 908 0.62 -8.02 40.10
CA LYS B 908 1.63 -7.72 39.08
C LYS B 908 1.40 -8.63 37.89
N MET B 909 1.96 -8.23 36.74
CA MET B 909 1.71 -8.97 35.50
C MET B 909 2.26 -10.38 35.56
N GLU B 910 3.19 -10.67 36.46
CA GLU B 910 3.71 -12.02 36.59
C GLU B 910 2.70 -12.98 37.20
N ASP B 911 1.59 -12.47 37.73
CA ASP B 911 0.55 -13.30 38.32
C ASP B 911 -0.48 -13.77 37.29
N LEU B 912 -0.33 -13.38 36.03
CA LEU B 912 -1.20 -13.84 34.96
C LEU B 912 -0.66 -15.07 34.24
N ILE B 913 0.45 -15.64 34.73
CA ILE B 913 1.04 -16.81 34.09
C ILE B 913 0.18 -18.02 34.40
N GLY B 914 -0.24 -18.74 33.36
CA GLY B 914 -1.12 -19.88 33.50
C GLY B 914 -2.57 -19.62 33.20
N HIS B 915 -2.92 -18.40 32.81
CA HIS B 915 -4.29 -18.03 32.49
C HIS B 915 -4.52 -18.06 30.98
N LEU B 916 -5.79 -18.00 30.60
CA LEU B 916 -6.22 -18.30 29.25
C LEU B 916 -6.68 -17.03 28.54
N VAL B 917 -6.44 -16.98 27.22
CA VAL B 917 -6.83 -15.87 26.37
C VAL B 917 -7.50 -16.43 25.11
N ILE B 918 -7.98 -15.52 24.26
CA ILE B 918 -8.56 -15.87 22.98
C ILE B 918 -7.85 -15.07 21.89
N GLY B 919 -7.42 -15.74 20.83
CA GLY B 919 -6.84 -15.10 19.67
C GLY B 919 -7.88 -14.94 18.57
N LEU B 920 -7.84 -13.79 17.91
CA LEU B 920 -8.83 -13.46 16.89
C LEU B 920 -8.20 -12.57 15.84
N ALA B 921 -8.56 -12.80 14.58
CA ALA B 921 -8.10 -12.05 13.43
C ALA B 921 -9.22 -11.17 12.89
N PRO B 922 -8.87 -10.01 12.30
CA PRO B 922 -9.92 -9.06 11.88
C PRO B 922 -10.81 -9.57 10.77
N HIS B 923 -10.40 -10.59 10.01
CA HIS B 923 -11.17 -11.06 8.87
C HIS B 923 -11.83 -12.40 9.11
N THR B 924 -11.85 -12.89 10.35
CA THR B 924 -12.43 -14.19 10.67
C THR B 924 -13.46 -14.03 11.77
N SER B 925 -14.17 -15.11 12.05
CA SER B 925 -15.20 -15.15 13.09
C SER B 925 -15.08 -16.43 13.91
N ALA B 926 -13.85 -16.83 14.23
CA ALA B 926 -13.62 -18.00 15.07
C ALA B 926 -12.33 -17.79 15.85
N GLY B 927 -12.34 -18.14 17.14
CA GLY B 927 -11.19 -17.91 17.98
C GLY B 927 -10.51 -19.17 18.47
N ILE B 928 -9.29 -19.02 18.98
CA ILE B 928 -8.51 -20.15 19.51
C ILE B 928 -8.01 -19.77 20.89
N VAL B 929 -7.99 -20.75 21.80
CA VAL B 929 -7.60 -20.54 23.18
C VAL B 929 -6.09 -20.71 23.33
N GLY B 930 -5.46 -19.80 24.07
CA GLY B 930 -4.05 -19.91 24.37
C GLY B 930 -3.80 -19.75 25.86
N ARG B 931 -2.54 -19.96 26.24
CA ARG B 931 -2.11 -19.86 27.63
C ARG B 931 -0.83 -19.06 27.71
N ILE B 932 -0.73 -18.20 28.72
CA ILE B 932 0.43 -17.32 28.91
C ILE B 932 1.48 -18.08 29.71
N ILE B 933 2.74 -17.96 29.31
CA ILE B 933 3.83 -18.63 30.01
C ILE B 933 4.98 -17.67 30.32
N GLY B 934 4.99 -16.50 29.69
CA GLY B 934 6.09 -15.58 29.93
C GLY B 934 5.86 -14.25 29.24
N PHE B 935 6.87 -13.38 29.37
CA PHE B 935 6.82 -12.02 28.85
C PHE B 935 8.17 -11.66 28.22
N VAL B 936 8.13 -10.76 27.24
CA VAL B 936 9.33 -10.22 26.60
C VAL B 936 9.21 -8.71 26.52
N ASP B 937 10.32 -8.05 26.20
CA ASP B 937 10.35 -6.59 26.20
C ASP B 937 10.02 -6.01 24.83
N ALA B 938 10.17 -6.80 23.77
CA ALA B 938 9.91 -6.31 22.42
C ALA B 938 8.41 -6.07 22.21
N LEU B 939 8.10 -5.37 21.12
CA LEU B 939 6.71 -5.06 20.76
C LEU B 939 6.23 -6.04 19.70
N VAL B 940 6.17 -7.32 20.07
CA VAL B 940 5.68 -8.37 19.19
C VAL B 940 4.82 -9.34 19.98
N GLY B 941 4.14 -10.24 19.27
CA GLY B 941 3.44 -11.34 19.91
C GLY B 941 3.98 -12.68 19.44
N TYR B 942 4.64 -13.41 20.35
CA TYR B 942 5.28 -14.67 20.01
C TYR B 942 4.30 -15.82 20.26
N ALA B 943 4.22 -16.73 19.29
CA ALA B 943 3.39 -17.91 19.43
C ALA B 943 3.88 -18.97 18.45
N HIS B 944 3.41 -20.19 18.65
CA HIS B 944 3.75 -21.29 17.76
C HIS B 944 3.22 -20.99 16.35
N PRO B 945 3.92 -21.43 15.31
CA PRO B 945 3.38 -21.25 13.95
C PRO B 945 2.01 -21.89 13.75
N TYR B 946 1.72 -22.99 14.43
CA TYR B 946 0.39 -23.59 14.35
C TYR B 946 -0.66 -22.64 14.91
N PHE B 947 -0.32 -21.88 15.94
CA PHE B 947 -1.25 -20.93 16.54
C PHE B 947 -1.64 -19.85 15.54
N HIS B 948 -0.65 -19.29 14.83
CA HIS B 948 -0.94 -18.25 13.85
C HIS B 948 -1.66 -18.81 12.63
N ALA B 949 -1.29 -20.03 12.22
CA ALA B 949 -1.98 -20.65 11.10
C ALA B 949 -3.44 -20.92 11.41
N ALA B 950 -3.76 -21.15 12.68
CA ALA B 950 -5.14 -21.39 13.07
C ALA B 950 -6.01 -20.14 12.97
N LYS B 951 -5.41 -18.97 12.86
CA LYS B 951 -6.13 -17.74 12.61
C LYS B 951 -6.05 -17.29 11.16
N ARG B 952 -5.52 -18.14 10.29
CA ARG B 952 -5.38 -17.87 8.86
C ARG B 952 -4.53 -16.62 8.61
N ARG B 953 -3.39 -16.55 9.29
CA ARG B 953 -2.45 -15.45 9.12
C ARG B 953 -1.04 -16.01 9.05
N ASN B 954 -0.15 -15.25 8.41
CA ASN B 954 1.28 -15.54 8.39
C ASN B 954 2.05 -14.36 8.96
N CYS B 955 3.34 -14.57 9.19
CA CYS B 955 4.17 -13.60 9.89
C CYS B 955 4.97 -12.76 8.89
N ASP B 956 4.25 -11.86 8.23
CA ASP B 956 4.86 -10.92 7.29
C ASP B 956 4.26 -9.52 7.47
N GLY B 957 3.93 -9.17 8.72
CA GLY B 957 3.36 -7.88 9.01
C GLY B 957 1.91 -7.88 9.42
N ASP B 958 1.32 -9.04 9.68
CA ASP B 958 -0.06 -9.12 10.11
C ASP B 958 -0.20 -8.70 11.57
N GLU B 959 -1.43 -8.31 11.94
CA GLU B 959 -1.73 -7.90 13.30
C GLU B 959 -2.98 -8.64 13.78
N ASP B 960 -2.89 -9.24 14.96
CA ASP B 960 -3.98 -9.99 15.55
C ASP B 960 -4.33 -9.41 16.91
N ALA B 961 -5.30 -10.02 17.57
CA ALA B 961 -5.85 -9.50 18.82
C ALA B 961 -5.90 -10.59 19.89
N VAL B 962 -5.74 -10.16 21.14
CA VAL B 962 -5.83 -11.05 22.29
C VAL B 962 -6.80 -10.43 23.30
N MET B 963 -7.60 -11.29 23.93
CA MET B 963 -8.55 -10.86 24.95
C MET B 963 -8.64 -11.93 26.02
N LEU B 964 -8.95 -11.51 27.24
CA LEU B 964 -9.07 -12.46 28.34
C LEU B 964 -10.35 -13.27 28.19
N LEU B 965 -10.29 -14.54 28.60
CA LEU B 965 -11.39 -15.46 28.34
C LEU B 965 -12.61 -15.13 29.18
N LEU B 966 -12.43 -14.91 30.49
CA LEU B 966 -13.56 -14.66 31.37
C LEU B 966 -14.26 -13.35 31.01
N ASP B 967 -13.51 -12.32 30.64
CA ASP B 967 -14.12 -11.07 30.23
C ASP B 967 -14.99 -11.26 29.00
N ALA B 968 -14.50 -12.02 28.02
CA ALA B 968 -15.29 -12.29 26.83
C ALA B 968 -16.54 -13.10 27.17
N LEU B 969 -16.42 -14.09 28.05
CA LEU B 969 -17.58 -14.90 28.41
C LEU B 969 -18.64 -14.06 29.13
N LEU B 970 -18.22 -13.14 29.99
CA LEU B 970 -19.17 -12.35 30.76
C LEU B 970 -19.80 -11.24 29.92
N ASN B 971 -19.03 -10.61 29.02
CA ASN B 971 -19.48 -9.35 28.46
C ASN B 971 -19.99 -9.48 27.03
N PHE B 972 -19.50 -10.47 26.28
CA PHE B 972 -19.90 -10.61 24.88
C PHE B 972 -21.38 -10.92 24.76
N SER B 973 -22.06 -10.26 23.83
CA SER B 973 -23.45 -10.53 23.53
C SER B 973 -23.70 -10.33 22.04
N ARG B 974 -24.53 -11.21 21.47
CA ARG B 974 -24.87 -11.11 20.05
C ARG B 974 -25.80 -9.92 19.81
N TYR B 975 -26.43 -9.41 20.86
CA TYR B 975 -27.39 -8.32 20.70
C TYR B 975 -26.69 -6.99 20.46
N TYR B 976 -25.38 -6.92 20.75
CA TYR B 976 -24.68 -5.65 20.62
C TYR B 976 -24.09 -5.47 19.23
N LEU B 977 -24.18 -6.50 18.40
CA LEU B 977 -23.47 -6.49 17.13
C LEU B 977 -24.18 -5.59 16.12
N PRO B 978 -23.45 -4.94 15.22
CA PRO B 978 -24.09 -4.12 14.18
C PRO B 978 -24.99 -4.94 13.28
N GLU B 979 -26.07 -4.30 12.81
CA GLU B 979 -27.04 -4.96 11.96
C GLU B 979 -26.54 -5.18 10.54
N LYS B 980 -25.81 -4.20 9.99
CA LYS B 980 -25.39 -4.28 8.61
C LYS B 980 -24.36 -5.38 8.42
N ARG B 981 -24.19 -5.80 7.16
CA ARG B 981 -23.24 -6.86 6.84
C ARG B 981 -21.84 -6.44 7.23
N GLY B 982 -21.11 -7.38 7.83
CA GLY B 982 -19.80 -7.10 8.38
C GLY B 982 -19.76 -6.96 9.89
N GLY B 983 -20.93 -6.94 10.54
CA GLY B 983 -20.96 -6.84 11.99
C GLY B 983 -20.66 -8.12 12.71
N LYS B 984 -20.86 -9.27 12.08
CA LYS B 984 -20.47 -10.55 12.63
C LYS B 984 -19.01 -10.88 12.38
N MET B 985 -18.34 -10.12 11.52
CA MET B 985 -16.92 -10.29 11.28
C MET B 985 -16.13 -9.62 12.40
N ASP B 986 -15.02 -10.26 12.78
CA ASP B 986 -14.24 -9.88 13.96
C ASP B 986 -15.07 -9.98 15.23
N ALA B 987 -15.55 -11.20 15.54
CA ALA B 987 -16.33 -11.46 16.73
C ALA B 987 -16.23 -12.93 17.11
N PRO B 988 -16.07 -13.24 18.40
CA PRO B 988 -15.91 -14.65 18.84
C PRO B 988 -17.22 -15.44 18.82
N LEU B 989 -17.68 -15.78 17.63
CA LEU B 989 -18.91 -16.54 17.51
C LEU B 989 -18.75 -17.98 17.98
N VAL B 990 -17.57 -18.56 17.77
CA VAL B 990 -17.25 -19.88 18.30
C VAL B 990 -15.74 -19.94 18.53
N ILE B 991 -15.34 -20.54 19.64
CA ILE B 991 -13.92 -20.70 19.96
C ILE B 991 -13.56 -22.18 19.86
N THR B 992 -12.28 -22.44 19.67
CA THR B 992 -11.74 -23.77 19.50
C THR B 992 -10.82 -24.12 20.66
N THR B 993 -10.94 -25.33 21.19
CA THR B 993 -10.22 -25.74 22.37
C THR B 993 -9.07 -26.70 22.10
N ARG B 994 -8.96 -27.25 20.89
CA ARG B 994 -7.86 -28.13 20.51
C ARG B 994 -7.30 -27.68 19.16
N LEU B 995 -6.01 -27.92 18.97
CA LEU B 995 -5.32 -27.48 17.77
C LEU B 995 -4.90 -28.70 16.97
N ASP B 996 -5.34 -28.76 15.72
CA ASP B 996 -5.04 -29.87 14.81
C ASP B 996 -4.29 -29.33 13.61
N PRO B 997 -3.03 -29.72 13.39
CA PRO B 997 -2.26 -29.16 12.27
C PRO B 997 -2.84 -29.48 10.90
N ARG B 998 -3.68 -30.49 10.79
CA ARG B 998 -4.23 -30.88 9.50
C ARG B 998 -5.22 -29.87 8.95
N GLU B 999 -5.77 -29.00 9.80
CA GLU B 999 -6.85 -28.11 9.40
C GLU B 999 -6.60 -26.69 9.90
N VAL B 1000 -5.39 -26.19 9.66
CA VAL B 1000 -5.04 -24.82 10.07
C VAL B 1000 -4.80 -23.94 8.86
N ASP B 1001 -3.88 -24.33 7.98
CA ASP B 1001 -3.52 -23.53 6.82
C ASP B 1001 -2.54 -24.33 5.96
N SER B 1002 -2.48 -23.99 4.68
CA SER B 1002 -1.64 -24.74 3.76
C SER B 1002 -0.19 -24.28 3.82
N GLU B 1003 0.04 -23.02 4.20
CA GLU B 1003 1.40 -22.47 4.16
C GLU B 1003 2.31 -23.16 5.17
N VAL B 1004 1.80 -23.52 6.34
CA VAL B 1004 2.64 -24.08 7.39
C VAL B 1004 3.15 -25.45 7.00
N HIS B 1005 2.50 -26.11 6.04
CA HIS B 1005 2.94 -27.43 5.62
C HIS B 1005 4.25 -27.38 4.84
N ASN B 1006 4.62 -26.20 4.33
CA ASN B 1006 5.87 -26.09 3.59
C ASN B 1006 7.06 -25.80 4.50
N MET B 1007 6.80 -25.52 5.78
CA MET B 1007 7.89 -25.19 6.70
C MET B 1007 8.77 -26.40 6.95
N ASP B 1008 10.08 -26.17 7.04
CA ASP B 1008 11.07 -27.23 7.19
C ASP B 1008 11.44 -27.38 8.66
N ILE B 1009 11.66 -28.63 9.08
CA ILE B 1009 11.89 -28.95 10.48
C ILE B 1009 13.15 -29.78 10.69
N VAL B 1010 14.12 -29.69 9.78
CA VAL B 1010 15.35 -30.48 9.90
C VAL B 1010 16.36 -29.72 10.74
N ARG B 1011 17.27 -30.47 11.37
CA ARG B 1011 18.29 -29.84 12.22
C ARG B 1011 19.37 -29.17 11.39
N TYR B 1012 19.80 -29.80 10.29
CA TYR B 1012 20.81 -29.23 9.42
C TYR B 1012 20.60 -29.69 7.99
N TYR B 1013 20.92 -28.81 7.04
CA TYR B 1013 20.76 -29.14 5.63
C TYR B 1013 21.90 -30.04 5.17
N PRO B 1014 21.64 -30.97 4.25
CA PRO B 1014 22.70 -31.88 3.80
C PRO B 1014 23.53 -31.30 2.66
N LEU B 1015 24.53 -32.07 2.24
CA LEU B 1015 25.43 -31.64 1.19
C LEU B 1015 24.74 -31.59 -0.17
N GLU B 1016 23.77 -32.49 -0.39
CA GLU B 1016 23.10 -32.55 -1.69
C GLU B 1016 22.40 -31.23 -2.00
N PHE B 1017 21.79 -30.61 -0.99
CA PHE B 1017 21.16 -29.30 -1.19
C PHE B 1017 22.18 -28.27 -1.67
N TYR B 1018 23.31 -28.17 -0.98
CA TYR B 1018 24.32 -27.16 -1.31
C TYR B 1018 24.90 -27.40 -2.70
N GLU B 1019 25.16 -28.65 -3.05
CA GLU B 1019 25.69 -28.94 -4.37
C GLU B 1019 24.64 -28.73 -5.45
N ALA B 1020 23.36 -28.87 -5.09
CA ALA B 1020 22.30 -28.68 -6.08
C ALA B 1020 21.99 -27.20 -6.27
N THR B 1021 22.45 -26.34 -5.36
CA THR B 1021 22.23 -24.91 -5.55
C THR B 1021 22.96 -24.37 -6.77
N TYR B 1022 24.18 -24.87 -7.05
CA TYR B 1022 24.93 -24.37 -8.20
C TYR B 1022 24.29 -24.75 -9.52
N GLU B 1023 23.41 -25.75 -9.53
CA GLU B 1023 22.75 -26.14 -10.77
C GLU B 1023 21.44 -25.39 -11.00
N LEU B 1024 21.08 -24.46 -10.11
CA LEU B 1024 19.91 -23.60 -10.27
C LEU B 1024 18.64 -24.43 -10.45
N LYS B 1025 18.36 -25.27 -9.47
CA LYS B 1025 17.20 -26.16 -9.50
C LYS B 1025 15.99 -25.48 -8.86
N SER B 1026 14.80 -25.93 -9.28
CA SER B 1026 13.59 -25.51 -8.60
C SER B 1026 13.44 -26.28 -7.29
N PRO B 1027 12.85 -25.66 -6.26
CA PRO B 1027 12.78 -26.33 -4.96
C PRO B 1027 11.96 -27.59 -4.95
N LYS B 1028 11.07 -27.77 -5.93
CA LYS B 1028 10.22 -28.97 -5.94
C LYS B 1028 11.03 -30.24 -6.19
N GLU B 1029 12.24 -30.09 -6.74
CA GLU B 1029 13.08 -31.26 -6.99
C GLU B 1029 13.81 -31.70 -5.73
N LEU B 1030 13.81 -30.87 -4.69
CA LEU B 1030 14.49 -31.18 -3.45
C LEU B 1030 13.55 -31.40 -2.26
N VAL B 1031 12.26 -31.59 -2.52
CA VAL B 1031 11.29 -31.76 -1.43
C VAL B 1031 11.54 -33.07 -0.69
N GLY B 1032 11.96 -34.11 -1.41
CA GLY B 1032 12.19 -35.40 -0.78
C GLY B 1032 13.44 -35.48 0.07
N VAL B 1033 14.32 -34.48 -0.02
CA VAL B 1033 15.58 -34.49 0.73
C VAL B 1033 15.45 -33.80 2.08
N ILE B 1034 14.73 -32.68 2.13
CA ILE B 1034 14.55 -31.92 3.36
C ILE B 1034 13.16 -32.22 3.91
N GLU B 1035 13.11 -32.66 5.16
CA GLU B 1035 11.83 -33.00 5.78
C GLU B 1035 11.02 -31.75 6.05
N ARG B 1036 9.70 -31.85 5.85
CA ARG B 1036 8.78 -30.74 6.07
C ARG B 1036 7.63 -31.21 6.94
N VAL B 1037 6.81 -30.25 7.38
CA VAL B 1037 5.67 -30.53 8.25
C VAL B 1037 4.70 -31.47 7.57
N GLU B 1038 4.54 -31.31 6.25
CA GLU B 1038 3.55 -32.09 5.52
C GLU B 1038 3.81 -33.59 5.61
N ASP B 1039 5.07 -33.99 5.72
CA ASP B 1039 5.40 -35.41 5.78
C ASP B 1039 5.01 -36.06 7.10
N ARG B 1040 4.61 -35.27 8.10
CA ARG B 1040 4.26 -35.78 9.42
C ARG B 1040 2.76 -35.74 9.69
N LEU B 1041 1.95 -35.36 8.70
CA LEU B 1041 0.52 -35.18 8.92
C LEU B 1041 -0.17 -36.53 9.00
N GLY B 1042 -0.98 -36.70 10.06
CA GLY B 1042 -1.65 -37.96 10.30
C GLY B 1042 -1.00 -38.76 11.41
N LYS B 1043 0.33 -38.73 11.47
CA LYS B 1043 1.08 -39.44 12.48
C LYS B 1043 1.06 -38.69 13.80
N PRO B 1044 1.29 -39.38 14.92
CA PRO B 1044 1.40 -38.68 16.21
C PRO B 1044 2.66 -37.86 16.36
N GLU B 1045 3.50 -37.78 15.34
CA GLU B 1045 4.77 -37.06 15.40
C GLU B 1045 4.66 -35.62 14.95
N MET B 1046 3.47 -35.15 14.57
CA MET B 1046 3.31 -33.77 14.13
C MET B 1046 3.18 -32.80 15.30
N TYR B 1047 3.05 -33.30 16.52
CA TYR B 1047 2.92 -32.44 17.70
C TYR B 1047 4.24 -32.16 18.40
N TYR B 1048 5.28 -32.95 18.14
CA TYR B 1048 6.55 -32.79 18.81
C TYR B 1048 7.67 -33.25 17.89
N GLY B 1049 8.89 -32.79 18.19
CA GLY B 1049 10.06 -33.19 17.46
C GLY B 1049 10.56 -32.21 16.42
N LEU B 1050 9.93 -31.05 16.30
CA LEU B 1050 10.40 -30.04 15.36
C LEU B 1050 11.75 -29.49 15.79
N LYS B 1051 12.57 -29.11 14.82
CA LYS B 1051 13.93 -28.66 15.09
C LYS B 1051 14.24 -27.42 14.27
N PHE B 1052 15.43 -26.86 14.53
CA PHE B 1052 15.84 -25.57 13.99
C PHE B 1052 17.30 -25.65 13.57
N THR B 1053 17.74 -24.70 12.73
CA THR B 1053 19.11 -24.73 12.24
C THR B 1053 20.02 -23.79 13.01
N HIS B 1054 19.60 -22.54 13.19
CA HIS B 1054 20.44 -21.50 13.78
C HIS B 1054 19.93 -21.16 15.17
N ASP B 1055 20.86 -21.06 16.12
CA ASP B 1055 20.54 -20.67 17.48
C ASP B 1055 20.65 -19.16 17.65
N THR B 1056 20.14 -18.66 18.77
CA THR B 1056 20.19 -17.25 19.10
C THR B 1056 20.34 -17.10 20.61
N ASP B 1057 21.17 -16.14 21.01
CA ASP B 1057 21.40 -15.92 22.44
C ASP B 1057 20.16 -15.37 23.13
N ASP B 1058 19.53 -14.36 22.52
CA ASP B 1058 18.33 -13.75 23.08
C ASP B 1058 17.40 -13.36 21.94
N ILE B 1059 16.10 -13.53 22.18
CA ILE B 1059 15.11 -13.20 21.16
C ILE B 1059 14.60 -11.77 21.27
N ALA B 1060 14.92 -11.06 22.34
CA ALA B 1060 14.51 -9.68 22.52
C ALA B 1060 15.71 -8.73 22.55
N LEU B 1061 16.86 -9.15 22.04
CA LEU B 1061 18.05 -8.31 22.03
C LEU B 1061 18.03 -7.39 20.81
N GLY B 1062 18.22 -6.10 21.05
CA GLY B 1062 18.19 -5.12 19.99
C GLY B 1062 17.32 -3.93 20.34
N PRO B 1063 17.21 -2.97 19.42
CA PRO B 1063 16.34 -1.81 19.65
C PRO B 1063 14.88 -2.23 19.74
N LYS B 1064 14.13 -1.56 20.62
CA LYS B 1064 12.72 -1.90 20.81
C LYS B 1064 11.82 -1.07 19.92
N MET B 1065 12.05 0.24 19.85
CA MET B 1065 11.20 1.16 19.11
C MET B 1065 11.95 1.74 17.93
N SER B 1066 11.23 1.90 16.81
CA SER B 1066 11.83 2.41 15.58
C SER B 1066 12.04 3.91 15.64
N LEU B 1067 12.97 4.40 14.81
CA LEU B 1067 13.25 5.82 14.73
C LEU B 1067 12.18 6.60 13.99
N TYR B 1068 11.33 5.94 13.21
CA TYR B 1068 10.28 6.62 12.48
C TYR B 1068 9.26 7.26 13.42
N LYS B 1069 9.17 6.80 14.66
CA LYS B 1069 8.18 7.30 15.59
C LYS B 1069 8.65 8.52 16.38
N GLN B 1070 9.94 8.84 16.35
CA GLN B 1070 10.46 10.02 17.04
C GLN B 1070 10.62 11.21 16.12
N LEU B 1071 10.23 11.10 14.85
CA LEU B 1071 10.39 12.18 13.88
C LEU B 1071 9.03 12.76 13.52
N GLY B 1072 8.88 14.07 13.68
CA GLY B 1072 7.63 14.74 13.38
C GLY B 1072 7.60 15.44 12.04
N ASP B 1073 8.66 16.20 11.74
CA ASP B 1073 8.67 17.02 10.55
C ASP B 1073 9.19 16.23 9.35
N MET B 1074 8.69 16.60 8.16
CA MET B 1074 9.09 15.91 6.94
C MET B 1074 10.55 16.17 6.60
N GLU B 1075 11.04 17.38 6.84
CA GLU B 1075 12.42 17.71 6.50
C GLU B 1075 13.40 16.84 7.27
N GLU B 1076 13.16 16.65 8.57
CA GLU B 1076 14.02 15.78 9.36
C GLU B 1076 13.97 14.34 8.86
N LYS B 1077 12.77 13.88 8.50
CA LYS B 1077 12.63 12.55 7.93
C LYS B 1077 13.50 12.38 6.70
N VAL B 1078 13.41 13.33 5.77
CA VAL B 1078 14.15 13.24 4.51
C VAL B 1078 15.66 13.31 4.78
N ARG B 1079 16.07 14.17 5.71
CA ARG B 1079 17.50 14.28 6.01
C ARG B 1079 18.05 12.98 6.58
N ARG B 1080 17.35 12.37 7.54
CA ARG B 1080 17.83 11.11 8.10
C ARG B 1080 17.83 10.00 7.05
N GLN B 1081 16.79 9.96 6.22
CA GLN B 1081 16.72 8.96 5.15
C GLN B 1081 17.91 9.09 4.21
N LEU B 1082 18.24 10.31 3.81
CA LEU B 1082 19.32 10.50 2.85
C LEU B 1082 20.69 10.29 3.49
N GLU B 1083 20.82 10.57 4.79
CA GLU B 1083 22.07 10.23 5.47
C GLU B 1083 22.28 8.72 5.49
N VAL B 1084 21.22 7.97 5.77
CA VAL B 1084 21.32 6.51 5.73
C VAL B 1084 21.66 6.03 4.32
N ALA B 1085 21.05 6.65 3.31
CA ALA B 1085 21.34 6.27 1.93
C ALA B 1085 22.80 6.56 1.58
N LYS B 1086 23.33 7.70 2.03
CA LYS B 1086 24.72 8.04 1.76
C LYS B 1086 25.68 7.06 2.42
N ARG B 1087 25.38 6.65 3.65
CA ARG B 1087 26.33 5.80 4.39
C ARG B 1087 26.49 4.44 3.73
N ILE B 1088 25.41 3.85 3.22
CA ILE B 1088 25.45 2.50 2.68
C ILE B 1088 26.08 2.53 1.29
N ARG B 1089 26.99 1.59 1.03
CA ARG B 1089 27.70 1.56 -0.24
C ARG B 1089 26.82 1.06 -1.38
N ALA B 1090 25.89 0.16 -1.09
CA ALA B 1090 25.06 -0.46 -2.13
C ALA B 1090 23.75 0.29 -2.37
N VAL B 1091 23.71 1.59 -2.09
CA VAL B 1091 22.54 2.42 -2.35
C VAL B 1091 23.00 3.69 -3.04
N ASP B 1092 22.36 4.04 -4.15
CA ASP B 1092 22.64 5.27 -4.88
C ASP B 1092 21.75 6.39 -4.33
N GLU B 1093 22.34 7.33 -3.61
CA GLU B 1093 21.55 8.39 -2.99
C GLU B 1093 20.92 9.30 -4.03
N HIS B 1094 21.57 9.47 -5.18
CA HIS B 1094 20.99 10.29 -6.24
C HIS B 1094 19.70 9.67 -6.78
N GLY B 1095 19.69 8.34 -6.91
CA GLY B 1095 18.47 7.67 -7.34
C GLY B 1095 17.36 7.77 -6.31
N VAL B 1096 17.72 7.70 -5.02
CA VAL B 1096 16.73 7.85 -3.96
C VAL B 1096 16.16 9.26 -3.95
N ALA B 1097 17.01 10.25 -4.25
CA ALA B 1097 16.56 11.63 -4.23
C ALA B 1097 15.44 11.87 -5.24
N GLU B 1098 15.52 11.24 -6.40
CA GLU B 1098 14.50 11.42 -7.43
C GLU B 1098 13.23 10.66 -7.09
N LYS B 1099 13.38 9.48 -6.46
CA LYS B 1099 12.21 8.68 -6.11
C LYS B 1099 11.30 9.41 -5.13
N ILE B 1100 11.88 10.08 -4.14
CA ILE B 1100 11.07 10.82 -3.18
C ILE B 1100 10.30 11.92 -3.89
N LEU B 1101 10.96 12.68 -4.76
CA LEU B 1101 10.30 13.76 -5.46
C LEU B 1101 9.16 13.24 -6.33
N ASN B 1102 9.37 12.11 -7.00
CA ASN B 1102 8.36 11.59 -7.91
C ASN B 1102 7.27 10.78 -7.21
N SER B 1103 7.46 10.40 -5.95
CA SER B 1103 6.50 9.51 -5.33
C SER B 1103 5.81 10.09 -4.10
N HIS B 1104 6.36 11.14 -3.48
CA HIS B 1104 5.79 11.63 -2.24
C HIS B 1104 5.64 13.15 -2.15
N LEU B 1105 6.36 13.93 -2.96
CA LEU B 1105 6.37 15.37 -2.76
C LEU B 1105 5.67 16.14 -3.87
N ILE B 1106 6.07 15.93 -5.12
CA ILE B 1106 5.39 16.60 -6.24
C ILE B 1106 3.90 16.28 -6.29
N PRO B 1107 3.46 15.01 -6.16
CA PRO B 1107 2.02 14.75 -6.18
C PRO B 1107 1.23 15.54 -5.16
N ASP B 1108 1.75 15.67 -3.94
CA ASP B 1108 1.03 16.39 -2.90
C ASP B 1108 0.96 17.89 -3.22
N LEU B 1109 2.08 18.46 -3.66
CA LEU B 1109 2.11 19.87 -4.02
C LEU B 1109 1.09 20.16 -5.11
N ARG B 1110 1.10 19.36 -6.17
CA ARG B 1110 0.20 19.60 -7.29
C ARG B 1110 -1.26 19.37 -6.90
N GLY B 1111 -1.52 18.32 -6.10
CA GLY B 1111 -2.89 18.07 -5.68
C GLY B 1111 -3.45 19.18 -4.81
N ASN B 1112 -2.65 19.69 -3.87
CA ASN B 1112 -3.12 20.79 -3.04
C ASN B 1112 -3.31 22.07 -3.85
N LEU B 1113 -2.39 22.35 -4.77
CA LEU B 1113 -2.53 23.54 -5.61
C LEU B 1113 -3.79 23.44 -6.47
N ARG B 1114 -4.12 22.24 -6.93
CA ARG B 1114 -5.34 22.05 -7.71
C ARG B 1114 -6.59 22.16 -6.83
N SER B 1115 -6.53 21.65 -5.61
CA SER B 1115 -7.70 21.65 -4.73
C SER B 1115 -7.95 22.98 -4.04
N PHE B 1116 -6.98 23.89 -4.03
CA PHE B 1116 -7.18 25.18 -3.38
C PHE B 1116 -8.29 25.98 -4.06
N THR B 1117 -8.33 25.96 -5.38
CA THR B 1117 -9.25 26.79 -6.15
C THR B 1117 -10.63 26.16 -6.30
N ARG B 1118 -10.86 24.99 -5.71
CA ARG B 1118 -12.14 24.32 -5.82
C ARG B 1118 -12.55 23.72 -4.48
N GLN B 1119 -12.38 24.50 -3.41
CA GLN B 1119 -12.58 24.01 -2.05
C GLN B 1119 -13.95 24.42 -1.53
N GLU B 1120 -14.25 24.01 -0.30
CA GLU B 1120 -15.45 24.39 0.42
C GLU B 1120 -15.08 25.25 1.61
N PHE B 1121 -16.09 25.86 2.22
CA PHE B 1121 -15.90 26.77 3.33
C PHE B 1121 -16.76 26.31 4.50
N ARG B 1122 -16.29 26.58 5.72
CA ARG B 1122 -16.88 26.03 6.92
C ARG B 1122 -17.05 27.12 7.97
N CYS B 1123 -18.11 26.99 8.78
CA CYS B 1123 -18.30 27.83 9.94
C CYS B 1123 -17.70 27.17 11.18
N VAL B 1124 -17.32 28.00 12.14
CA VAL B 1124 -16.61 27.50 13.31
C VAL B 1124 -17.57 27.00 14.39
N LYS B 1125 -18.65 27.74 14.66
CA LYS B 1125 -19.60 27.31 15.68
C LYS B 1125 -20.39 26.10 15.23
N CYS B 1126 -21.11 26.22 14.12
CA CYS B 1126 -21.75 25.07 13.50
C CYS B 1126 -20.70 24.33 12.67
N ASN B 1127 -21.15 23.44 11.78
CA ASN B 1127 -20.24 22.80 10.84
C ASN B 1127 -20.80 22.83 9.43
N THR B 1128 -21.52 23.89 9.09
CA THR B 1128 -22.14 23.99 7.79
C THR B 1128 -21.08 24.16 6.69
N LYS B 1129 -21.30 23.51 5.56
CA LYS B 1129 -20.41 23.59 4.42
C LYS B 1129 -21.05 24.43 3.32
N PHE B 1130 -20.27 25.34 2.74
CA PHE B 1130 -20.72 26.20 1.66
C PHE B 1130 -19.82 26.01 0.44
N ARG B 1131 -20.42 25.93 -0.74
CA ARG B 1131 -19.64 25.75 -1.96
C ARG B 1131 -19.06 27.06 -2.47
N ARG B 1132 -19.54 28.20 -1.98
CA ARG B 1132 -18.95 29.50 -2.27
C ARG B 1132 -19.00 30.35 -1.02
N PRO B 1133 -18.06 31.26 -0.83
CA PRO B 1133 -18.00 32.05 0.40
C PRO B 1133 -19.25 32.90 0.57
N PRO B 1134 -19.74 33.04 1.79
CA PRO B 1134 -20.83 33.98 2.03
C PRO B 1134 -20.40 35.41 1.73
N LEU B 1135 -21.33 36.19 1.17
CA LEU B 1135 -21.01 37.55 0.76
C LEU B 1135 -20.67 38.44 1.94
N ASN B 1136 -21.46 38.35 3.02
CA ASN B 1136 -21.25 39.22 4.17
C ASN B 1136 -20.02 38.83 4.99
N GLY B 1137 -19.42 37.68 4.72
CA GLY B 1137 -18.28 37.22 5.49
C GLY B 1137 -18.61 36.53 6.80
N LYS B 1138 -19.89 36.23 7.04
CA LYS B 1138 -20.32 35.58 8.27
C LYS B 1138 -21.26 34.45 7.94
N CYS B 1139 -21.52 33.60 8.93
CA CYS B 1139 -22.43 32.47 8.73
C CYS B 1139 -23.86 32.96 8.65
N PRO B 1140 -24.64 32.52 7.65
CA PRO B 1140 -26.03 33.01 7.54
C PRO B 1140 -26.88 32.67 8.75
N VAL B 1141 -26.65 31.54 9.40
CA VAL B 1141 -27.47 31.12 10.54
C VAL B 1141 -26.76 31.49 11.83
N CYS B 1142 -25.55 30.95 12.04
CA CYS B 1142 -24.82 31.21 13.27
C CYS B 1142 -24.46 32.68 13.40
N GLY B 1143 -23.99 33.30 12.31
CA GLY B 1143 -23.32 34.57 12.41
C GLY B 1143 -21.86 34.46 12.76
N GLY B 1144 -21.33 33.24 12.87
CA GLY B 1144 -19.96 33.03 13.26
C GLY B 1144 -18.99 33.14 12.10
N LYS B 1145 -17.72 32.92 12.40
CA LYS B 1145 -16.64 33.11 11.44
C LYS B 1145 -16.60 31.99 10.43
N ILE B 1146 -16.24 32.33 9.19
CA ILE B 1146 -16.09 31.37 8.10
C ILE B 1146 -14.60 31.18 7.85
N VAL B 1147 -14.17 29.92 7.79
CA VAL B 1147 -12.75 29.58 7.65
C VAL B 1147 -12.57 28.65 6.46
N LEU B 1148 -11.34 28.62 5.95
CA LEU B 1148 -11.00 27.82 4.79
C LEU B 1148 -10.91 26.34 5.15
N THR B 1149 -10.99 25.50 4.11
CA THR B 1149 -10.77 24.07 4.24
C THR B 1149 -9.35 23.67 3.83
N VAL B 1150 -8.88 24.17 2.70
CA VAL B 1150 -7.50 23.97 2.26
C VAL B 1150 -6.79 25.31 2.37
N SER B 1151 -5.74 25.35 3.18
CA SER B 1151 -5.06 26.59 3.53
C SER B 1151 -3.74 26.69 2.80
N LYS B 1152 -3.13 27.88 2.90
CA LYS B 1152 -1.85 28.13 2.24
C LYS B 1152 -0.75 27.26 2.85
N GLY B 1153 -0.87 26.93 4.14
CA GLY B 1153 0.14 26.09 4.77
C GLY B 1153 0.21 24.71 4.15
N ALA B 1154 -0.93 24.20 3.68
CA ALA B 1154 -0.95 22.88 3.05
C ALA B 1154 -0.16 22.88 1.75
N ILE B 1155 -0.22 23.97 0.99
CA ILE B 1155 0.46 24.00 -0.31
C ILE B 1155 1.97 24.05 -0.13
N GLU B 1156 2.45 24.84 0.82
CA GLU B 1156 3.87 25.18 0.94
C GLU B 1156 4.61 24.35 1.98
N LYS B 1157 3.98 23.30 2.50
CA LYS B 1157 4.61 22.55 3.60
C LYS B 1157 5.81 21.75 3.11
N TYR B 1158 5.84 21.39 1.82
CA TYR B 1158 6.89 20.53 1.29
C TYR B 1158 7.83 21.24 0.32
N LEU B 1159 7.76 22.57 0.21
CA LEU B 1159 8.52 23.26 -0.84
C LEU B 1159 10.00 23.33 -0.50
N GLY B 1160 10.34 23.62 0.76
CA GLY B 1160 11.74 23.75 1.13
C GLY B 1160 12.51 22.45 0.97
N THR B 1161 11.90 21.33 1.35
CA THR B 1161 12.57 20.04 1.20
C THR B 1161 12.82 19.72 -0.27
N ALA B 1162 11.84 20.00 -1.14
CA ALA B 1162 12.03 19.77 -2.56
C ALA B 1162 13.14 20.65 -3.12
N LYS B 1163 13.18 21.91 -2.70
CA LYS B 1163 14.26 22.80 -3.15
C LYS B 1163 15.62 22.28 -2.71
N MET B 1164 15.71 21.79 -1.46
CA MET B 1164 16.96 21.22 -0.98
C MET B 1164 17.38 20.01 -1.80
N LEU B 1165 16.42 19.12 -2.10
CA LEU B 1165 16.75 17.92 -2.88
C LEU B 1165 17.23 18.31 -4.28
N VAL B 1166 16.61 19.31 -4.88
CA VAL B 1166 17.01 19.75 -6.21
C VAL B 1166 18.40 20.37 -6.18
N THR B 1167 18.69 21.18 -5.16
CA THR B 1167 19.94 21.92 -5.17
C THR B 1167 21.13 21.04 -4.79
N GLU B 1168 20.94 20.03 -3.95
CA GLU B 1168 22.09 19.23 -3.55
C GLU B 1168 22.36 18.06 -4.47
N TYR B 1169 21.40 17.18 -4.67
CA TYR B 1169 21.63 15.94 -5.38
C TYR B 1169 21.40 16.10 -6.88
N ASN B 1170 22.06 15.24 -7.66
CA ASN B 1170 22.08 15.33 -9.11
C ASN B 1170 20.85 14.64 -9.68
N VAL B 1171 19.81 15.42 -9.97
CA VAL B 1171 18.55 14.91 -10.47
C VAL B 1171 18.39 15.31 -11.94
N LYS B 1172 17.32 14.82 -12.55
CA LYS B 1172 17.08 15.08 -13.95
C LYS B 1172 16.55 16.49 -14.17
N ASN B 1173 16.67 16.97 -15.41
CA ASN B 1173 16.26 18.34 -15.72
C ASN B 1173 14.75 18.51 -15.60
N TYR B 1174 13.99 17.48 -15.98
CA TYR B 1174 12.53 17.51 -15.88
C TYR B 1174 12.09 17.87 -14.47
N THR B 1175 12.67 17.22 -13.46
CA THR B 1175 12.27 17.46 -12.08
C THR B 1175 12.66 18.87 -11.63
N ARG B 1176 13.86 19.32 -11.99
CA ARG B 1176 14.27 20.68 -11.65
C ARG B 1176 13.29 21.70 -12.17
N GLN B 1177 12.96 21.61 -13.46
CA GLN B 1177 12.06 22.57 -14.06
C GLN B 1177 10.66 22.49 -13.46
N ARG B 1178 10.18 21.28 -13.15
CA ARG B 1178 8.87 21.16 -12.53
C ARG B 1178 8.83 21.83 -11.16
N ILE B 1179 9.88 21.63 -10.34
CA ILE B 1179 9.89 22.23 -9.01
C ILE B 1179 9.99 23.75 -9.10
N CYS B 1180 10.84 24.25 -10.00
CA CYS B 1180 10.97 25.70 -10.14
C CYS B 1180 9.67 26.32 -10.62
N LEU B 1181 8.99 25.66 -11.56
CA LEU B 1181 7.70 26.16 -12.02
C LEU B 1181 6.66 26.11 -10.91
N THR B 1182 6.71 25.08 -10.05
CA THR B 1182 5.79 25.01 -8.93
C THR B 1182 6.00 26.18 -7.96
N GLU B 1183 7.25 26.51 -7.68
CA GLU B 1183 7.54 27.69 -6.87
C GLU B 1183 6.97 28.95 -7.51
N ARG B 1184 7.22 29.14 -8.81
CA ARG B 1184 6.72 30.33 -9.50
C ARG B 1184 5.19 30.37 -9.48
N ASP B 1185 4.54 29.22 -9.58
CA ASP B 1185 3.09 29.18 -9.59
C ASP B 1185 2.50 29.49 -8.22
N ILE B 1186 3.10 28.96 -7.16
CA ILE B 1186 2.62 29.29 -5.82
C ILE B 1186 2.79 30.77 -5.54
N ASP B 1187 3.93 31.35 -5.94
CA ASP B 1187 4.13 32.78 -5.72
C ASP B 1187 3.16 33.62 -6.53
N SER B 1188 2.89 33.23 -7.77
CA SER B 1188 2.10 34.07 -8.67
C SER B 1188 0.61 34.06 -8.29
N LEU B 1189 0.13 32.94 -7.76
CA LEU B 1189 -1.29 32.83 -7.43
C LEU B 1189 -1.71 33.83 -6.35
N PHE B 1190 -0.78 34.24 -5.50
CA PHE B 1190 -1.08 35.08 -4.36
C PHE B 1190 -0.50 36.49 -4.50
N GLU B 1191 -0.38 37.00 -5.71
CA GLU B 1191 0.23 38.31 -5.92
C GLU B 1191 -0.72 39.42 -5.49
N ASN B 1192 -2.00 39.29 -5.82
CA ASN B 1192 -2.95 40.37 -5.55
C ASN B 1192 -3.35 40.43 -4.08
N VAL B 1193 -3.42 39.28 -3.41
CA VAL B 1193 -3.82 39.25 -2.01
C VAL B 1193 -2.72 39.84 -1.13
N PHE B 1194 -1.47 39.46 -1.38
CA PHE B 1194 -0.32 39.91 -0.60
C PHE B 1194 0.67 40.60 -1.53
N PRO B 1195 0.54 41.93 -1.71
CA PRO B 1195 1.42 42.67 -2.61
C PRO B 1195 2.81 42.88 -2.03
N PRO B 1205 20.89 35.36 -5.77
CA PRO B 1205 22.16 35.00 -5.16
C PRO B 1205 22.37 33.49 -5.07
N ASN B 1206 23.23 32.97 -5.96
CA ASN B 1206 23.66 31.56 -6.01
C ASN B 1206 22.53 30.59 -5.69
N ASP B 1207 21.34 30.87 -6.19
CA ASP B 1207 20.18 30.04 -5.98
C ASP B 1207 19.95 29.16 -7.20
N ILE B 1208 19.32 28.01 -6.97
CA ILE B 1208 19.16 27.03 -8.05
C ILE B 1208 18.28 27.60 -9.16
N CYS B 1209 17.18 28.25 -8.79
CA CYS B 1209 16.30 28.83 -9.80
C CYS B 1209 16.99 29.94 -10.58
N GLN B 1210 17.69 30.83 -9.88
CA GLN B 1210 18.37 31.93 -10.55
C GLN B 1210 19.47 31.44 -11.47
N ARG B 1211 20.28 30.46 -11.03
CA ARG B 1211 21.31 29.92 -11.90
C ARG B 1211 20.70 29.21 -13.09
N LEU B 1212 19.61 28.48 -12.88
CA LEU B 1212 18.96 27.77 -13.98
C LEU B 1212 18.42 28.75 -15.03
N VAL B 1213 17.82 29.85 -14.59
CA VAL B 1213 17.27 30.82 -15.54
C VAL B 1213 18.30 31.78 -16.08
N MET B 1214 19.48 31.86 -15.46
CA MET B 1214 20.55 32.72 -15.96
C MET B 1214 21.47 32.01 -16.93
N ALA B 1215 21.63 30.69 -16.78
CA ALA B 1215 22.44 29.95 -17.73
C ALA B 1215 21.84 29.99 -19.13
N ARG B 1216 20.52 29.91 -19.23
CA ARG B 1216 19.85 29.93 -20.53
C ARG B 1216 19.27 31.31 -20.83
N GLU C 70 60.06 -63.21 3.00
CA GLU C 70 59.11 -62.80 1.97
C GLU C 70 57.94 -62.03 2.59
N LEU C 71 57.63 -62.35 3.85
CA LEU C 71 56.59 -61.63 4.55
C LEU C 71 56.93 -60.15 4.68
N LEU C 72 58.21 -59.82 4.82
CA LEU C 72 58.62 -58.42 4.81
C LEU C 72 58.31 -57.77 3.48
N GLU C 73 58.55 -58.48 2.37
CA GLU C 73 58.23 -57.93 1.06
C GLU C 73 56.73 -57.71 0.91
N LYS C 74 55.92 -58.66 1.38
CA LYS C 74 54.47 -58.47 1.34
C LYS C 74 54.05 -57.27 2.18
N ALA C 75 54.65 -57.11 3.35
CA ALA C 75 54.32 -55.96 4.19
C ALA C 75 54.69 -54.65 3.49
N LYS C 76 55.84 -54.63 2.82
CA LYS C 76 56.24 -53.43 2.08
C LYS C 76 55.24 -53.13 0.99
N GLU C 77 54.79 -54.17 0.27
CA GLU C 77 53.79 -53.97 -0.77
C GLU C 77 52.49 -53.42 -0.20
N ASP C 78 52.04 -53.94 0.94
CA ASP C 78 50.83 -53.43 1.56
C ASP C 78 50.98 -51.97 1.97
N ILE C 79 52.13 -51.62 2.56
CA ILE C 79 52.37 -50.23 2.96
C ILE C 79 52.33 -49.31 1.75
N LEU C 80 52.92 -49.76 0.64
CA LEU C 80 52.85 -48.98 -0.59
C LEU C 80 51.41 -48.83 -1.07
N ASN C 81 50.63 -49.91 -0.98
CA ASN C 81 49.25 -49.86 -1.45
C ASN C 81 48.41 -48.88 -0.64
N ILE C 82 48.63 -48.83 0.67
CA ILE C 82 47.83 -47.96 1.53
C ILE C 82 47.98 -46.50 1.10
N LEU C 83 49.21 -46.06 0.84
CA LEU C 83 49.45 -44.65 0.58
C LEU C 83 48.99 -44.24 -0.81
N ARG C 84 48.99 -45.17 -1.77
CA ARG C 84 48.61 -44.82 -3.13
C ARG C 84 47.11 -44.53 -3.23
N GLN C 85 46.29 -45.28 -2.50
CA GLN C 85 44.85 -45.13 -2.62
C GLN C 85 44.40 -43.76 -2.11
N LYS C 86 45.03 -43.25 -1.07
CA LYS C 86 44.70 -41.96 -0.48
C LYS C 86 45.89 -41.03 -0.65
N ARG C 87 45.77 -40.06 -1.55
CA ARG C 87 46.88 -39.17 -1.91
C ARG C 87 46.93 -38.02 -0.91
N THR C 88 47.46 -38.30 0.27
CA THR C 88 47.66 -37.31 1.31
C THR C 88 48.59 -37.88 2.36
N ALA C 89 49.03 -37.03 3.28
CA ALA C 89 49.85 -37.48 4.40
C ALA C 89 49.02 -38.35 5.33
N ILE C 90 49.63 -39.45 5.80
CA ILE C 90 48.94 -40.45 6.60
C ILE C 90 49.70 -40.64 7.91
N SER C 91 48.97 -40.64 9.02
CA SER C 91 49.59 -40.82 10.33
C SER C 91 50.07 -42.25 10.51
N ARG C 92 51.02 -42.43 11.43
CA ARG C 92 51.58 -43.75 11.66
C ARG C 92 50.60 -44.65 12.41
N LYS C 93 49.80 -44.08 13.31
CA LYS C 93 48.87 -44.88 14.09
C LYS C 93 47.86 -45.57 13.20
N TYR C 94 47.38 -44.89 12.16
CA TYR C 94 46.44 -45.51 11.23
C TYR C 94 47.07 -46.70 10.54
N ILE C 95 48.32 -46.57 10.11
CA ILE C 95 49.01 -47.67 9.44
C ILE C 95 49.16 -48.85 10.39
N LEU C 96 49.57 -48.58 11.63
CA LEU C 96 49.74 -49.65 12.60
C LEU C 96 48.41 -50.38 12.85
N LYS C 97 47.32 -49.61 12.99
CA LYS C 97 46.04 -50.25 13.26
C LYS C 97 45.55 -51.06 12.07
N LYS C 98 45.65 -50.50 10.86
CA LYS C 98 45.16 -51.21 9.68
C LYS C 98 45.96 -52.48 9.43
N LEU C 99 47.29 -52.41 9.54
CA LEU C 99 48.09 -53.62 9.35
C LEU C 99 47.83 -54.61 10.48
N GLY C 100 47.89 -54.13 11.73
CA GLY C 100 47.28 -54.84 12.84
C GLY C 100 47.80 -56.25 13.03
N ASP C 101 46.87 -57.20 13.17
CA ASP C 101 47.24 -58.57 13.51
C ASP C 101 47.96 -59.27 12.36
N LYS C 102 47.84 -58.73 11.15
CA LYS C 102 48.45 -59.39 9.99
C LYS C 102 49.97 -59.43 10.11
N TYR C 103 50.56 -58.37 10.64
CA TYR C 103 52.00 -58.32 10.87
C TYR C 103 52.28 -57.63 12.20
N ASP C 104 53.23 -58.18 12.95
CA ASP C 104 53.55 -57.60 14.25
C ASP C 104 54.27 -56.26 14.09
N GLU C 105 54.35 -55.51 15.19
CA GLU C 105 54.83 -54.14 15.14
C GLU C 105 56.28 -54.06 14.68
N GLU C 106 57.10 -55.02 15.08
CA GLU C 106 58.51 -55.00 14.68
C GLU C 106 58.66 -55.07 13.18
N THR C 107 57.89 -55.95 12.53
CA THR C 107 57.93 -56.04 11.08
C THR C 107 57.41 -54.76 10.43
N ILE C 108 56.41 -54.12 11.04
CA ILE C 108 55.90 -52.87 10.49
C ILE C 108 56.98 -51.80 10.51
N ASP C 109 57.68 -51.69 11.64
CA ASP C 109 58.76 -50.71 11.73
C ASP C 109 59.89 -51.04 10.77
N ASP C 110 60.19 -52.33 10.61
CA ASP C 110 61.24 -52.73 9.67
C ASP C 110 60.87 -52.35 8.24
N ALA C 111 59.61 -52.60 7.87
CA ALA C 111 59.17 -52.20 6.54
C ALA C 111 59.26 -50.70 6.37
N ILE C 112 58.85 -49.94 7.38
CA ILE C 112 58.89 -48.48 7.26
C ILE C 112 60.32 -48.00 7.06
N THR C 113 61.26 -48.54 7.84
CA THR C 113 62.64 -48.05 7.73
C THR C 113 63.27 -48.47 6.40
N GLU C 114 62.94 -49.66 5.90
CA GLU C 114 63.44 -50.04 4.58
C GLU C 114 62.86 -49.15 3.50
N LEU C 115 61.58 -48.80 3.59
CA LEU C 115 60.99 -47.90 2.59
C LEU C 115 61.63 -46.52 2.64
N LEU C 116 61.89 -46.00 3.84
CA LEU C 116 62.52 -44.68 3.91
C LEU C 116 63.97 -44.74 3.42
N ALA C 117 64.64 -45.87 3.64
CA ALA C 117 66.01 -46.03 3.11
C ALA C 117 66.01 -46.08 1.60
N GLN C 118 65.03 -46.78 1.00
CA GLN C 118 64.96 -46.86 -0.45
C GLN C 118 64.62 -45.50 -1.07
N GLY C 119 63.81 -44.71 -0.38
CA GLY C 119 63.41 -43.42 -0.88
C GLY C 119 62.06 -43.37 -1.58
N GLU C 120 61.27 -44.43 -1.47
CA GLU C 120 59.94 -44.42 -2.11
C GLU C 120 59.01 -43.43 -1.42
N ILE C 121 59.11 -43.32 -0.09
CA ILE C 121 58.25 -42.43 0.69
C ILE C 121 59.13 -41.54 1.56
N TYR C 122 58.57 -40.40 1.96
CA TYR C 122 59.24 -39.45 2.82
C TYR C 122 58.28 -38.93 3.87
N GLU C 123 58.84 -38.46 4.98
CA GLU C 123 58.05 -37.95 6.10
C GLU C 123 58.11 -36.44 6.15
N PRO C 124 56.99 -35.73 5.97
CA PRO C 124 57.02 -34.28 6.19
C PRO C 124 57.16 -33.91 7.66
N GLU C 125 56.42 -34.58 8.54
CA GLU C 125 56.51 -34.35 9.97
C GLU C 125 56.69 -35.68 10.68
N THR C 126 57.02 -35.61 11.97
CA THR C 126 57.18 -36.81 12.76
C THR C 126 55.84 -37.52 12.93
N GLY C 127 55.82 -38.81 12.62
CA GLY C 127 54.62 -39.60 12.68
C GLY C 127 53.73 -39.52 11.46
N TYR C 128 54.12 -38.75 10.44
CA TYR C 128 53.35 -38.61 9.21
C TYR C 128 54.23 -39.02 8.04
N TYR C 129 53.65 -39.79 7.11
CA TYR C 129 54.37 -40.27 5.94
C TYR C 129 53.55 -40.02 4.69
N LYS C 130 54.22 -39.83 3.56
CA LYS C 130 53.56 -39.60 2.29
C LYS C 130 54.40 -40.19 1.16
N LEU C 131 53.74 -40.42 0.02
CA LEU C 131 54.41 -40.97 -1.14
C LEU C 131 55.39 -39.96 -1.73
N LEU C 132 56.50 -40.47 -2.25
CA LEU C 132 57.50 -39.61 -2.87
C LEU C 132 57.85 -40.11 -4.27
FE FE D . -4.92 22.14 -26.09
ZN ZN E . -41.39 -4.36 39.58
ZN ZN F . -50.49 -0.58 15.10
ZN ZN G . -22.45 28.64 11.44
#